data_3BBK
# 
_entry.id   3BBK 
# 
_audit_conform.dict_name       mmcif_pdbx.dic 
_audit_conform.dict_version    5.377 
_audit_conform.dict_location   http://mmcif.pdb.org/dictionaries/ascii/mmcif_pdbx.dic 
# 
loop_
_database_2.database_id 
_database_2.database_code 
_database_2.pdbx_database_accession 
_database_2.pdbx_DOI 
PDB   3BBK         pdb_00003bbk 10.2210/pdb3bbk/pdb 
NDB   UR0135       ?            ?                   
RCSB  RCSB045319   ?            ?                   
WWPDB D_1000045319 ?            ?                   
# 
loop_
_pdbx_database_related.db_name 
_pdbx_database_related.db_id 
_pdbx_database_related.details 
_pdbx_database_related.content_type 
PDB 2P7F 
;The Novel Use of a 2',5'-Phosphodiester Linkage as a Reaction Intermediate at the Active Site of a Small Ribozyme
;
unspecified 
PDB 3B58 .                                                                                                                   
unspecified 
PDB 3B5A .                                                                                                                   
unspecified 
PDB 3B5F .                                                                                                                   
unspecified 
PDB 3B5S .                                                                                                                   
unspecified 
PDB 3B91 .                                                                                                                   
unspecified 
PDB 3BBI .                                                                                                                   
unspecified 
PDB 3BBM .                                                                                                                   
unspecified 
# 
_pdbx_database_status.entry_id                        3BBK 
_pdbx_database_status.status_code                     REL 
_pdbx_database_status.status_code_sf                  REL 
_pdbx_database_status.deposit_site                    RCSB 
_pdbx_database_status.process_site                    RCSB 
_pdbx_database_status.recvd_initial_deposition_date   2007-11-09 
_pdbx_database_status.SG_entry                        N 
_pdbx_database_status.status_code_mr                  ? 
_pdbx_database_status.pdb_format_compatible           Y 
_pdbx_database_status.status_code_cs                  ? 
_pdbx_database_status.methods_development_category    ? 
_pdbx_database_status.status_code_nmr_data            ? 
# 
loop_
_audit_author.name 
_audit_author.pdbx_ordinal 
'MacElrevey, C.' 1 
'Krucinska, J.'  2 
'Wedekind, J.E.' 3 
# 
_citation.id                        primary 
_citation.title                     
'Structural effects of nucleobase variations at key active site residue Ade38 in the hairpin ribozyme.' 
_citation.journal_abbrev            Rna 
_citation.journal_volume            14 
_citation.page_first                1600 
_citation.page_last                 1616 
_citation.year                      2008 
_citation.journal_id_ASTM           RNARFU 
_citation.country                   UK 
_citation.journal_id_ISSN           1355-8382 
_citation.journal_id_CSD            2122 
_citation.book_publisher            ? 
_citation.pdbx_database_id_PubMed   18596253 
_citation.pdbx_database_id_DOI      10.1261/rna.1055308 
# 
loop_
_citation_author.citation_id 
_citation_author.name 
_citation_author.ordinal 
_citation_author.identifier_ORCID 
primary 'MacElrevey, C.' 1 ? 
primary 'Salter, J.D.'   2 ? 
primary 'Krucinska, J.'  3 ? 
primary 'Wedekind, J.E.' 4 ? 
# 
_cell.entry_id           3BBK 
_cell.length_a           93.520 
_cell.length_b           93.520 
_cell.length_c           133.970 
_cell.angle_alpha        90.00 
_cell.angle_beta         90.00 
_cell.angle_gamma        120.00 
_cell.Z_PDB              12 
_cell.pdbx_unique_axis   ? 
_cell.length_a_esd       ? 
_cell.length_b_esd       ? 
_cell.length_c_esd       ? 
_cell.angle_alpha_esd    ? 
_cell.angle_beta_esd     ? 
_cell.angle_gamma_esd    ? 
# 
_symmetry.entry_id                         3BBK 
_symmetry.space_group_name_H-M             'P 61 2 2' 
_symmetry.pdbx_full_space_group_name_H-M   ? 
_symmetry.Int_Tables_number                178 
_symmetry.cell_setting                     ? 
_symmetry.space_group_name_Hall            ? 
# 
loop_
_entity.id 
_entity.type 
_entity.src_method 
_entity.pdbx_description 
_entity.formula_weight 
_entity.pdbx_number_of_molecules 
_entity.pdbx_ec 
_entity.pdbx_mutation 
_entity.pdbx_fragment 
_entity.details 
1 polymer     syn 'Loop A Substrate strand'           4052.470 1 ? ?            ? 
;2'5' phosphodiester linkage between A6 and G7
;
2 polymer     syn 'Loop A and Loop B Ribozyme strand' 9762.989 1 ? ?            ? 
'Synthetic polyethylene glycol linker at hinge position 14' 
3 polymer     syn 'Loop B S-turn strand'              5967.544 1 ? 'A38G, U39C' ? ? 
4 non-polymer syn 'SULFATE ION'                       96.063   1 ? ?            ? ? 
5 non-polymer syn 'COBALT HEXAMMINE(III)'             161.116  3 ? ?            ? ? 
6 water       nat water                               18.015   4 ? ?            ? ? 
# 
loop_
_entity_poly.entity_id 
_entity_poly.type 
_entity_poly.nstd_linkage 
_entity_poly.nstd_monomer 
_entity_poly.pdbx_seq_one_letter_code 
_entity_poly.pdbx_seq_one_letter_code_can 
_entity_poly.pdbx_strand_id 
_entity_poly.pdbx_target_identifier 
1 polyribonucleotide no no  UCCCAGUCCACCG                        UCCCAGUCCACCG                  A ? 
2 polyribonucleotide no yes 'CGGUGAGAAGGG(S9L)GGCAGAGAAACACACGA' CGGUGAGAAGGGXGGCAGAGAAACACACGA B ? 
3 polyribonucleotide no no  UCGUGGUCCAUUACCUGCC                  UCGUGGUCCAUUACCUGCC            C ? 
# 
loop_
_entity_poly_seq.entity_id 
_entity_poly_seq.num 
_entity_poly_seq.mon_id 
_entity_poly_seq.hetero 
1 1  U   n 
1 2  C   n 
1 3  C   n 
1 4  C   n 
1 5  A   n 
1 6  G   n 
1 7  U   n 
1 8  C   n 
1 9  C   n 
1 10 A   n 
1 11 C   n 
1 12 C   n 
1 13 G   n 
2 1  C   n 
2 2  G   n 
2 3  G   n 
2 4  U   n 
2 5  G   n 
2 6  A   n 
2 7  G   n 
2 8  A   n 
2 9  A   n 
2 10 G   n 
2 11 G   n 
2 12 G   n 
2 13 S9L n 
2 14 G   n 
2 15 G   n 
2 16 C   n 
2 17 A   n 
2 18 G   n 
2 19 A   n 
2 20 G   n 
2 21 A   n 
2 22 A   n 
2 23 A   n 
2 24 C   n 
2 25 A   n 
2 26 C   n 
2 27 A   n 
2 28 C   n 
2 29 G   n 
2 30 A   n 
3 1  U   n 
3 2  C   n 
3 3  G   n 
3 4  U   n 
3 5  G   n 
3 6  G   n 
3 7  U   n 
3 8  C   n 
3 9  C   n 
3 10 A   n 
3 11 U   n 
3 12 U   n 
3 13 A   n 
3 14 C   n 
3 15 C   n 
3 16 U   n 
3 17 G   n 
3 18 C   n 
3 19 C   n 
# 
loop_
_pdbx_entity_src_syn.entity_id 
_pdbx_entity_src_syn.pdbx_src_id 
_pdbx_entity_src_syn.pdbx_alt_source_flag 
_pdbx_entity_src_syn.pdbx_beg_seq_num 
_pdbx_entity_src_syn.pdbx_end_seq_num 
_pdbx_entity_src_syn.organism_scientific 
_pdbx_entity_src_syn.organism_common_name 
_pdbx_entity_src_syn.ncbi_taxonomy_id 
_pdbx_entity_src_syn.details 
1 1 sample ? ? ? ? ? 'solid-phase synthesis at Keck Institute, Yale'         
2 1 sample ? ? ? ? ? 'solid phase chemical synthesis at Dharmacon, Colorado' 
3 1 sample ? ? ? ? ? 'solid phase chemical synthesis at Dharmacon, Colorado' 
# 
loop_
_struct_ref.id 
_struct_ref.entity_id 
_struct_ref.db_name 
_struct_ref.db_code 
_struct_ref.pdbx_db_accession 
_struct_ref.pdbx_align_begin 
_struct_ref.pdbx_seq_one_letter_code 
_struct_ref.pdbx_db_isoform 
1 1 PDB 3BBK 3BBK 1 UCCCAGUCCACCG                        ? 
2 2 PDB 3BBK 3BBK 1 'CGGUGAGAAGGG(S9L)GGCAGAGAAACACACGA' ? 
3 3 PDB 3BBK 3BBK 1 UCGUGGUCCAUUACCUGCC                  ? 
# 
loop_
_struct_ref_seq.align_id 
_struct_ref_seq.ref_id 
_struct_ref_seq.pdbx_PDB_id_code 
_struct_ref_seq.pdbx_strand_id 
_struct_ref_seq.seq_align_beg 
_struct_ref_seq.pdbx_seq_align_beg_ins_code 
_struct_ref_seq.seq_align_end 
_struct_ref_seq.pdbx_seq_align_end_ins_code 
_struct_ref_seq.pdbx_db_accession 
_struct_ref_seq.db_align_beg 
_struct_ref_seq.pdbx_db_align_beg_ins_code 
_struct_ref_seq.db_align_end 
_struct_ref_seq.pdbx_db_align_end_ins_code 
_struct_ref_seq.pdbx_auth_seq_align_beg 
_struct_ref_seq.pdbx_auth_seq_align_end 
1 1 3BBK A 1 ? 13 ? 3BBK 1  ? 13 ? 1  13 
2 2 3BBK B 1 ? 30 ? 3BBK 2  ? 31 ? 2  31 
3 3 3BBK C 1 ? 19 ? 3BBK 31 ? 49 ? 31 49 
# 
loop_
_chem_comp.id 
_chem_comp.type 
_chem_comp.mon_nstd_flag 
_chem_comp.name 
_chem_comp.pdbx_synonyms 
_chem_comp.formula 
_chem_comp.formula_weight 
A   'RNA linking' y "ADENOSINE-5'-MONOPHOSPHATE"                              ? 'C10 H14 N5 O7 P' 347.221 
C   'RNA linking' y "CYTIDINE-5'-MONOPHOSPHATE"                               ? 'C9 H14 N3 O8 P'  323.197 
G   'RNA linking' y "GUANOSINE-5'-MONOPHOSPHATE"                              ? 'C10 H14 N5 O8 P' 363.221 
HOH non-polymer   . WATER                                                     ? 'H2 O'            18.015  
NCO non-polymer   . 'COBALT HEXAMMINE(III)'                                   ? 'Co H18 N6 3'     161.116 
S9L non-polymer   . '2-[2-(2-HYDROXYETHOXY)ETHOXY]ETHYL DIHYDROGEN PHOSPHATE' ? 'C6 H15 O7 P'     230.153 
SO4 non-polymer   . 'SULFATE ION'                                             ? 'O4 S -2'         96.063  
U   'RNA linking' y "URIDINE-5'-MONOPHOSPHATE"                                ? 'C9 H13 N2 O9 P'  324.181 
# 
_exptl.entry_id          3BBK 
_exptl.method            'X-RAY DIFFRACTION' 
_exptl.crystals_number   1 
# 
_exptl_crystal.id                    1 
_exptl_crystal.density_meas          ? 
_exptl_crystal.density_Matthews      4.27 
_exptl_crystal.density_percent_sol   78 
_exptl_crystal.description           ? 
_exptl_crystal.F_000                 ? 
_exptl_crystal.preparation           ? 
# 
_exptl_crystal_grow.crystal_id      1 
_exptl_crystal_grow.method          'VAPOR DIFFUSION, HANGING DROP' 
_exptl_crystal_grow.temp            293 
_exptl_crystal_grow.pH              7.8 
_exptl_crystal_grow.pdbx_details    
;PEG 2K MME, lithium sulfate, sodium cacodylate, spermidine, cobalt hexaammine, pH 7.8, VAPOR DIFFUSION, HANGING DROP, temperature 293K
;
_exptl_crystal_grow.temp_details    ? 
_exptl_crystal_grow.pdbx_pH_range   . 
# 
loop_
_exptl_crystal_grow_comp.crystal_id 
_exptl_crystal_grow_comp.id 
_exptl_crystal_grow_comp.sol_id 
_exptl_crystal_grow_comp.name 
_exptl_crystal_grow_comp.conc 
_exptl_crystal_grow_comp.volume 
_exptl_crystal_grow_comp.details 
1 1 1 'PEG 2K MME'        ? ? ? 
1 2 1 Li2SO4              ? ? ? 
1 3 1 'sodium cacodylate' ? ? ? 
1 4 1 spermidine          ? ? ? 
1 5 1 'cobalt hexaammine' ? ? ? 
1 6 2 'PEG 2K MME'        ? ? ? 
1 7 2 Li2SO4              ? ? ? 
1 8 2 'sodium cacodylate' ? ? ? 
1 9 2 spermidine          ? ? ? 
# 
_diffrn.id                     1 
_diffrn.ambient_temp           100 
_diffrn.ambient_temp_details   ? 
_diffrn.crystal_id             1 
# 
_diffrn_detector.diffrn_id              1 
_diffrn_detector.detector               CCD 
_diffrn_detector.type                   'ADSC QUANTUM 270' 
_diffrn_detector.pdbx_collection_date   2007-05-10 
_diffrn_detector.details                
'BENT TRIANGULAR ASYMMETRIC CUT SI(111) MONOCHROMATOR (PROVIDES HORIZONTAL FOCUSING), RH-COATED SI MIRROR FOR VERTICAL FOCUSING' 
# 
_diffrn_radiation.diffrn_id                        1 
_diffrn_radiation.wavelength_id                    1 
_diffrn_radiation.pdbx_monochromatic_or_laue_m_l   M 
_diffrn_radiation.monochromator                    'horizontal bent Si (111) asymmetrically cut w/ water cooled Cu block' 
_diffrn_radiation.pdbx_diffrn_protocol             'SINGLE WAVELENGTH' 
_diffrn_radiation.pdbx_scattering_type             x-ray 
# 
_diffrn_radiation_wavelength.id           1 
_diffrn_radiation_wavelength.wavelength   0.918 
_diffrn_radiation_wavelength.wt           1.0 
# 
_diffrn_source.diffrn_id                   1 
_diffrn_source.source                      SYNCHROTRON 
_diffrn_source.type                        'CHESS BEAMLINE F1' 
_diffrn_source.pdbx_synchrotron_site       CHESS 
_diffrn_source.pdbx_synchrotron_beamline   F1 
_diffrn_source.pdbx_wavelength             ? 
_diffrn_source.pdbx_wavelength_list        0.918 
# 
_reflns.entry_id                     3BBK 
_reflns.observed_criterion_sigma_I   ? 
_reflns.observed_criterion_sigma_F   ? 
_reflns.d_resolution_low             30.95 
_reflns.d_resolution_high            2.75 
_reflns.number_obs                   9471 
_reflns.number_all                   9511 
_reflns.percent_possible_obs         99.6 
_reflns.pdbx_Rmerge_I_obs            ? 
_reflns.pdbx_Rsym_value              0.051 
_reflns.pdbx_netI_over_sigmaI        34.4 
_reflns.B_iso_Wilson_estimate        71.7 
_reflns.pdbx_redundancy              13.8 
_reflns.R_free_details               ? 
_reflns.pdbx_chi_squared             ? 
_reflns.pdbx_scaling_rejects         ? 
_reflns.pdbx_diffrn_id               1 
_reflns.pdbx_ordinal                 1 
# 
_reflns_shell.d_res_high             2.75 
_reflns_shell.d_res_low              2.85 
_reflns_shell.percent_possible_all   99.9 
_reflns_shell.Rmerge_I_obs           ? 
_reflns_shell.pdbx_Rsym_value        0.491 
_reflns_shell.meanI_over_sigI_obs    4.0 
_reflns_shell.pdbx_redundancy        10.5 
_reflns_shell.percent_possible_obs   ? 
_reflns_shell.number_unique_all      920 
_reflns_shell.number_measured_all    ? 
_reflns_shell.number_measured_obs    ? 
_reflns_shell.number_unique_obs      ? 
_reflns_shell.pdbx_chi_squared       ? 
_reflns_shell.pdbx_diffrn_id         ? 
_reflns_shell.pdbx_ordinal           1 
# 
_refine.entry_id                                 3BBK 
_refine.ls_number_reflns_obs                     9443 
_refine.ls_number_reflns_all                     ? 
_refine.pdbx_ls_sigma_I                          ? 
_refine.pdbx_ls_sigma_F                          -3.0 
_refine.pdbx_data_cutoff_high_absF               634893.16 
_refine.pdbx_data_cutoff_low_absF                0.000000 
_refine.pdbx_data_cutoff_high_rms_absF           ? 
_refine.ls_d_res_low                             30.00 
_refine.ls_d_res_high                            2.75 
_refine.ls_percent_reflns_obs                    99.2 
_refine.ls_R_factor_obs                          0.197 
_refine.ls_R_factor_all                          ? 
_refine.ls_R_factor_R_work                       0.195 
_refine.ls_R_factor_R_free                       0.221 
_refine.ls_R_factor_R_free_error                 0.008 
_refine.ls_R_factor_R_free_error_details         ? 
_refine.ls_percent_reflns_R_free                 9.1 
_refine.ls_number_reflns_R_free                  859 
_refine.ls_number_parameters                     ? 
_refine.ls_number_restraints                     ? 
_refine.occupancy_min                            ? 
_refine.occupancy_max                            ? 
_refine.correlation_coeff_Fo_to_Fc               ? 
_refine.correlation_coeff_Fo_to_Fc_free          ? 
_refine.B_iso_mean                               89.7 
_refine.aniso_B[1][1]                            -5.58 
_refine.aniso_B[2][2]                            -5.58 
_refine.aniso_B[3][3]                            11.17 
_refine.aniso_B[1][2]                            -3.72 
_refine.aniso_B[1][3]                            0.00 
_refine.aniso_B[2][3]                            0.00 
_refine.solvent_model_details                    'FLAT MODEL' 
_refine.solvent_model_param_ksol                 0.32 
_refine.solvent_model_param_bsol                 60 
_refine.pdbx_solvent_vdw_probe_radii             ? 
_refine.pdbx_solvent_ion_probe_radii             ? 
_refine.pdbx_solvent_shrinkage_radii             ? 
_refine.pdbx_ls_cross_valid_method               THROUGHOUT 
_refine.details                                  'Alternate conformation at chain A residue 1' 
_refine.pdbx_starting_model                      2P7F 
_refine.pdbx_method_to_determine_struct          'FOURIER SYNTHESIS' 
_refine.pdbx_isotropic_thermal_model             RESTRAINED 
_refine.pdbx_stereochemistry_target_values       'Engh & Huber' 
_refine.pdbx_stereochem_target_val_spec_case     ? 
_refine.pdbx_R_Free_selection_details            RANDOM 
_refine.pdbx_overall_ESU_R                       ? 
_refine.pdbx_overall_ESU_R_Free                  ? 
_refine.overall_SU_ML                            ? 
_refine.overall_SU_B                             ? 
_refine.ls_redundancy_reflns_obs                 ? 
_refine.overall_SU_R_Cruickshank_DPI             ? 
_refine.overall_SU_R_free                        ? 
_refine.ls_wR_factor_R_free                      ? 
_refine.ls_wR_factor_R_work                      ? 
_refine.overall_FOM_free_R_set                   ? 
_refine.overall_FOM_work_R_set                   ? 
_refine.pdbx_overall_phase_error                 ? 
_refine.pdbx_refine_id                           'X-RAY DIFFRACTION' 
_refine.pdbx_diffrn_id                           1 
_refine.pdbx_TLS_residual_ADP_flag               ? 
_refine.pdbx_overall_SU_R_free_Cruickshank_DPI   ? 
_refine.pdbx_overall_SU_R_Blow_DPI               ? 
_refine.pdbx_overall_SU_R_free_Blow_DPI          ? 
# 
_refine_analyze.entry_id                        3BBK 
_refine_analyze.Luzzati_coordinate_error_obs    0.46 
_refine_analyze.Luzzati_sigma_a_obs             0.52 
_refine_analyze.Luzzati_d_res_low_obs           30.95 
_refine_analyze.Luzzati_coordinate_error_free   0.48 
_refine_analyze.Luzzati_sigma_a_free            0.51 
_refine_analyze.Luzzati_d_res_low_free          ? 
_refine_analyze.number_disordered_residues      ? 
_refine_analyze.occupancy_sum_hydrogen          ? 
_refine_analyze.occupancy_sum_non_hydrogen      ? 
_refine_analyze.pdbx_refine_id                  'X-RAY DIFFRACTION' 
# 
_refine_hist.pdbx_refine_id                   'X-RAY DIFFRACTION' 
_refine_hist.cycle_id                         LAST 
_refine_hist.pdbx_number_atoms_protein        0 
_refine_hist.pdbx_number_atoms_nucleic_acid   1324 
_refine_hist.pdbx_number_atoms_ligand         26 
_refine_hist.number_atoms_solvent             4 
_refine_hist.number_atoms_total               1354 
_refine_hist.d_res_high                       2.75 
_refine_hist.d_res_low                        30.00 
# 
loop_
_refine_ls_restr.type 
_refine_ls_restr.dev_ideal 
_refine_ls_restr.dev_ideal_target 
_refine_ls_restr.weight 
_refine_ls_restr.number 
_refine_ls_restr.pdbx_refine_id 
_refine_ls_restr.pdbx_restraint_function 
c_bond_d           0.009 ? ? ? 'X-RAY DIFFRACTION' ? 
c_angle_deg        1.5   ? ? ? 'X-RAY DIFFRACTION' ? 
c_dihedral_angle_d 16.5  ? ? ? 'X-RAY DIFFRACTION' ? 
c_improper_angle_d 1.83  ? ? ? 'X-RAY DIFFRACTION' ? 
# 
_refine_ls_shell.pdbx_total_number_of_bins_used   4 
_refine_ls_shell.d_res_high                       2.75 
_refine_ls_shell.d_res_low                        3.03 
_refine_ls_shell.number_reflns_R_work             2097 
_refine_ls_shell.R_factor_R_work                  0.501 
_refine_ls_shell.percent_reflns_obs               99.6 
_refine_ls_shell.R_factor_R_free                  0.514 
_refine_ls_shell.R_factor_R_free_error            0.036 
_refine_ls_shell.percent_reflns_R_free            8.7 
_refine_ls_shell.number_reflns_R_free             200 
_refine_ls_shell.number_reflns_all                ? 
_refine_ls_shell.R_factor_all                     ? 
_refine_ls_shell.number_reflns_obs                2297 
_refine_ls_shell.redundancy_reflns_obs            ? 
_refine_ls_shell.pdbx_refine_id                   'X-RAY DIFFRACTION' 
# 
loop_
_pdbx_xplor_file.serial_no 
_pdbx_xplor_file.param_file 
_pdbx_xplor_file.topol_file 
_pdbx_xplor_file.pdbx_refine_id 
1 water_rep.param dna-rna0107.top 'X-RAY DIFFRACTION' 
2 dna-rna0107.par water.top       'X-RAY DIFFRACTION' 
3 cobalt.par      cobalt.top      'X-RAY DIFFRACTION' 
4 ion.param       ion.top         'X-RAY DIFFRACTION' 
# 
_struct.entry_id                  3BBK 
_struct.title                     
;Miminally Junctioned Hairpin Ribozyme Incorporates A38C and 2'5'-phosphodiester Linkage within Active Site
;
_struct.pdbx_model_details        ? 
_struct.pdbx_CASP_flag            N 
_struct.pdbx_model_type_details   ? 
# 
_struct_keywords.entry_id        3BBK 
_struct_keywords.pdbx_keywords   RNA 
_struct_keywords.text            
;hairpin ribozyme, RNA, phosphoryl transfer, A38C, 2'5'-phosphodiester, reverse linkage
;
# 
loop_
_struct_asym.id 
_struct_asym.pdbx_blank_PDB_chainid_flag 
_struct_asym.pdbx_modified 
_struct_asym.entity_id 
_struct_asym.details 
A N N 1 ? 
B N N 2 ? 
C N N 3 ? 
D N N 4 ? 
E N N 5 ? 
F N N 5 ? 
G N N 5 ? 
H N N 6 ? 
I N N 6 ? 
J N N 6 ? 
# 
_struct_biol.id        1 
_struct_biol.details   ? 
# 
loop_
_struct_conn.id 
_struct_conn.conn_type_id 
_struct_conn.pdbx_leaving_atom_flag 
_struct_conn.pdbx_PDB_id 
_struct_conn.ptnr1_label_asym_id 
_struct_conn.ptnr1_label_comp_id 
_struct_conn.ptnr1_label_seq_id 
_struct_conn.ptnr1_label_atom_id 
_struct_conn.pdbx_ptnr1_label_alt_id 
_struct_conn.pdbx_ptnr1_PDB_ins_code 
_struct_conn.pdbx_ptnr1_standard_comp_id 
_struct_conn.ptnr1_symmetry 
_struct_conn.ptnr2_label_asym_id 
_struct_conn.ptnr2_label_comp_id 
_struct_conn.ptnr2_label_seq_id 
_struct_conn.ptnr2_label_atom_id 
_struct_conn.pdbx_ptnr2_label_alt_id 
_struct_conn.pdbx_ptnr2_PDB_ins_code 
_struct_conn.ptnr1_auth_asym_id 
_struct_conn.ptnr1_auth_comp_id 
_struct_conn.ptnr1_auth_seq_id 
_struct_conn.ptnr2_auth_asym_id 
_struct_conn.ptnr2_auth_comp_id 
_struct_conn.ptnr2_auth_seq_id 
_struct_conn.ptnr2_symmetry 
_struct_conn.pdbx_ptnr3_label_atom_id 
_struct_conn.pdbx_ptnr3_label_seq_id 
_struct_conn.pdbx_ptnr3_label_comp_id 
_struct_conn.pdbx_ptnr3_label_asym_id 
_struct_conn.pdbx_ptnr3_label_alt_id 
_struct_conn.pdbx_ptnr3_PDB_ins_code 
_struct_conn.details 
_struct_conn.pdbx_dist_value 
_struct_conn.pdbx_value_order 
_struct_conn.pdbx_role 
covale1  covale one  ? A A   5  "O2'" ? ? ? 1_555 A G   6  P  ? ? A A   5  A G   6  1_555 ? ? ? ? ? ? ?                    1.621 ? 
? 
covale2  covale both ? B G   12 "O3'" ? ? ? 1_555 B S9L 13 P  ? ? B G   13 B S9L 14 1_555 ? ? ? ? ? ? ?                    1.601 ? 
? 
covale3  covale both ? B S9L 13 "O3'" ? ? ? 1_555 B G   14 P  ? ? B S9L 14 B G   15 1_555 ? ? ? ? ? ? ?                    1.610 ? 
? 
hydrog1  hydrog ?    ? A C   2  N3    ? ? ? 1_555 B G   12 N1 ? ? A C   2  B G   13 1_555 ? ? ? ? ? ? WATSON-CRICK         ?     ? 
? 
hydrog2  hydrog ?    ? A C   2  N4    ? ? ? 1_555 B G   12 O6 ? ? A C   2  B G   13 1_555 ? ? ? ? ? ? WATSON-CRICK         ?     ? 
? 
hydrog3  hydrog ?    ? A C   2  O2    ? ? ? 1_555 B G   12 N2 ? ? A C   2  B G   13 1_555 ? ? ? ? ? ? WATSON-CRICK         ?     ? 
? 
hydrog4  hydrog ?    ? A C   3  N3    ? ? ? 1_555 B G   11 N1 ? ? A C   3  B G   12 1_555 ? ? ? ? ? ? WATSON-CRICK         ?     ? 
? 
hydrog5  hydrog ?    ? A C   3  N4    ? ? ? 1_555 B G   11 O6 ? ? A C   3  B G   12 1_555 ? ? ? ? ? ? WATSON-CRICK         ?     ? 
? 
hydrog6  hydrog ?    ? A C   3  O2    ? ? ? 1_555 B G   11 N2 ? ? A C   3  B G   12 1_555 ? ? ? ? ? ? WATSON-CRICK         ?     ? 
? 
hydrog7  hydrog ?    ? A C   4  N3    ? ? ? 1_555 B G   10 N1 ? ? A C   4  B G   11 1_555 ? ? ? ? ? ? WATSON-CRICK         ?     ? 
? 
hydrog8  hydrog ?    ? A C   4  N4    ? ? ? 1_555 B G   10 O6 ? ? A C   4  B G   11 1_555 ? ? ? ? ? ? WATSON-CRICK         ?     ? 
? 
hydrog9  hydrog ?    ? A C   4  O2    ? ? ? 1_555 B G   10 N2 ? ? A C   4  B G   11 1_555 ? ? ? ? ? ? WATSON-CRICK         ?     ? 
? 
hydrog10 hydrog ?    ? A A   5  N3    ? ? ? 1_555 B A   8  N6 ? ? A A   5  B A   9  1_555 ? ? ? ? ? ? 'A-A MISPAIR'        ?     ? 
? 
hydrog11 hydrog ?    ? A A   5  N3    ? ? ? 1_555 B A   9  N6 ? ? A A   5  B A   10 1_555 ? ? ? ? ? ? 'A-A MISPAIR'        ?     ? 
? 
hydrog12 hydrog ?    ? A G   6  N1    ? ? ? 1_555 B C   24 N3 ? ? A G   6  B C   25 1_555 ? ? ? ? ? ? WATSON-CRICK         ?     ? 
? 
hydrog13 hydrog ?    ? A G   6  N2    ? ? ? 1_555 B C   24 O2 ? ? A G   6  B C   25 1_555 ? ? ? ? ? ? WATSON-CRICK         ?     ? 
? 
hydrog14 hydrog ?    ? A G   6  O6    ? ? ? 1_555 B C   24 N4 ? ? A G   6  B C   25 1_555 ? ? ? ? ? ? WATSON-CRICK         ?     ? 
? 
hydrog15 hydrog ?    ? A U   7  O4    ? ? ? 1_555 B G   7  N2 ? ? A U   7  B G   8  1_555 ? ? ? ? ? ? 'U-G MISPAIR'        ?     ? 
? 
hydrog16 hydrog ?    ? A C   8  N4    ? ? ? 1_555 B A   6  N1 ? ? A C   8  B A   7  1_555 ? ? ? ? ? ? 'C-A MISPAIR'        ?     ? 
? 
hydrog17 hydrog ?    ? A C   9  N3    ? ? ? 1_555 B G   5  N1 ? ? A C   9  B G   6  1_555 ? ? ? ? ? ? WATSON-CRICK         ?     ? 
? 
hydrog18 hydrog ?    ? A C   9  N4    ? ? ? 1_555 B G   5  O6 ? ? A C   9  B G   6  1_555 ? ? ? ? ? ? WATSON-CRICK         ?     ? 
? 
hydrog19 hydrog ?    ? A C   9  O2    ? ? ? 1_555 B G   5  N2 ? ? A C   9  B G   6  1_555 ? ? ? ? ? ? WATSON-CRICK         ?     ? 
? 
hydrog20 hydrog ?    ? A A   10 N1    ? ? ? 1_555 B U   4  N3 ? ? A A   10 B U   5  1_555 ? ? ? ? ? ? WATSON-CRICK         ?     ? 
? 
hydrog21 hydrog ?    ? A A   10 N6    ? ? ? 1_555 B U   4  O4 ? ? A A   10 B U   5  1_555 ? ? ? ? ? ? WATSON-CRICK         ?     ? 
? 
hydrog22 hydrog ?    ? A C   11 N3    ? ? ? 1_555 B G   3  N1 ? ? A C   11 B G   4  1_555 ? ? ? ? ? ? WATSON-CRICK         ?     ? 
? 
hydrog23 hydrog ?    ? A C   11 N4    ? ? ? 1_555 B G   3  O6 ? ? A C   11 B G   4  1_555 ? ? ? ? ? ? WATSON-CRICK         ?     ? 
? 
hydrog24 hydrog ?    ? A C   11 O2    ? ? ? 1_555 B G   3  N2 ? ? A C   11 B G   4  1_555 ? ? ? ? ? ? WATSON-CRICK         ?     ? 
? 
hydrog25 hydrog ?    ? A C   12 N3    ? ? ? 1_555 B G   2  N1 ? ? A C   12 B G   3  1_555 ? ? ? ? ? ? WATSON-CRICK         ?     ? 
? 
hydrog26 hydrog ?    ? A C   12 N4    ? ? ? 1_555 B G   2  O6 ? ? A C   12 B G   3  1_555 ? ? ? ? ? ? WATSON-CRICK         ?     ? 
? 
hydrog27 hydrog ?    ? A C   12 O2    ? ? ? 1_555 B G   2  N2 ? ? A C   12 B G   3  1_555 ? ? ? ? ? ? WATSON-CRICK         ?     ? 
? 
hydrog28 hydrog ?    ? A G   13 N1    ? ? ? 1_555 B C   1  N3 ? ? A G   13 B C   2  1_555 ? ? ? ? ? ? WATSON-CRICK         ?     ? 
? 
hydrog29 hydrog ?    ? A G   13 N2    ? ? ? 1_555 B C   1  O2 ? ? A G   13 B C   2  1_555 ? ? ? ? ? ? WATSON-CRICK         ?     ? 
? 
hydrog30 hydrog ?    ? A G   13 O6    ? ? ? 1_555 B C   1  N4 ? ? A G   13 B C   2  1_555 ? ? ? ? ? ? WATSON-CRICK         ?     ? 
? 
hydrog31 hydrog ?    ? B G   14 N1    ? ? ? 1_555 C C   19 N3 ? ? B G   15 C C   49 1_555 ? ? ? ? ? ? WATSON-CRICK         ?     ? 
? 
hydrog32 hydrog ?    ? B G   14 N2    ? ? ? 1_555 C C   19 O2 ? ? B G   15 C C   49 1_555 ? ? ? ? ? ? WATSON-CRICK         ?     ? 
? 
hydrog33 hydrog ?    ? B G   14 O6    ? ? ? 1_555 C C   19 N4 ? ? B G   15 C C   49 1_555 ? ? ? ? ? ? WATSON-CRICK         ?     ? 
? 
hydrog34 hydrog ?    ? B G   15 N1    ? ? ? 1_555 C C   18 N3 ? ? B G   16 C C   48 1_555 ? ? ? ? ? ? WATSON-CRICK         ?     ? 
? 
hydrog35 hydrog ?    ? B G   15 N2    ? ? ? 1_555 C C   18 O2 ? ? B G   16 C C   48 1_555 ? ? ? ? ? ? WATSON-CRICK         ?     ? 
? 
hydrog36 hydrog ?    ? B G   15 O6    ? ? ? 1_555 C C   18 N4 ? ? B G   16 C C   48 1_555 ? ? ? ? ? ? WATSON-CRICK         ?     ? 
? 
hydrog37 hydrog ?    ? B C   16 N3    ? ? ? 1_555 C G   17 N1 ? ? B C   17 C G   47 1_555 ? ? ? ? ? ? WATSON-CRICK         ?     ? 
? 
hydrog38 hydrog ?    ? B C   16 N4    ? ? ? 1_555 C G   17 O6 ? ? B C   17 C G   47 1_555 ? ? ? ? ? ? WATSON-CRICK         ?     ? 
? 
hydrog39 hydrog ?    ? B C   16 O2    ? ? ? 1_555 C G   17 N2 ? ? B C   17 C G   47 1_555 ? ? ? ? ? ? WATSON-CRICK         ?     ? 
? 
hydrog40 hydrog ?    ? B A   17 N1    ? ? ? 1_555 C U   16 N3 ? ? B A   18 C U   46 1_555 ? ? ? ? ? ? WATSON-CRICK         ?     ? 
? 
hydrog41 hydrog ?    ? B A   17 N6    ? ? ? 1_555 C U   16 O4 ? ? B A   18 C U   46 1_555 ? ? ? ? ? ? WATSON-CRICK         ?     ? 
? 
hydrog42 hydrog ?    ? B G   18 N1    ? ? ? 1_555 C C   15 N3 ? ? B G   19 C C   45 1_555 ? ? ? ? ? ? WATSON-CRICK         ?     ? 
? 
hydrog43 hydrog ?    ? B G   18 N2    ? ? ? 1_555 C C   15 O2 ? ? B G   19 C C   45 1_555 ? ? ? ? ? ? WATSON-CRICK         ?     ? 
? 
hydrog44 hydrog ?    ? B G   18 O6    ? ? ? 1_555 C C   15 N4 ? ? B G   19 C C   45 1_555 ? ? ? ? ? ? WATSON-CRICK         ?     ? 
? 
hydrog45 hydrog ?    ? B A   19 N1    ? ? ? 1_555 C C   14 N4 ? ? B A   20 C C   44 1_555 ? ? ? ? ? ? 'A-C MISPAIR'        ?     ? 
? 
hydrog46 hydrog ?    ? B G   20 N2    ? ? ? 1_555 C A   13 N7 ? ? B G   21 C A   43 1_555 ? ? ? ? ? ? 'G-A MISPAIR'        ?     ? 
? 
hydrog47 hydrog ?    ? B A   21 N6    ? ? ? 1_555 C U   11 O2 ? ? B A   22 C U   41 1_555 ? ? ? ? ? ? 'REVERSED HOOGSTEEN' ?     ? 
? 
hydrog48 hydrog ?    ? B A   21 N7    ? ? ? 1_555 C U   11 N3 ? ? B A   22 C U   41 1_555 ? ? ? ? ? ? 'REVERSED HOOGSTEEN' ?     ? 
? 
hydrog49 hydrog ?    ? B A   22 N6    ? ? ? 1_555 C A   10 N1 ? ? B A   23 C A   40 1_555 ? ? ? ? ? ? 'A-A MISPAIR'        ?     ? 
? 
hydrog50 hydrog ?    ? B A   23 N6    ? ? ? 1_555 C C   8  O2 ? ? B A   24 C C   38 1_555 ? ? ? ? ? ? 'A-C MISPAIR'        ?     ? 
? 
hydrog51 hydrog ?    ? B A   25 N1    ? ? ? 1_555 C G   6  N1 ? ? B A   26 C G   36 1_555 ? ? ? ? ? ? TYPE_8_PAIR          ?     ? 
? 
hydrog52 hydrog ?    ? B A   25 N6    ? ? ? 1_555 C G   6  O6 ? ? B A   26 C G   36 1_555 ? ? ? ? ? ? TYPE_8_PAIR          ?     ? 
? 
hydrog53 hydrog ?    ? B C   26 N3    ? ? ? 1_555 C G   5  N1 ? ? B C   27 C G   35 1_555 ? ? ? ? ? ? WATSON-CRICK         ?     ? 
? 
hydrog54 hydrog ?    ? B C   26 N4    ? ? ? 1_555 C G   5  O6 ? ? B C   27 C G   35 1_555 ? ? ? ? ? ? WATSON-CRICK         ?     ? 
? 
hydrog55 hydrog ?    ? B C   26 O2    ? ? ? 1_555 C G   5  N2 ? ? B C   27 C G   35 1_555 ? ? ? ? ? ? WATSON-CRICK         ?     ? 
? 
hydrog56 hydrog ?    ? B A   27 N1    ? ? ? 1_555 C U   4  N3 ? ? B A   28 C U   34 1_555 ? ? ? ? ? ? WATSON-CRICK         ?     ? 
? 
hydrog57 hydrog ?    ? B A   27 N6    ? ? ? 1_555 C U   4  O4 ? ? B A   28 C U   34 1_555 ? ? ? ? ? ? WATSON-CRICK         ?     ? 
? 
hydrog58 hydrog ?    ? B C   28 N3    ? ? ? 1_555 C G   3  N1 ? ? B C   29 C G   33 1_555 ? ? ? ? ? ? WATSON-CRICK         ?     ? 
? 
hydrog59 hydrog ?    ? B C   28 N4    ? ? ? 1_555 C G   3  O6 ? ? B C   29 C G   33 1_555 ? ? ? ? ? ? WATSON-CRICK         ?     ? 
? 
hydrog60 hydrog ?    ? B C   28 O2    ? ? ? 1_555 C G   3  N2 ? ? B C   29 C G   33 1_555 ? ? ? ? ? ? WATSON-CRICK         ?     ? 
? 
hydrog61 hydrog ?    ? B G   29 N1    ? ? ? 1_555 C C   2  N3 ? ? B G   30 C C   32 1_555 ? ? ? ? ? ? WATSON-CRICK         ?     ? 
? 
hydrog62 hydrog ?    ? B G   29 N2    ? ? ? 1_555 C C   2  O2 ? ? B G   30 C C   32 1_555 ? ? ? ? ? ? WATSON-CRICK         ?     ? 
? 
hydrog63 hydrog ?    ? B G   29 O6    ? ? ? 1_555 C C   2  N4 ? ? B G   30 C C   32 1_555 ? ? ? ? ? ? WATSON-CRICK         ?     ? 
? 
hydrog64 hydrog ?    ? B A   30 N1    ? ? ? 1_555 C U   1  N3 ? ? B A   31 C U   31 1_555 ? ? ? ? ? ? WATSON-CRICK         ?     ? 
? 
hydrog65 hydrog ?    ? B A   30 N6    ? ? ? 1_555 C U   1  O4 ? ? B A   31 C U   31 1_555 ? ? ? ? ? ? WATSON-CRICK         ?     ? 
? 
# 
loop_
_struct_conn_type.id 
_struct_conn_type.criteria 
_struct_conn_type.reference 
covale ? ? 
hydrog ? ? 
# 
_atom_sites.entry_id                    3BBK 
_atom_sites.fract_transf_matrix[1][1]   0.00413446 
_atom_sites.fract_transf_matrix[1][2]   0.00783454 
_atom_sites.fract_transf_matrix[1][3]   -0.00860144 
_atom_sites.fract_transf_matrix[2][1]   0.00078185 
_atom_sites.fract_transf_matrix[2][2]   0.01206534 
_atom_sites.fract_transf_matrix[2][3]   0.00250291 
_atom_sites.fract_transf_matrix[3][1]   0.00697566 
_atom_sites.fract_transf_matrix[3][2]   -0.00096522 
_atom_sites.fract_transf_matrix[3][3]   0.00247383 
_atom_sites.fract_transf_vector[1]      0.434392 
_atom_sites.fract_transf_vector[2]      0.209567 
_atom_sites.fract_transf_vector[3]      0.385598 
# 
loop_
_atom_type.symbol 
C  
CO 
N  
O  
P  
S  
# 
loop_
_atom_site.group_PDB 
_atom_site.id 
_atom_site.type_symbol 
_atom_site.label_atom_id 
_atom_site.label_alt_id 
_atom_site.label_comp_id 
_atom_site.label_asym_id 
_atom_site.label_entity_id 
_atom_site.label_seq_id 
_atom_site.pdbx_PDB_ins_code 
_atom_site.Cartn_x 
_atom_site.Cartn_y 
_atom_site.Cartn_z 
_atom_site.occupancy 
_atom_site.B_iso_or_equiv 
_atom_site.pdbx_formal_charge 
_atom_site.auth_seq_id 
_atom_site.auth_comp_id 
_atom_site.auth_asym_id 
_atom_site.auth_atom_id 
_atom_site.pdbx_PDB_model_num 
ATOM   1    O  "O5'" A U   A 1 1  ? 14.137  12.445  -1.945  0.50 77.05  ? 1   U   A "O5'" 1 
ATOM   2    O  "O5'" B U   A 1 1  ? 12.324  14.044  -2.470  0.50 85.32  ? 1   U   A "O5'" 1 
ATOM   3    C  "C5'" A U   A 1 1  ? 14.660  13.768  -2.075  0.50 83.64  ? 1   U   A "C5'" 1 
ATOM   4    C  "C5'" B U   A 1 1  ? 13.634  14.347  -2.009  0.50 87.78  ? 1   U   A "C5'" 1 
ATOM   5    C  "C4'" A U   A 1 1  ? 14.318  14.627  -0.880  0.50 85.30  ? 1   U   A "C4'" 1 
ATOM   6    C  "C4'" B U   A 1 1  ? 13.634  14.987  -0.633  0.50 87.94  ? 1   U   A "C4'" 1 
ATOM   7    O  "O4'" A U   A 1 1  ? 13.624  15.816  -1.337  0.50 87.79  ? 1   U   A "O4'" 1 
ATOM   8    O  "O4'" B U   A 1 1  ? 12.826  16.196  -0.660  0.50 89.81  ? 1   U   A "O4'" 1 
ATOM   9    C  "C3'" A U   A 1 1  ? 13.348  13.999  0.107   0.50 88.45  ? 1   U   A "C3'" 1 
ATOM   10   C  "C3'" B U   A 1 1  ? 13.011  14.170  0.486   0.50 90.08  ? 1   U   A "C3'" 1 
ATOM   11   O  "O3'" A U   A 1 1  ? 14.018  13.148  1.016   0.50 89.85  ? 1   U   A "O3'" 1 
ATOM   12   O  "O3'" B U   A 1 1  ? 13.956  13.185  0.975   0.50 90.64  ? 1   U   A "O3'" 1 
ATOM   13   C  "C2'" A U   A 1 1  ? 12.708  15.212  0.765   0.50 89.29  ? 1   U   A "C2'" 1 
ATOM   14   C  "C2'" B U   A 1 1  ? 12.656  15.255  1.514   0.50 89.73  ? 1   U   A "C2'" 1 
ATOM   15   O  "O2'" A U   A 1 1  ? 13.464  15.883  1.754   0.50 90.20  ? 1   U   A "O2'" 1 
ATOM   16   O  "O2'" B U   A 1 1  ? 13.738  15.736  2.277   0.50 90.00  ? 1   U   A "O2'" 1 
ATOM   17   C  "C1'" A U   A 1 1  ? 12.538  16.110  -0.452  0.50 87.58  ? 1   U   A "C1'" 1 
ATOM   18   C  "C1'" B U   A 1 1  ? 12.217  16.404  0.610   0.50 87.00  ? 1   U   A "C1'" 1 
ATOM   19   N  N1    A U   A 1 1  ? 11.324  15.767  -1.183  0.50 85.32  ? 1   U   A N1    1 
ATOM   20   N  N1    B U   A 1 1  ? 10.766  16.527  0.411   0.50 84.15  ? 1   U   A N1    1 
ATOM   21   C  C2    A U   A 1 1  ? 10.092  16.083  -0.640  0.50 85.21  ? 1   U   A C2    1 
ATOM   22   C  C2    B U   A 1 1  ? 10.003  17.098  1.422   0.50 82.46  ? 1   U   A C2    1 
ATOM   23   O  O2    A U   A 1 1  ? 9.952   16.625  0.459   0.50 87.11  ? 1   U   A O2    1 
ATOM   24   O  O2    B U   A 1 1  ? 10.493  17.459  2.488   0.50 81.24  ? 1   U   A O2    1 
ATOM   25   N  N3    A U   A 1 1  ? 9.037   15.736  -1.438  0.50 84.16  ? 1   U   A N3    1 
ATOM   26   N  N3    B U   A 1 1  ? 8.664   17.228  1.122   0.50 79.80  ? 1   U   A N3    1 
ATOM   27   C  C4    A U   A 1 1  ? 9.109   15.126  -2.672  0.50 83.26  ? 1   U   A C4    1 
ATOM   28   C  C4    B U   A 1 1  ? 8.034   16.851  -0.059  0.50 81.23  ? 1   U   A C4    1 
ATOM   29   O  O4    A U   A 1 1  ? 8.059   14.899  -3.293  0.50 83.02  ? 1   U   A O4    1 
ATOM   30   O  O4    B U   A 1 1  ? 6.786   16.972  -0.179  0.50 81.20  ? 1   U   A O4    1 
ATOM   31   C  C5    A U   A 1 1  ? 10.409  14.825  -3.139  0.50 82.94  ? 1   U   A C5    1 
ATOM   32   C  C5    B U   A 1 1  ? 8.884   16.236  -1.022  0.50 81.64  ? 1   U   A C5    1 
ATOM   33   C  C6    A U   A 1 1  ? 11.445  15.140  -2.403  0.50 84.35  ? 1   U   A C6    1 
ATOM   34   C  C6    B U   A 1 1  ? 10.187  16.095  -0.764  0.50 82.91  ? 1   U   A C6    1 
ATOM   35   P  P     . C   A 1 2  ? 13.438  11.679  1.299   1.00 92.32  ? 2   C   A P     1 
ATOM   36   O  OP1   . C   A 1 2  ? 14.360  11.083  2.300   1.00 86.09  ? 2   C   A OP1   1 
ATOM   37   O  OP2   . C   A 1 2  ? 13.181  10.968  0.009   1.00 84.80  ? 2   C   A OP2   1 
ATOM   38   O  "O5'" . C   A 1 2  ? 12.050  11.943  2.031   1.00 83.12  ? 2   C   A "O5'" 1 
ATOM   39   C  "C5'" . C   A 1 2  ? 12.066  12.617  3.268   1.00 69.80  ? 2   C   A "C5'" 1 
ATOM   40   C  "C4'" . C   A 1 2  ? 10.669  12.898  3.720   1.00 70.99  ? 2   C   A "C4'" 1 
ATOM   41   O  "O4'" . C   A 1 2  ? 10.049  13.767  2.750   1.00 71.77  ? 2   C   A "O4'" 1 
ATOM   42   C  "C3'" . C   A 1 2  ? 9.745   11.689  3.731   1.00 68.44  ? 2   C   A "C3'" 1 
ATOM   43   O  "O3'" . C   A 1 2  ? 9.874   10.904  4.905   1.00 71.48  ? 2   C   A "O3'" 1 
ATOM   44   C  "C2'" . C   A 1 2  ? 8.386   12.347  3.659   1.00 65.97  ? 2   C   A "C2'" 1 
ATOM   45   O  "O2'" . C   A 1 2  ? 8.042   12.913  4.905   1.00 65.99  ? 2   C   A "O2'" 1 
ATOM   46   C  "C1'" . C   A 1 2  ? 8.672   13.474  2.681   1.00 64.26  ? 2   C   A "C1'" 1 
ATOM   47   N  N1    . C   A 1 2  ? 8.333   13.062  1.336   1.00 64.11  ? 2   C   A N1    1 
ATOM   48   C  C2    . C   A 1 2  ? 6.988   13.042  0.986   1.00 64.32  ? 2   C   A C2    1 
ATOM   49   O  O2    . C   A 1 2  ? 6.147   13.357  1.838   1.00 71.08  ? 2   C   A O2    1 
ATOM   50   N  N3    . C   A 1 2  ? 6.627   12.681  -0.249  1.00 62.49  ? 2   C   A N3    1 
ATOM   51   C  C4    . C   A 1 2  ? 7.554   12.343  -1.128  1.00 64.11  ? 2   C   A C4    1 
ATOM   52   N  N4    . C   A 1 2  ? 7.134   11.999  -2.350  1.00 65.36  ? 2   C   A N4    1 
ATOM   53   C  C5    . C   A 1 2  ? 8.947   12.337  -0.797  1.00 62.60  ? 2   C   A C5    1 
ATOM   54   C  C6    . C   A 1 2  ? 9.287   12.707  0.437   1.00 63.28  ? 2   C   A C6    1 
ATOM   55   P  P     . C   A 1 3  ? 9.634   9.321   4.823   1.00 68.21  ? 3   C   A P     1 
ATOM   56   O  OP1   . C   A 1 3  ? 10.083  8.704   6.083   1.00 65.52  ? 3   C   A OP1   1 
ATOM   57   O  OP2   . C   A 1 3  ? 10.183  8.834   3.541   1.00 67.99  ? 3   C   A OP2   1 
ATOM   58   O  "O5'" . C   A 1 3  ? 8.056   9.209   4.771   1.00 68.18  ? 3   C   A "O5'" 1 
ATOM   59   C  "C5'" . C   A 1 3  ? 7.310   9.541   5.915   1.00 56.33  ? 3   C   A "C5'" 1 
ATOM   60   C  "C4'" . C   A 1 3  ? 5.851   9.275   5.692   1.00 61.76  ? 3   C   A "C4'" 1 
ATOM   61   O  "O4'" . C   A 1 3  ? 5.371   10.145  4.644   1.00 62.55  ? 3   C   A "O4'" 1 
ATOM   62   C  "C3'" . C   A 1 3  ? 5.488   7.885   5.214   1.00 62.31  ? 3   C   A "C3'" 1 
ATOM   63   O  "O3'" . C   A 1 3  ? 5.353   7.003   6.305   1.00 61.12  ? 3   C   A "O3'" 1 
ATOM   64   C  "C2'" . C   A 1 3  ? 4.141   8.134   4.564   1.00 63.66  ? 3   C   A "C2'" 1 
ATOM   65   O  "O2'" . C   A 1 3  ? 3.166   8.367   5.551   1.00 64.39  ? 3   C   A "O2'" 1 
ATOM   66   C  "C1'" . C   A 1 3  ? 4.388   9.471   3.885   1.00 64.34  ? 3   C   A "C1'" 1 
ATOM   67   N  N1    . C   A 1 3  ? 4.873   9.311   2.513   1.00 65.63  ? 3   C   A N1    1 
ATOM   68   C  C2    . C   A 1 3  ? 3.951   9.103   1.509   1.00 65.50  ? 3   C   A C2    1 
ATOM   69   O  O2    . C   A 1 3  ? 2.759   9.022   1.802   1.00 66.23  ? 3   C   A O2    1 
ATOM   70   N  N3    . C   A 1 3  ? 4.368   8.992   0.243   1.00 65.55  ? 3   C   A N3    1 
ATOM   71   C  C4    . C   A 1 3  ? 5.652   9.096   -0.040  1.00 62.79  ? 3   C   A C4    1 
ATOM   72   N  N4    . C   A 1 3  ? 6.005   9.022   -1.315  1.00 62.16  ? 3   C   A N4    1 
ATOM   73   C  C5    . C   A 1 3  ? 6.626   9.285   0.968   1.00 62.74  ? 3   C   A C5    1 
ATOM   74   C  C6    . C   A 1 3  ? 6.197   9.389   2.224   1.00 63.31  ? 3   C   A C6    1 
ATOM   75   P  P     . C   A 1 4  ? 5.833   5.489   6.150   1.00 68.01  ? 4   C   A P     1 
ATOM   76   O  OP1   . C   A 1 4  ? 5.653   4.772   7.437   1.00 70.47  ? 4   C   A OP1   1 
ATOM   77   O  OP2   . C   A 1 4  ? 7.162   5.507   5.496   1.00 69.18  ? 4   C   A OP2   1 
ATOM   78   O  "O5'" . C   A 1 4  ? 4.756   4.906   5.148   1.00 68.26  ? 4   C   A "O5'" 1 
ATOM   79   C  "C5'" . C   A 1 4  ? 3.378   4.947   5.480   1.00 67.70  ? 4   C   A "C5'" 1 
ATOM   80   C  "C4'" . C   A 1 4  ? 2.562   4.407   4.346   1.00 70.93  ? 4   C   A "C4'" 1 
ATOM   81   O  "O4'" . C   A 1 4  ? 2.675   5.305   3.225   1.00 68.79  ? 4   C   A "O4'" 1 
ATOM   82   C  "C3'" . C   A 1 4  ? 3.088   3.097   3.807   1.00 70.33  ? 4   C   A "C3'" 1 
ATOM   83   O  "O3'" . C   A 1 4  ? 2.515   2.042   4.558   1.00 70.50  ? 4   C   A "O3'" 1 
ATOM   84   C  "C2'" . C   A 1 4  ? 2.540   3.099   2.393   1.00 69.50  ? 4   C   A "C2'" 1 
ATOM   85   O  "O2'" . C   A 1 4  ? 1.187   2.745   2.352   1.00 74.80  ? 4   C   A "O2'" 1 
ATOM   86   C  "C1'" . C   A 1 4  ? 2.607   4.572   2.032   1.00 69.32  ? 4   C   A "C1'" 1 
ATOM   87   N  N1    . C   A 1 4  ? 3.682   4.974   1.123   1.00 69.97  ? 4   C   A N1    1 
ATOM   88   C  C2    . C   A 1 4  ? 3.409   4.955   -0.216  1.00 68.86  ? 4   C   A C2    1 
ATOM   89   O  O2    . C   A 1 4  ? 2.303   4.586   -0.567  1.00 71.32  ? 4   C   A O2    1 
ATOM   90   N  N3    . C   A 1 4  ? 4.349   5.316   -1.106  1.00 69.55  ? 4   C   A N3    1 
ATOM   91   C  C4    . C   A 1 4  ? 5.543   5.666   -0.685  1.00 71.51  ? 4   C   A C4    1 
ATOM   92   N  N4    . C   A 1 4  ? 6.448   5.971   -1.602  1.00 74.46  ? 4   C   A N4    1 
ATOM   93   C  C5    . C   A 1 4  ? 5.867   5.704   0.696   1.00 72.13  ? 4   C   A C5    1 
ATOM   94   C  C6    . C   A 1 4  ? 4.907   5.357   1.564   1.00 72.56  ? 4   C   A C6    1 
ATOM   95   P  P     . A   A 1 5  ? 3.385   0.745   4.915   1.00 73.22  ? 5   A   A P     1 
ATOM   96   O  OP1   . A   A 1 5  ? 2.550   -0.142  5.780   1.00 71.26  ? 5   A   A OP1   1 
ATOM   97   O  OP2   . A   A 1 5  ? 4.720   1.169   5.372   1.00 72.64  ? 5   A   A OP2   1 
ATOM   98   O  "O5'" . A   A 1 5  ? 3.571   0.042   3.509   1.00 70.52  ? 5   A   A "O5'" 1 
ATOM   99   C  "C5'" . A   A 1 5  ? 2.477   -0.611  2.898   1.00 67.11  ? 5   A   A "C5'" 1 
ATOM   100  C  "C4'" . A   A 1 5  ? 2.881   -1.162  1.567   1.00 70.06  ? 5   A   A "C4'" 1 
ATOM   101  O  "O4'" . A   A 1 5  ? 3.092   -0.058  0.657   1.00 70.23  ? 5   A   A "O4'" 1 
ATOM   102  C  "C3'" . A   A 1 5  ? 4.170   -1.951  1.529   1.00 63.18  ? 5   A   A "C3'" 1 
ATOM   103  C  "C2'" . A   A 1 5  ? 4.553   -1.806  0.065   1.00 70.30  ? 5   A   A "C2'" 1 
ATOM   104  O  "O2'" . A   A 1 5  ? 3.764   -2.641  -0.767  1.00 75.58  ? 5   A   A "O2'" 1 
ATOM   105  C  "C1'" . A   A 1 5  ? 4.162   -0.353  -0.201  1.00 72.93  ? 5   A   A "C1'" 1 
ATOM   106  N  N9    . A   A 1 5  ? 5.245   0.560   0.129   1.00 76.77  ? 5   A   A N9    1 
ATOM   107  C  C8    . A   A 1 5  ? 5.515   1.058   1.376   1.00 78.30  ? 5   A   A C8    1 
ATOM   108  N  N7    . A   A 1 5  ? 6.561   1.845   1.412   1.00 81.63  ? 5   A   A N7    1 
ATOM   109  C  C5    . A   A 1 5  ? 7.003   1.871   0.097   1.00 80.74  ? 5   A   A C5    1 
ATOM   110  C  C6    . A   A 1 5  ? 8.076   2.527   -0.519  1.00 81.48  ? 5   A   A C6    1 
ATOM   111  N  N6    . A   A 1 5  ? 8.934   3.295   0.148   1.00 84.55  ? 5   A   A N6    1 
ATOM   112  N  N1    . A   A 1 5  ? 8.248   2.363   -1.846  1.00 80.10  ? 5   A   A N1    1 
ATOM   113  C  C2    . A   A 1 5  ? 7.391   1.579   -2.498  1.00 80.33  ? 5   A   A C2    1 
ATOM   114  N  N3    . A   A 1 5  ? 6.341   0.898   -2.029  1.00 81.14  ? 5   A   A N3    1 
ATOM   115  C  C4    . A   A 1 5  ? 6.198   1.090   -0.707  1.00 80.02  ? 5   A   A C4    1 
ATOM   116  P  P     . G   A 1 6  ? 4.417   -3.410  -2.035  1.00 73.28  ? 6   G   A P     1 
ATOM   117  O  OP1   . G   A 1 6  ? 5.749   -3.804  -1.533  1.00 69.66  ? 6   G   A OP1   1 
ATOM   118  O  OP2   . G   A 1 6  ? 4.313   -2.559  -3.218  1.00 70.62  ? 6   G   A OP2   1 
ATOM   119  O  "O5'" . G   A 1 6  ? 3.471   -4.688  -2.275  1.00 76.11  ? 6   G   A "O5'" 1 
ATOM   120  C  "C5'" . G   A 1 6  ? 3.402   -5.754  -1.285  1.00 70.18  ? 6   G   A "C5'" 1 
ATOM   121  C  "C4'" . G   A 1 6  ? 2.821   -7.031  -1.893  1.00 72.12  ? 6   G   A "C4'" 1 
ATOM   122  O  "O4'" . G   A 1 6  ? 1.364   -7.017  -1.951  1.00 70.15  ? 6   G   A "O4'" 1 
ATOM   123  C  "C3'" . G   A 1 6  ? 3.301   -7.256  -3.328  1.00 72.01  ? 6   G   A "C3'" 1 
ATOM   124  O  "O3'" . G   A 1 6  ? 3.598   -8.648  -3.484  1.00 81.94  ? 6   G   A "O3'" 1 
ATOM   125  C  "C2'" . G   A 1 6  ? 2.149   -6.734  -4.189  1.00 72.82  ? 6   G   A "C2'" 1 
ATOM   126  O  "O2'" . G   A 1 6  ? 1.964   -7.357  -5.438  1.00 81.47  ? 6   G   A "O2'" 1 
ATOM   127  C  "C1'" . G   A 1 6  ? 0.954   -7.044  -3.282  1.00 71.20  ? 6   G   A "C1'" 1 
ATOM   128  N  N9    . G   A 1 6  ? -0.322  -6.366  -3.436  1.00 69.52  ? 6   G   A N9    1 
ATOM   129  C  C8    . G   A 1 6  ? -1.543  -6.745  -2.928  1.00 69.39  ? 6   G   A C8    1 
ATOM   130  N  N7    . G   A 1 6  ? -2.510  -5.960  -3.306  1.00 65.48  ? 6   G   A N7    1 
ATOM   131  C  C5    . G   A 1 6  ? -1.888  -5.009  -4.103  1.00 65.38  ? 6   G   A C5    1 
ATOM   132  C  C6    . G   A 1 6  ? -2.424  -3.912  -4.806  1.00 65.49  ? 6   G   A C6    1 
ATOM   133  O  O6    . G   A 1 6  ? -3.614  -3.562  -4.905  1.00 63.48  ? 6   G   A O6    1 
ATOM   134  N  N1    . G   A 1 6  ? -1.424  -3.186  -5.453  1.00 65.05  ? 6   G   A N1    1 
ATOM   135  C  C2    . G   A 1 6  ? -0.076  -3.501  -5.438  1.00 66.69  ? 6   G   A C2    1 
ATOM   136  N  N2    . G   A 1 6  ? 0.758   -2.692  -6.102  1.00 66.96  ? 6   G   A N2    1 
ATOM   137  N  N3    . G   A 1 6  ? 0.422   -4.538  -4.812  1.00 65.65  ? 6   G   A N3    1 
ATOM   138  C  C4    . G   A 1 6  ? -0.533  -5.240  -4.167  1.00 65.72  ? 6   G   A C4    1 
ATOM   139  P  P     . U   A 1 7  ? 5.104   -9.181  -3.654  1.00 87.29  ? 7   U   A P     1 
ATOM   140  O  OP1   . U   A 1 7  ? 5.002   -10.659 -3.603  1.00 89.07  ? 7   U   A OP1   1 
ATOM   141  O  OP2   . U   A 1 7  ? 6.011   -8.500  -2.741  1.00 85.37  ? 7   U   A OP2   1 
ATOM   142  O  "O5'" . U   A 1 7  ? 5.432   -8.847  -5.165  1.00 81.18  ? 7   U   A "O5'" 1 
ATOM   143  C  "C5'" . U   A 1 7  ? 4.668   -9.453  -6.177  1.00 83.66  ? 7   U   A "C5'" 1 
ATOM   144  C  "C4'" . U   A 1 7  ? 5.266   -9.200  -7.513  1.00 88.09  ? 7   U   A "C4'" 1 
ATOM   145  O  "O4'" . U   A 1 7  ? 5.028   -7.823  -7.873  1.00 91.98  ? 7   U   A "O4'" 1 
ATOM   146  C  "C3'" . U   A 1 7  ? 6.769   -9.356  -7.550  1.00 90.06  ? 7   U   A "C3'" 1 
ATOM   147  O  "O3'" . U   A 1 7  ? 7.121   -10.725 -7.738  1.00 90.75  ? 7   U   A "O3'" 1 
ATOM   148  C  "C2'" . U   A 1 7  ? 7.127   -8.498  -8.753  1.00 93.69  ? 7   U   A "C2'" 1 
ATOM   149  O  "O2'" . U   A 1 7  ? 6.877   -9.173  -9.964  1.00 97.42  ? 7   U   A "O2'" 1 
ATOM   150  C  "C1'" . U   A 1 7  ? 6.127   -7.345  -8.619  1.00 94.51  ? 7   U   A "C1'" 1 
ATOM   151  N  N1    . U   A 1 7  ? 6.680   -6.170  -7.937  1.00 96.92  ? 7   U   A N1    1 
ATOM   152  C  C2    . U   A 1 7  ? 7.592   -5.402  -8.637  1.00 99.42  ? 7   U   A C2    1 
ATOM   153  O  O2    . U   A 1 7  ? 7.901   -5.634  -9.802  1.00 100.33 ? 7   U   A O2    1 
ATOM   154  N  N3    . U   A 1 7  ? 8.120   -4.351  -7.933  1.00 100.84 ? 7   U   A N3    1 
ATOM   155  C  C4    . U   A 1 7  ? 7.819   -3.988  -6.633  1.00 99.26  ? 7   U   A C4    1 
ATOM   156  O  O4    . U   A 1 7  ? 8.380   -3.011  -6.134  1.00 101.38 ? 7   U   A O4    1 
ATOM   157  C  C5    . U   A 1 7  ? 6.845   -4.814  -5.989  1.00 97.78  ? 7   U   A C5    1 
ATOM   158  C  C6    . U   A 1 7  ? 6.320   -5.851  -6.648  1.00 97.12  ? 7   U   A C6    1 
ATOM   159  P  P     . C   A 1 8  ? 8.481   -11.302 -7.105  1.00 94.30  ? 8   C   A P     1 
ATOM   160  O  OP1   . C   A 1 8  ? 8.724   -12.632 -7.717  1.00 93.01  ? 8   C   A OP1   1 
ATOM   161  O  OP2   . C   A 1 8  ? 8.404   -11.177 -5.630  1.00 92.24  ? 8   C   A OP2   1 
ATOM   162  O  "O5'" . C   A 1 8  ? 9.588   -10.322 -7.685  1.00 93.97  ? 8   C   A "O5'" 1 
ATOM   163  C  "C5'" . C   A 1 8  ? 9.860   -10.290 -9.087  1.00 97.50  ? 8   C   A "C5'" 1 
ATOM   164  C  "C4'" . C   A 1 8  ? 10.958  -9.294  -9.383  1.00 105.07 ? 8   C   A "C4'" 1 
ATOM   165  O  "O4'" . C   A 1 8  ? 10.451  -7.946  -9.209  1.00 107.65 ? 8   C   A "O4'" 1 
ATOM   166  C  "C3'" . C   A 1 8  ? 12.151  -9.358  -8.447  1.00 108.47 ? 8   C   A "C3'" 1 
ATOM   167  O  "O3'" . C   A 1 8  ? 13.072  -10.377 -8.804  1.00 110.97 ? 8   C   A "O3'" 1 
ATOM   168  C  "C2'" . C   A 1 8  ? 12.737  -7.962  -8.577  1.00 107.81 ? 8   C   A "C2'" 1 
ATOM   169  O  "O2'" . C   A 1 8  ? 13.522  -7.815  -9.739  1.00 112.00 ? 8   C   A "O2'" 1 
ATOM   170  C  "C1'" . C   A 1 8  ? 11.467  -7.119  -8.672  1.00 106.72 ? 8   C   A "C1'" 1 
ATOM   171  N  N1    . C   A 1 8  ? 11.026  -6.666  -7.349  1.00 106.77 ? 8   C   A N1    1 
ATOM   172  C  C2    . C   A 1 8  ? 11.532  -5.466  -6.854  1.00 106.86 ? 8   C   A C2    1 
ATOM   173  O  O2    . C   A 1 8  ? 12.314  -4.812  -7.556  1.00 109.05 ? 8   C   A O2    1 
ATOM   174  N  N3    . C   A 1 8  ? 11.152  -5.041  -5.631  1.00 105.78 ? 8   C   A N3    1 
ATOM   175  C  C4    . C   A 1 8  ? 10.301  -5.768  -4.912  1.00 106.02 ? 8   C   A C4    1 
ATOM   176  N  N4    . C   A 1 8  ? 9.957   -5.308  -3.708  1.00 104.04 ? 8   C   A N4    1 
ATOM   177  C  C5    . C   A 1 8  ? 9.762   -6.997  -5.395  1.00 104.76 ? 8   C   A C5    1 
ATOM   178  C  C6    . C   A 1 8  ? 10.150  -7.406  -6.606  1.00 104.60 ? 8   C   A C6    1 
ATOM   179  P  P     . C   A 1 9  ? 13.871  -11.148 -7.650  1.00 115.76 ? 9   C   A P     1 
ATOM   180  O  OP1   . C   A 1 9  ? 14.648  -12.192 -8.352  1.00 115.83 ? 9   C   A OP1   1 
ATOM   181  O  OP2   . C   A 1 9  ? 12.944  -11.541 -6.548  1.00 111.23 ? 9   C   A OP2   1 
ATOM   182  O  "O5'" . C   A 1 9  ? 14.865  -10.017 -7.119  1.00 117.07 ? 9   C   A "O5'" 1 
ATOM   183  C  "C5'" . C   A 1 9  ? 15.740  -9.316  -8.018  1.00 118.37 ? 9   C   A "C5'" 1 
ATOM   184  C  "C4'" . C   A 1 9  ? 16.596  -8.312  -7.267  1.00 120.93 ? 9   C   A "C4'" 1 
ATOM   185  O  "O4'" . C   A 1 9  ? 15.769  -7.197  -6.848  1.00 120.24 ? 9   C   A "O4'" 1 
ATOM   186  C  "C3'" . C   A 1 9  ? 17.241  -8.800  -5.974  1.00 123.81 ? 9   C   A "C3'" 1 
ATOM   187  O  "O3'" . C   A 1 9  ? 18.452  -9.519  -6.160  1.00 126.82 ? 9   C   A "O3'" 1 
ATOM   188  C  "C2'" . C   A 1 9  ? 17.466  -7.504  -5.211  1.00 122.84 ? 9   C   A "C2'" 1 
ATOM   189  O  "O2'" . C   A 1 9  ? 18.621  -6.796  -5.623  1.00 125.13 ? 9   C   A "O2'" 1 
ATOM   190  C  "C1'" . C   A 1 9  ? 16.199  -6.734  -5.575  1.00 120.27 ? 9   C   A "C1'" 1 
ATOM   191  N  N1    . C   A 1 9  ? 15.132  -7.000  -4.594  1.00 118.46 ? 9   C   A N1    1 
ATOM   192  C  C2    . C   A 1 9  ? 15.167  -6.319  -3.386  1.00 118.14 ? 9   C   A C2    1 
ATOM   193  O  O2    . C   A 1 9  ? 16.100  -5.528  -3.182  1.00 120.26 ? 9   C   A O2    1 
ATOM   194  N  N3    . C   A 1 9  ? 14.196  -6.538  -2.467  1.00 115.67 ? 9   C   A N3    1 
ATOM   195  C  C4    . C   A 1 9  ? 13.218  -7.399  -2.726  1.00 114.63 ? 9   C   A C4    1 
ATOM   196  N  N4    . C   A 1 9  ? 12.284  -7.574  -1.795  1.00 110.63 ? 9   C   A N4    1 
ATOM   197  C  C5    . C   A 1 9  ? 13.158  -8.119  -3.953  1.00 115.85 ? 9   C   A C5    1 
ATOM   198  C  C6    . C   A 1 9  ? 14.127  -7.889  -4.853  1.00 117.36 ? 9   C   A C6    1 
ATOM   199  P  P     . A   A 1 10 ? 18.903  -10.606 -5.060  1.00 128.21 ? 10  A   A P     1 
ATOM   200  O  OP1   . A   A 1 10 ? 20.053  -11.316 -5.659  1.00 130.02 ? 10  A   A OP1   1 
ATOM   201  O  OP2   . A   A 1 10 ? 17.731  -11.382 -4.566  1.00 127.35 ? 10  A   A OP2   1 
ATOM   202  O  "O5'" . A   A 1 10 ? 19.437  -9.733  -3.849  1.00 129.74 ? 10  A   A "O5'" 1 
ATOM   203  C  "C5'" . A   A 1 10 ? 20.564  -8.887  -4.006  1.00 133.69 ? 10  A   A "C5'" 1 
ATOM   204  C  "C4'" . A   A 1 10 ? 20.895  -8.244  -2.687  1.00 136.36 ? 10  A   A "C4'" 1 
ATOM   205  O  "O4'" . A   A 1 10 ? 19.844  -7.308  -2.337  1.00 135.83 ? 10  A   A "O4'" 1 
ATOM   206  C  "C3'" . A   A 1 10 ? 20.944  -9.201  -1.507  1.00 138.37 ? 10  A   A "C3'" 1 
ATOM   207  O  "O3'" . A   A 1 10 ? 22.189  -9.869  -1.392  1.00 138.54 ? 10  A   A "O3'" 1 
ATOM   208  C  "C2'" . A   A 1 10 ? 20.662  -8.283  -0.329  1.00 137.63 ? 10  A   A "C2'" 1 
ATOM   209  O  "O2'" . A   A 1 10 ? 21.796  -7.568  0.124   1.00 137.26 ? 10  A   A "O2'" 1 
ATOM   210  C  "C1'" . A   A 1 10 ? 19.618  -7.349  -0.937  1.00 135.91 ? 10  A   A "C1'" 1 
ATOM   211  N  N9    . A   A 1 10 ? 18.287  -7.904  -0.730  1.00 133.90 ? 10  A   A N9    1 
ATOM   212  C  C8    . A   A 1 10 ? 17.530  -8.644  -1.601  1.00 134.10 ? 10  A   A C8    1 
ATOM   213  N  N7    . A   A 1 10 ? 16.360  -8.977  -1.124  1.00 133.94 ? 10  A   A N7    1 
ATOM   214  C  C5    . A   A 1 10 ? 16.349  -8.418  0.147   1.00 132.47 ? 10  A   A C5    1 
ATOM   215  C  C6    . A   A 1 10 ? 15.382  -8.394  1.164   1.00 131.88 ? 10  A   A C6    1 
ATOM   216  N  N6    . A   A 1 10 ? 14.174  -8.953  1.054   1.00 131.18 ? 10  A   A N6    1 
ATOM   217  N  N1    . A   A 1 10 ? 15.695  -7.758  2.315   1.00 131.26 ? 10  A   A N1    1 
ATOM   218  C  C2    . A   A 1 10 ? 16.897  -7.181  2.417   1.00 131.67 ? 10  A   A C2    1 
ATOM   219  N  N3    . A   A 1 10 ? 17.882  -7.125  1.528   1.00 131.69 ? 10  A   A N3    1 
ATOM   220  C  C4    . A   A 1 10 ? 17.539  -7.768  0.405   1.00 132.49 ? 10  A   A C4    1 
ATOM   221  P  P     . C   A 1 11 ? 22.235  -11.310 -0.701  1.00 140.55 ? 11  C   A P     1 
ATOM   222  O  OP1   . C   A 1 11 ? 23.592  -11.841 -0.953  1.00 141.86 ? 11  C   A OP1   1 
ATOM   223  O  OP2   . C   A 1 11 ? 21.044  -12.071 -1.171  1.00 140.16 ? 11  C   A OP2   1 
ATOM   224  O  "O5'" . C   A 1 11 ? 22.074  -10.991 0.853   1.00 137.90 ? 11  C   A "O5'" 1 
ATOM   225  C  "C5'" . C   A 1 11 ? 23.081  -10.264 1.544   1.00 136.54 ? 11  C   A "C5'" 1 
ATOM   226  C  "C4'" . C   A 1 11 ? 22.636  -9.943  2.949   1.00 136.78 ? 11  C   A "C4'" 1 
ATOM   227  O  "O4'" . C   A 1 11 ? 21.432  -9.126  2.890   1.00 135.78 ? 11  C   A "O4'" 1 
ATOM   228  C  "C3'" . C   A 1 11 ? 22.190  -11.143 3.763   1.00 138.59 ? 11  C   A "C3'" 1 
ATOM   229  O  "O3'" . C   A 1 11 ? 23.263  -11.861 4.345   1.00 140.93 ? 11  C   A "O3'" 1 
ATOM   230  C  "C2'" . C   A 1 11 ? 21.285  -10.517 4.814   1.00 137.81 ? 11  C   A "C2'" 1 
ATOM   231  O  "O2'" . C   A 1 11 ? 21.986  -9.965  5.911   1.00 138.64 ? 11  C   A "O2'" 1 
ATOM   232  C  "C1'" . C   A 1 11 ? 20.591  -9.431  3.994   1.00 135.47 ? 11  C   A "C1'" 1 
ATOM   233  N  N1    . C   A 1 11 ? 19.288  -9.906  3.503   1.00 133.35 ? 11  C   A N1    1 
ATOM   234  C  C2    . C   A 1 11 ? 18.196  -9.847  4.381   1.00 132.49 ? 11  C   A C2    1 
ATOM   235  O  O2    . C   A 1 11 ? 18.345  -9.322  5.498   1.00 131.48 ? 11  C   A O2    1 
ATOM   236  N  N3    . C   A 1 11 ? 17.013  -10.359 3.992   1.00 131.55 ? 11  C   A N3    1 
ATOM   237  C  C4    . C   A 1 11 ? 16.889  -10.908 2.783   1.00 131.86 ? 11  C   A C4    1 
ATOM   238  N  N4    . C   A 1 11 ? 15.712  -11.444 2.473   1.00 132.38 ? 11  C   A N4    1 
ATOM   239  C  C5    . C   A 1 11 ? 17.970  -10.936 1.848   1.00 131.28 ? 11  C   A C5    1 
ATOM   240  C  C6    . C   A 1 11 ? 19.141  -10.425 2.245   1.00 131.88 ? 11  C   A C6    1 
ATOM   241  P  P     . C   A 1 12 ? 23.049  -13.406 4.735   1.00 144.12 ? 12  C   A P     1 
ATOM   242  O  OP1   . C   A 1 12 ? 24.365  -13.948 5.154   1.00 144.47 ? 12  C   A OP1   1 
ATOM   243  O  OP2   . C   A 1 12 ? 22.299  -14.066 3.627   1.00 144.17 ? 12  C   A OP2   1 
ATOM   244  O  "O5'" . C   A 1 12 ? 22.095  -13.361 6.007   1.00 140.52 ? 12  C   A "O5'" 1 
ATOM   245  C  "C5'" . C   A 1 12 ? 22.503  -12.666 7.163   1.00 137.20 ? 12  C   A "C5'" 1 
ATOM   246  C  "C4'" . C   A 1 12 ? 21.392  -12.618 8.165   1.00 137.23 ? 12  C   A "C4'" 1 
ATOM   247  O  "O4'" . C   A 1 12 ? 20.274  -11.893 7.589   1.00 136.50 ? 12  C   A "O4'" 1 
ATOM   248  C  "C3'" . C   A 1 12 ? 20.784  -13.970 8.498   1.00 139.00 ? 12  C   A "C3'" 1 
ATOM   249  O  "O3'" . C   A 1 12 ? 21.533  -14.701 9.448   1.00 142.77 ? 12  C   A "O3'" 1 
ATOM   250  C  "C2'" . C   A 1 12 ? 19.419  -13.574 9.035   1.00 138.03 ? 12  C   A "C2'" 1 
ATOM   251  O  "O2'" . C   A 1 12 ? 19.476  -13.089 10.368  1.00 135.91 ? 12  C   A "O2'" 1 
ATOM   252  C  "C1'" . C   A 1 12 ? 19.056  -12.434 8.088   1.00 136.54 ? 12  C   A "C1'" 1 
ATOM   253  N  N1    . C   A 1 12 ? 18.211  -12.897 6.969   1.00 135.32 ? 12  C   A N1    1 
ATOM   254  C  C2    . C   A 1 12 ? 16.829  -13.097 7.213   1.00 135.13 ? 12  C   A C2    1 
ATOM   255  O  O2    . C   A 1 12 ? 16.371  -12.884 8.359   1.00 133.47 ? 12  C   A O2    1 
ATOM   256  N  N3    . C   A 1 12 ? 16.035  -13.520 6.199   1.00 135.05 ? 12  C   A N3    1 
ATOM   257  C  C4    . C   A 1 12 ? 16.555  -13.746 4.989   1.00 134.87 ? 12  C   A C4    1 
ATOM   258  N  N4    . C   A 1 12 ? 15.725  -14.153 4.025   1.00 134.82 ? 12  C   A N4    1 
ATOM   259  C  C5    . C   A 1 12 ? 17.950  -13.562 4.716   1.00 134.34 ? 12  C   A C5    1 
ATOM   260  C  C6    . C   A 1 12 ? 18.733  -13.137 5.726   1.00 134.88 ? 12  C   A C6    1 
ATOM   261  P  P     . G   A 1 13 ? 21.392  -16.304 9.508   1.00 145.02 ? 13  G   A P     1 
ATOM   262  O  OP1   . G   A 1 13 ? 22.343  -16.755 10.567  1.00 143.16 ? 13  G   A OP1   1 
ATOM   263  O  OP2   . G   A 1 13 ? 21.491  -16.858 8.120   1.00 141.33 ? 13  G   A OP2   1 
ATOM   264  O  "O5'" . G   A 1 13 ? 19.914  -16.558 10.046  1.00 138.99 ? 13  G   A "O5'" 1 
ATOM   265  C  "C5'" . G   A 1 13 ? 19.572  -16.336 11.419  1.00 132.27 ? 13  G   A "C5'" 1 
ATOM   266  C  "C4'" . G   A 1 13 ? 18.110  -16.642 11.635  1.00 130.77 ? 13  G   A "C4'" 1 
ATOM   267  O  "O4'" . G   A 1 13 ? 17.337  -15.828 10.709  1.00 130.07 ? 13  G   A "O4'" 1 
ATOM   268  C  "C3'" . G   A 1 13 ? 17.688  -18.068 11.304  1.00 130.60 ? 13  G   A "C3'" 1 
ATOM   269  O  "O3'" . G   A 1 13 ? 18.007  -19.062 12.275  1.00 130.50 ? 13  G   A "O3'" 1 
ATOM   270  C  "C2'" . G   A 1 13 ? 16.203  -17.904 11.000  1.00 129.49 ? 13  G   A "C2'" 1 
ATOM   271  O  "O2'" . G   A 1 13 ? 15.397  -17.786 12.162  1.00 127.12 ? 13  G   A "O2'" 1 
ATOM   272  C  "C1'" . G   A 1 13 ? 16.203  -16.563 10.257  1.00 127.15 ? 13  G   A "C1'" 1 
ATOM   273  N  N9    . G   A 1 13 ? 16.229  -16.668 8.786   1.00 123.53 ? 13  G   A N9    1 
ATOM   274  C  C8    . G   A 1 13 ? 17.313  -16.546 7.924   1.00 122.11 ? 13  G   A C8    1 
ATOM   275  N  N7    . G   A 1 13 ? 16.983  -16.665 6.658   1.00 120.14 ? 13  G   A N7    1 
ATOM   276  C  C5    . G   A 1 13 ? 15.603  -16.880 6.678   1.00 119.37 ? 13  G   A C5    1 
ATOM   277  C  C6    . G   A 1 13 ? 14.667  -17.071 5.603   1.00 118.10 ? 13  G   A C6    1 
ATOM   278  O  O6    . G   A 1 13 ? 14.880  -17.066 4.370   1.00 115.38 ? 13  G   A O6    1 
ATOM   279  N  N1    . G   A 1 13 ? 13.365  -17.283 6.092   1.00 117.26 ? 13  G   A N1    1 
ATOM   280  C  C2    . G   A 1 13 ? 13.005  -17.308 7.436   1.00 116.65 ? 13  G   A C2    1 
ATOM   281  N  N2    . G   A 1 13 ? 11.709  -17.558 7.733   1.00 113.51 ? 13  G   A N2    1 
ATOM   282  N  N3    . G   A 1 13 ? 13.858  -17.109 8.428   1.00 118.06 ? 13  G   A N3    1 
ATOM   283  C  C4    . G   A 1 13 ? 15.128  -16.902 7.985   1.00 120.43 ? 13  G   A C4    1 
ATOM   284  O  "O5'" . C   B 2 1  ? 5.400   -17.793 2.058   1.00 123.20 ? 2   C   B "O5'" 1 
ATOM   285  C  "C5'" . C   B 2 1  ? 4.611   -18.390 3.094   1.00 125.13 ? 2   C   B "C5'" 1 
ATOM   286  C  "C4'" . C   B 2 1  ? 5.228   -18.428 4.483   1.00 127.82 ? 2   C   B "C4'" 1 
ATOM   287  O  "O4'" . C   B 2 1  ? 6.449   -19.222 4.451   1.00 128.10 ? 2   C   B "O4'" 1 
ATOM   288  C  "C3'" . C   B 2 1  ? 5.722   -17.099 5.033   1.00 130.57 ? 2   C   B "C3'" 1 
ATOM   289  O  "O3'" . C   B 2 1  ? 4.709   -16.232 5.506   1.00 135.05 ? 2   C   B "O3'" 1 
ATOM   290  C  "C2'" . C   B 2 1  ? 6.756   -17.518 6.079   1.00 128.31 ? 2   C   B "C2'" 1 
ATOM   291  O  "O2'" . C   B 2 1  ? 6.239   -17.944 7.330   1.00 125.69 ? 2   C   B "O2'" 1 
ATOM   292  C  "C1'" . C   B 2 1  ? 7.415   -18.690 5.363   1.00 124.80 ? 2   C   B "C1'" 1 
ATOM   293  N  N1    . C   B 2 1  ? 8.608   -18.253 4.604   1.00 121.48 ? 2   C   B N1    1 
ATOM   294  C  C2    . C   B 2 1  ? 9.796   -17.995 5.318   1.00 120.29 ? 2   C   B C2    1 
ATOM   295  O  O2    . C   B 2 1  ? 9.798   -18.148 6.563   1.00 119.08 ? 2   C   B O2    1 
ATOM   296  N  N3    . C   B 2 1  ? 10.904  -17.590 4.631   1.00 119.73 ? 2   C   B N3    1 
ATOM   297  C  C4    . C   B 2 1  ? 10.857  -17.451 3.297   1.00 120.70 ? 2   C   B C4    1 
ATOM   298  N  N4    . C   B 2 1  ? 11.977  -17.066 2.663   1.00 119.42 ? 2   C   B N4    1 
ATOM   299  C  C5    . C   B 2 1  ? 9.661   -17.703 2.551   1.00 120.63 ? 2   C   B C5    1 
ATOM   300  C  C6    . C   B 2 1  ? 8.572   -18.097 3.239   1.00 120.49 ? 2   C   B C6    1 
ATOM   301  P  P     . G   B 2 2  ? 4.968   -14.642 5.472   1.00 136.67 ? 3   G   B P     1 
ATOM   302  O  OP1   . G   B 2 2  ? 3.657   -13.982 5.729   1.00 137.02 ? 3   G   B OP1   1 
ATOM   303  O  OP2   . G   B 2 2  ? 5.735   -14.310 4.235   1.00 133.39 ? 3   G   B OP2   1 
ATOM   304  O  "O5'" . G   B 2 2  ? 5.895   -14.409 6.743   1.00 134.03 ? 3   G   B "O5'" 1 
ATOM   305  C  "C5'" . G   B 2 2  ? 5.455   -14.841 8.025   1.00 132.18 ? 3   G   B "C5'" 1 
ATOM   306  C  "C4'" . G   B 2 2  ? 6.556   -14.679 9.027   1.00 132.31 ? 3   G   B "C4'" 1 
ATOM   307  O  "O4'" . G   B 2 2  ? 7.635   -15.586 8.679   1.00 129.84 ? 3   G   B "O4'" 1 
ATOM   308  C  "C3'" . G   B 2 2  ? 7.227   -13.315 9.019   1.00 134.13 ? 3   G   B "C3'" 1 
ATOM   309  O  "O3'" . G   B 2 2  ? 6.478   -12.280 9.665   1.00 138.65 ? 3   G   B "O3'" 1 
ATOM   310  C  "C2'" . G   B 2 2  ? 8.586   -13.630 9.637   1.00 130.93 ? 3   G   B "C2'" 1 
ATOM   311  O  "O2'" . G   B 2 2  ? 8.617   -13.760 11.052  1.00 129.88 ? 3   G   B "O2'" 1 
ATOM   312  C  "C1'" . G   B 2 2  ? 8.880   -14.978 8.986   1.00 126.70 ? 3   G   B "C1'" 1 
ATOM   313  N  N9    . G   B 2 2  ? 9.603   -14.739 7.749   1.00 121.45 ? 3   G   B N9    1 
ATOM   314  C  C8    . G   B 2 2  ? 9.137   -14.791 6.454   1.00 118.98 ? 3   G   B C8    1 
ATOM   315  N  N7    . G   B 2 2  ? 10.058  -14.521 5.569   1.00 118.28 ? 3   G   B N7    1 
ATOM   316  C  C5    . G   B 2 2  ? 11.197  -14.281 6.330   1.00 118.58 ? 3   G   B C5    1 
ATOM   317  C  C6    . G   B 2 2  ? 12.526  -13.948 5.930   1.00 118.42 ? 3   G   B C6    1 
ATOM   318  O  O6    . G   B 2 2  ? 12.977  -13.823 4.771   1.00 117.58 ? 3   G   B O6    1 
ATOM   319  N  N1    . G   B 2 2  ? 13.365  -13.758 7.045   1.00 118.28 ? 3   G   B N1    1 
ATOM   320  C  C2    . G   B 2 2  ? 12.979  -13.879 8.372   1.00 119.29 ? 3   G   B C2    1 
ATOM   321  N  N2    . G   B 2 2  ? 13.922  -13.616 9.316   1.00 117.54 ? 3   G   B N2    1 
ATOM   322  N  N3    . G   B 2 2  ? 11.750  -14.220 8.745   1.00 118.92 ? 3   G   B N3    1 
ATOM   323  C  C4    . G   B 2 2  ? 10.923  -14.400 7.678   1.00 119.68 ? 3   G   B C4    1 
ATOM   324  P  P     . G   B 2 3  ? 6.727   -10.738 9.249   1.00 139.62 ? 4   G   B P     1 
ATOM   325  O  OP1   . G   B 2 3  ? 5.793   -9.902  10.054  1.00 136.99 ? 4   G   B OP1   1 
ATOM   326  O  OP2   . G   B 2 3  ? 6.737   -10.630 7.761   1.00 136.35 ? 4   G   B OP2   1 
ATOM   327  O  "O5'" . G   B 2 3  ? 8.209   -10.471 9.749   1.00 137.25 ? 4   G   B "O5'" 1 
ATOM   328  C  "C5'" . G   B 2 3  ? 8.571   -10.738 11.098  1.00 137.17 ? 4   G   B "C5'" 1 
ATOM   329  C  "C4'" . G   B 2 3  ? 9.969   -10.263 11.335  1.00 136.81 ? 4   G   B "C4'" 1 
ATOM   330  O  "O4'" . G   B 2 3  ? 10.915  -11.209 10.770  1.00 134.86 ? 4   G   B "O4'" 1 
ATOM   331  C  "C3'" . G   B 2 3  ? 10.281  -8.979  10.598  1.00 137.24 ? 4   G   B "C3'" 1 
ATOM   332  O  "O3'" . G   B 2 3  ? 9.768   -7.823  11.217  1.00 141.10 ? 4   G   B "O3'" 1 
ATOM   333  C  "C2'" . G   B 2 3  ? 11.797  -9.022  10.495  1.00 134.45 ? 4   G   B "C2'" 1 
ATOM   334  O  "O2'" . G   B 2 3  ? 12.461  -8.648  11.690  1.00 133.01 ? 4   G   B "O2'" 1 
ATOM   335  C  "C1'" . G   B 2 3  ? 12.010  -10.501 10.197  1.00 131.33 ? 4   G   B "C1'" 1 
ATOM   336  N  N9    . G   B 2 3  ? 11.943  -10.661 8.750   1.00 126.75 ? 4   G   B N9    1 
ATOM   337  C  C8    . G   B 2 3  ? 10.846  -10.996 7.987   1.00 126.08 ? 4   G   B C8    1 
ATOM   338  N  N7    . G   B 2 3  ? 11.114  -11.064 6.710   1.00 125.22 ? 4   G   B N7    1 
ATOM   339  C  C5    . G   B 2 3  ? 12.468  -10.757 6.630   1.00 123.18 ? 4   G   B C5    1 
ATOM   340  C  C6    . G   B 2 3  ? 13.339  -10.694 5.506   1.00 122.13 ? 4   G   B C6    1 
ATOM   341  O  O6    . G   B 2 3  ? 13.084  -10.934 4.314   1.00 121.38 ? 4   G   B O6    1 
ATOM   342  N  N1    . G   B 2 3  ? 14.628  -10.321 5.881   1.00 120.56 ? 4   G   B N1    1 
ATOM   343  C  C2    . G   B 2 3  ? 15.034  -10.064 7.173   1.00 120.41 ? 4   G   B C2    1 
ATOM   344  N  N2    . G   B 2 3  ? 16.314  -9.701  7.334   1.00 119.44 ? 4   G   B N2    1 
ATOM   345  N  N3    . G   B 2 3  ? 14.241  -10.150 8.227   1.00 121.15 ? 4   G   B N3    1 
ATOM   346  C  C4    . G   B 2 3  ? 12.984  -10.494 7.885   1.00 123.44 ? 4   G   B C4    1 
ATOM   347  P  P     . U   B 2 4  ? 9.731   -6.459  10.383  1.00 143.62 ? 5   U   B P     1 
ATOM   348  O  OP1   . U   B 2 4  ? 8.660   -5.598  10.953  1.00 142.39 ? 5   U   B OP1   1 
ATOM   349  O  OP2   . U   B 2 4  ? 9.711   -6.810  8.931   1.00 142.66 ? 5   U   B OP2   1 
ATOM   350  O  "O5'" . U   B 2 4  ? 11.157  -5.828  10.695  1.00 140.86 ? 5   U   B "O5'" 1 
ATOM   351  C  "C5'" . U   B 2 4  ? 11.739  -4.912  9.804   1.00 136.63 ? 5   U   B "C5'" 1 
ATOM   352  C  "C4'" . U   B 2 4  ? 13.199  -5.206  9.646   1.00 134.79 ? 5   U   B "C4'" 1 
ATOM   353  O  "O4'" . U   B 2 4  ? 13.381  -6.549  9.146   1.00 133.76 ? 5   U   B "O4'" 1 
ATOM   354  C  "C3'" . U   B 2 4  ? 13.852  -4.340  8.605   1.00 135.09 ? 5   U   B "C3'" 1 
ATOM   355  O  "O3'" . U   B 2 4  ? 14.137  -3.088  9.163   1.00 137.08 ? 5   U   B "O3'" 1 
ATOM   356  C  "C2'" . U   B 2 4  ? 15.057  -5.160  8.199   1.00 132.24 ? 5   U   B "C2'" 1 
ATOM   357  O  "O2'" . U   B 2 4  ? 16.108  -5.066  9.135   1.00 129.23 ? 5   U   B "O2'" 1 
ATOM   358  C  "C1'" . U   B 2 4  ? 14.452  -6.563  8.212   1.00 131.56 ? 5   U   B "C1'" 1 
ATOM   359  N  N1    . U   B 2 4  ? 13.880  -6.901  6.900   1.00 129.32 ? 5   U   B N1    1 
ATOM   360  C  C2    . U   B 2 4  ? 14.740  -6.979  5.810   1.00 128.06 ? 5   U   B C2    1 
ATOM   361  O  O2    . U   B 2 4  ? 15.941  -6.755  5.885   1.00 126.27 ? 5   U   B O2    1 
ATOM   362  N  N3    . U   B 2 4  ? 14.134  -7.322  4.628   1.00 127.60 ? 5   U   B N3    1 
ATOM   363  C  C4    . U   B 2 4  ? 12.787  -7.582  4.424   1.00 128.38 ? 5   U   B C4    1 
ATOM   364  O  O4    . U   B 2 4  ? 12.396  -7.900  3.303   1.00 129.54 ? 5   U   B O4    1 
ATOM   365  C  C5    . U   B 2 4  ? 11.967  -7.466  5.592   1.00 128.46 ? 5   U   B C5    1 
ATOM   366  C  C6    . U   B 2 4  ? 12.526  -7.140  6.760   1.00 128.72 ? 5   U   B C6    1 
ATOM   367  P  P     . G   B 2 5  ? 13.481  -1.797  8.501   1.00 137.50 ? 6   G   B P     1 
ATOM   368  O  OP1   . G   B 2 5  ? 13.664  -0.673  9.461   1.00 137.05 ? 6   G   B OP1   1 
ATOM   369  O  OP2   . G   B 2 5  ? 12.111  -2.176  8.045   1.00 135.81 ? 6   G   B OP2   1 
ATOM   370  O  "O5'" . G   B 2 5  ? 14.416  -1.569  7.240   1.00 131.30 ? 6   G   B "O5'" 1 
ATOM   371  C  "C5'" . G   B 2 5  ? 15.795  -1.376  7.452   1.00 125.76 ? 6   G   B "C5'" 1 
ATOM   372  C  "C4'" . G   B 2 5  ? 16.554  -1.494  6.169   1.00 122.36 ? 6   G   B "C4'" 1 
ATOM   373  O  "O4'" . G   B 2 5  ? 16.592  -2.886  5.754   1.00 121.62 ? 6   G   B "O4'" 1 
ATOM   374  C  "C3'" . G   B 2 5  ? 15.904  -0.800  4.987   1.00 120.73 ? 6   G   B "C3'" 1 
ATOM   375  O  "O3'" . G   B 2 5  ? 16.112  0.604   4.964   1.00 120.25 ? 6   G   B "O3'" 1 
ATOM   376  C  "C2'" . G   B 2 5  ? 16.548  -1.516  3.811   1.00 120.09 ? 6   G   B "C2'" 1 
ATOM   377  O  "O2'" . G   B 2 5  ? 17.860  -1.060  3.522   1.00 119.32 ? 6   G   B "O2'" 1 
ATOM   378  C  "C1'" . G   B 2 5  ? 16.603  -2.948  4.338   1.00 117.57 ? 6   G   B "C1'" 1 
ATOM   379  N  N9    . G   B 2 5  ? 15.443  -3.687  3.866   1.00 114.29 ? 6   G   B N9    1 
ATOM   380  C  C8    . G   B 2 5  ? 14.298  -4.011  4.548   1.00 113.34 ? 6   G   B C8    1 
ATOM   381  N  N7    . G   B 2 5  ? 13.427  -4.639  3.805   1.00 112.55 ? 6   G   B N7    1 
ATOM   382  C  C5    . G   B 2 5  ? 14.046  -4.740  2.565   1.00 111.87 ? 6   G   B C5    1 
ATOM   383  C  C6    . G   B 2 5  ? 13.594  -5.311  1.348   1.00 111.13 ? 6   G   B C6    1 
ATOM   384  O  O6    . G   B 2 5  ? 12.516  -5.865  1.111   1.00 111.25 ? 6   G   B O6    1 
ATOM   385  N  N1    . G   B 2 5  ? 14.546  -5.185  0.337   1.00 110.16 ? 6   G   B N1    1 
ATOM   386  C  C2    . G   B 2 5  ? 15.776  -4.586  0.481   1.00 109.94 ? 6   G   B C2    1 
ATOM   387  N  N2    . G   B 2 5  ? 16.558  -4.559  -0.598  1.00 110.17 ? 6   G   B N2    1 
ATOM   388  N  N3    . G   B 2 5  ? 16.203  -4.054  1.604   1.00 110.20 ? 6   G   B N3    1 
ATOM   389  C  C4    . G   B 2 5  ? 15.294  -4.164  2.598   1.00 112.18 ? 6   G   B C4    1 
ATOM   390  P  P     . A   B 2 6  ? 15.027  1.553   4.239   1.00 118.26 ? 7   A   B P     1 
ATOM   391  O  OP1   . A   B 2 6  ? 15.316  2.983   4.539   1.00 119.27 ? 7   A   B OP1   1 
ATOM   392  O  OP2   . A   B 2 6  ? 13.688  0.987   4.569   1.00 116.53 ? 7   A   B OP2   1 
ATOM   393  O  "O5'" . A   B 2 6  ? 15.336  1.352   2.690   1.00 117.32 ? 7   A   B "O5'" 1 
ATOM   394  C  "C5'" . A   B 2 6  ? 16.674  1.439   2.199   1.00 111.49 ? 7   A   B "C5'" 1 
ATOM   395  C  "C4'" . A   B 2 6  ? 16.744  0.864   0.810   1.00 107.67 ? 7   A   B "C4'" 1 
ATOM   396  O  "O4'" . A   B 2 6  ? 16.452  -0.556  0.850   1.00 106.96 ? 7   A   B "O4'" 1 
ATOM   397  C  "C3'" . A   B 2 6  ? 15.691  1.419   -0.116  1.00 103.80 ? 7   A   B "C3'" 1 
ATOM   398  O  "O3'" . A   B 2 6  ? 16.147  2.621   -0.682  1.00 101.28 ? 7   A   B "O3'" 1 
ATOM   399  C  "C2'" . A   B 2 6  ? 15.557  0.323   -1.157  1.00 104.25 ? 7   A   B "C2'" 1 
ATOM   400  O  "O2'" . A   B 2 6  ? 16.591  0.376   -2.115  1.00 105.56 ? 7   A   B "O2'" 1 
ATOM   401  C  "C1'" . A   B 2 6  ? 15.710  -0.928  -0.300  1.00 104.89 ? 7   A   B "C1'" 1 
ATOM   402  N  N9    . A   B 2 6  ? 14.428  -1.472  0.139   1.00 104.90 ? 7   A   B N9    1 
ATOM   403  C  C8    . A   B 2 6  ? 13.828  -1.351  1.374   1.00 103.97 ? 7   A   B C8    1 
ATOM   404  N  N7    . A   B 2 6  ? 12.679  -1.970  1.471   1.00 104.25 ? 7   A   B N7    1 
ATOM   405  C  C5    . A   B 2 6  ? 12.505  -2.534  0.215   1.00 103.57 ? 7   A   B C5    1 
ATOM   406  C  C6    . A   B 2 6  ? 11.484  -3.329  -0.325  1.00 102.80 ? 7   A   B C6    1 
ATOM   407  N  N6    . A   B 2 6  ? 10.409  -3.722  0.372   1.00 101.20 ? 7   A   B N6    1 
ATOM   408  N  N1    . A   B 2 6  ? 11.609  -3.720  -1.620  1.00 102.46 ? 7   A   B N1    1 
ATOM   409  C  C2    . A   B 2 6  ? 12.699  -3.339  -2.306  1.00 102.28 ? 7   A   B C2    1 
ATOM   410  N  N3    . A   B 2 6  ? 13.733  -2.605  -1.902  1.00 101.84 ? 7   A   B N3    1 
ATOM   411  C  C4    . A   B 2 6  ? 13.571  -2.230  -0.618  1.00 103.77 ? 7   A   B C4    1 
ATOM   412  P  P     . G   B 2 7  ? 15.089  3.747   -1.068  1.00 103.70 ? 8   G   B P     1 
ATOM   413  O  OP1   . G   B 2 7  ? 15.819  4.887   -1.679  1.00 101.62 ? 8   G   B OP1   1 
ATOM   414  O  OP2   . G   B 2 7  ? 14.260  3.960   0.149   1.00 99.43  ? 8   G   B OP2   1 
ATOM   415  O  "O5'" . G   B 2 7  ? 14.212  3.052   -2.207  1.00 102.94 ? 8   G   B "O5'" 1 
ATOM   416  C  "C5'" . G   B 2 7  ? 14.825  2.377   -3.318  1.00 97.11  ? 8   G   B "C5'" 1 
ATOM   417  C  "C4'" . G   B 2 7  ? 13.771  1.743   -4.227  1.00 97.55  ? 8   G   B "C4'" 1 
ATOM   418  O  "O4'" . G   B 2 7  ? 13.036  0.689   -3.532  1.00 96.20  ? 8   G   B "O4'" 1 
ATOM   419  C  "C3'" . G   B 2 7  ? 12.730  2.779   -4.625  1.00 94.85  ? 8   G   B "C3'" 1 
ATOM   420  O  "O3'" . G   B 2 7  ? 12.202  2.582   -5.923  1.00 91.95  ? 8   G   B "O3'" 1 
ATOM   421  C  "C2'" . G   B 2 7  ? 11.551  2.565   -3.681  1.00 95.01  ? 8   G   B "C2'" 1 
ATOM   422  O  "O2'" . G   B 2 7  ? 10.284  2.792   -4.254  1.00 96.13  ? 8   G   B "O2'" 1 
ATOM   423  C  "C1'" . G   B 2 7  ? 11.697  1.084   -3.349  1.00 94.04  ? 8   G   B "C1'" 1 
ATOM   424  N  N9    . G   B 2 7  ? 11.193  0.642   -2.056  1.00 94.52  ? 8   G   B N9    1 
ATOM   425  C  C8    . G   B 2 7  ? 11.549  1.070   -0.804  1.00 95.33  ? 8   G   B C8    1 
ATOM   426  N  N7    . G   B 2 7  ? 10.835  0.526   0.143   1.00 95.11  ? 8   G   B N7    1 
ATOM   427  C  C5    . G   B 2 7  ? 9.968   -0.326  -0.531  1.00 94.69  ? 8   G   B C5    1 
ATOM   428  C  C6    . G   B 2 7  ? 8.946   -1.183  -0.045  1.00 94.67  ? 8   G   B C6    1 
ATOM   429  O  O6    . G   B 2 7  ? 8.588   -1.376  1.124   1.00 96.59  ? 8   G   B O6    1 
ATOM   430  N  N1    . G   B 2 7  ? 8.314   -1.858  -1.081  1.00 93.35  ? 8   G   B N1    1 
ATOM   431  C  C2    . G   B 2 7  ? 8.629   -1.742  -2.408  1.00 93.34  ? 8   G   B C2    1 
ATOM   432  N  N2    . G   B 2 7  ? 7.905   -2.484  -3.251  1.00 93.41  ? 8   G   B N2    1 
ATOM   433  N  N3    . G   B 2 7  ? 9.580   -0.959  -2.871  1.00 94.38  ? 8   G   B N3    1 
ATOM   434  C  C4    . G   B 2 7  ? 10.200  -0.278  -1.886  1.00 94.80  ? 8   G   B C4    1 
ATOM   435  P  P     . A   B 2 8  ? 11.744  3.943   -6.616  1.00 93.69  ? 9   A   B P     1 
ATOM   436  O  OP1   . A   B 2 8  ? 13.023  4.544   -7.024  1.00 97.86  ? 9   A   B OP1   1 
ATOM   437  O  OP2   . A   B 2 8  ? 10.748  4.757   -5.876  1.00 90.73  ? 9   A   B OP2   1 
ATOM   438  O  "O5'" . A   B 2 8  ? 11.071  3.356   -7.934  1.00 92.84  ? 9   A   B "O5'" 1 
ATOM   439  C  "C5'" . A   B 2 8  ? 11.878  2.741   -8.938  1.00 89.76  ? 9   A   B "C5'" 1 
ATOM   440  C  "C4'" . A   B 2 8  ? 11.054  1.792   -9.779  1.00 86.24  ? 9   A   B "C4'" 1 
ATOM   441  O  "O4'" . A   B 2 8  ? 10.757  0.575   -9.046  1.00 86.59  ? 9   A   B "O4'" 1 
ATOM   442  C  "C3'" . A   B 2 8  ? 9.706   2.328   -10.200 1.00 85.29  ? 9   A   B "C3'" 1 
ATOM   443  O  "O3'" . A   B 2 8  ? 9.847   3.096   -11.360 1.00 85.83  ? 9   A   B "O3'" 1 
ATOM   444  C  "C2'" . A   B 2 8  ? 8.913   1.062   -10.469 1.00 84.88  ? 9   A   B "C2'" 1 
ATOM   445  O  "O2'" . A   B 2 8  ? 9.188   0.518   -11.744 1.00 85.87  ? 9   A   B "O2'" 1 
ATOM   446  C  "C1'" . A   B 2 8  ? 9.450   0.138   -9.376  1.00 86.37  ? 9   A   B "C1'" 1 
ATOM   447  N  N9    . A   B 2 8  ? 8.660   0.157   -8.151  1.00 85.68  ? 9   A   B N9    1 
ATOM   448  C  C8    . A   B 2 8  ? 9.008   0.729   -6.965  1.00 83.98  ? 9   A   B C8    1 
ATOM   449  N  N7    . A   B 2 8  ? 8.145   0.523   -6.008  1.00 82.69  ? 9   A   B N7    1 
ATOM   450  C  C5    . A   B 2 8  ? 7.158   -0.227  -6.610  1.00 83.25  ? 9   A   B C5    1 
ATOM   451  C  C6    . A   B 2 8  ? 5.999   -0.794  -6.113  1.00 82.53  ? 9   A   B C6    1 
ATOM   452  N  N6    . A   B 2 8  ? 5.644   -0.719  -4.839  1.00 79.95  ? 9   A   B N6    1 
ATOM   453  N  N1    . A   B 2 8  ? 5.213   -1.469  -6.968  1.00 82.88  ? 9   A   B N1    1 
ATOM   454  C  C2    . A   B 2 8  ? 5.601   -1.572  -8.243  1.00 84.25  ? 9   A   B C2    1 
ATOM   455  N  N3    . A   B 2 8  ? 6.690   -1.099  -8.828  1.00 85.26  ? 9   A   B N3    1 
ATOM   456  C  C4    . A   B 2 8  ? 7.441   -0.430  -7.940  1.00 84.30  ? 9   A   B C4    1 
ATOM   457  P  P     . A   B 2 9  ? 9.053   4.462   -11.468 1.00 93.19  ? 10  A   B P     1 
ATOM   458  O  OP1   . A   B 2 9  ? 9.405   5.065   -12.778 1.00 94.37  ? 10  A   B OP1   1 
ATOM   459  O  OP2   . A   B 2 9  ? 9.286   5.208   -10.203 1.00 90.65  ? 10  A   B OP2   1 
ATOM   460  O  "O5'" . A   B 2 9  ? 7.531   4.009   -11.513 1.00 89.41  ? 10  A   B "O5'" 1 
ATOM   461  C  "C5'" . A   B 2 9  ? 7.021   3.288   -12.629 1.00 82.88  ? 10  A   B "C5'" 1 
ATOM   462  C  "C4'" . A   B 2 9  ? 5.580   2.903   -12.389 1.00 80.03  ? 10  A   B "C4'" 1 
ATOM   463  O  "O4'" . A   B 2 9  ? 5.515   1.816   -11.439 1.00 80.04  ? 10  A   B "O4'" 1 
ATOM   464  C  "C3'" . A   B 2 9  ? 4.716   3.985   -11.781 1.00 78.09  ? 10  A   B "C3'" 1 
ATOM   465  O  "O3'" . A   B 2 9  ? 4.199   4.820   -12.793 1.00 76.93  ? 10  A   B "O3'" 1 
ATOM   466  C  "C2'" . A   B 2 9  ? 3.609   3.178   -11.132 1.00 76.62  ? 10  A   B "C2'" 1 
ATOM   467  O  "O2'" . A   B 2 9  ? 2.656   2.746   -12.058 1.00 74.04  ? 10  A   B "O2'" 1 
ATOM   468  C  "C1'" . A   B 2 9  ? 4.378   1.966   -10.626 1.00 77.97  ? 10  A   B "C1'" 1 
ATOM   469  N  N9    . A   B 2 9  ? 4.834   2.132   -9.256  1.00 80.09  ? 10  A   B N9    1 
ATOM   470  C  C8    . A   B 2 9  ? 6.044   2.593   -8.811  1.00 80.71  ? 10  A   B C8    1 
ATOM   471  N  N7    . A   B 2 9  ? 6.132   2.665   -7.506  1.00 81.82  ? 10  A   B N7    1 
ATOM   472  C  C5    . A   B 2 9  ? 4.899   2.215   -7.072  1.00 81.39  ? 10  A   B C5    1 
ATOM   473  C  C6    . A   B 2 9  ? 4.366   2.066   -5.809  1.00 81.72  ? 10  A   B C6    1 
ATOM   474  N  N6    . A   B 2 9  ? 5.032   2.377   -4.709  1.00 86.43  ? 10  A   B N6    1 
ATOM   475  N  N1    . A   B 2 9  ? 3.110   1.584   -5.702  1.00 81.27  ? 10  A   B N1    1 
ATOM   476  C  C2    . A   B 2 9  ? 2.451   1.276   -6.820  1.00 80.57  ? 10  A   B C2    1 
ATOM   477  N  N3    . A   B 2 9  ? 2.848   1.380   -8.079  1.00 79.67  ? 10  A   B N3    1 
ATOM   478  C  C4    . A   B 2 9  ? 4.098   1.866   -8.135  1.00 80.37  ? 10  A   B C4    1 
ATOM   479  P  P     . G   B 2 10 ? 3.664   6.278   -12.418 1.00 80.23  ? 11  G   B P     1 
ATOM   480  O  OP1   . G   B 2 10 ? 2.984   6.843   -13.599 1.00 82.18  ? 11  G   B OP1   1 
ATOM   481  O  OP2   . G   B 2 10 ? 4.798   7.007   -11.802 1.00 81.87  ? 11  G   B OP2   1 
ATOM   482  O  "O5'" . G   B 2 10 ? 2.525   6.012   -11.343 1.00 74.22  ? 11  G   B "O5'" 1 
ATOM   483  C  "C5'" . G   B 2 10 ? 1.240   5.579   -11.760 1.00 68.94  ? 11  G   B "C5'" 1 
ATOM   484  C  "C4'" . G   B 2 10 ? 0.366   5.299   -10.570 1.00 72.61  ? 11  G   B "C4'" 1 
ATOM   485  O  "O4'" . G   B 2 10 ? 1.041   4.365   -9.701  1.00 70.30  ? 11  G   B "O4'" 1 
ATOM   486  C  "C3'" . G   B 2 10 ? 0.088   6.483   -9.677  1.00 71.06  ? 11  G   B "C3'" 1 
ATOM   487  O  "O3'" . G   B 2 10 ? -0.997  7.262   -10.141 1.00 68.32  ? 11  G   B "O3'" 1 
ATOM   488  C  "C2'" . G   B 2 10 ? -0.248  5.806   -8.367  1.00 68.15  ? 11  G   B "C2'" 1 
ATOM   489  O  "O2'" . G   B 2 10 ? -1.539  5.239   -8.392  1.00 64.73  ? 11  G   B "O2'" 1 
ATOM   490  C  "C1'" . G   B 2 10 ? 0.770   4.681   -8.356  1.00 69.83  ? 11  G   B "C1'" 1 
ATOM   491  N  N9    . G   B 2 10 ? 2.031   5.051   -7.713  1.00 71.28  ? 11  G   B N9    1 
ATOM   492  C  C8    . G   B 2 10 ? 3.214   5.376   -8.329  1.00 72.31  ? 11  G   B C8    1 
ATOM   493  N  N7    . G   B 2 10 ? 4.194   5.587   -7.485  1.00 74.64  ? 11  G   B N7    1 
ATOM   494  C  C5    . G   B 2 10 ? 3.615   5.406   -6.234  1.00 71.64  ? 11  G   B C5    1 
ATOM   495  C  C6    . G   B 2 10 ? 4.173   5.503   -4.921  1.00 73.27  ? 11  G   B C6    1 
ATOM   496  O  O6    . G   B 2 10 ? 5.339   5.750   -4.586  1.00 75.26  ? 11  G   B O6    1 
ATOM   497  N  N1    . G   B 2 10 ? 3.216   5.271   -3.947  1.00 71.18  ? 11  G   B N1    1 
ATOM   498  C  C2    . G   B 2 10 ? 1.906   4.976   -4.189  1.00 70.82  ? 11  G   B C2    1 
ATOM   499  N  N2    . G   B 2 10 ? 1.144   4.783   -3.121  1.00 66.95  ? 11  G   B N2    1 
ATOM   500  N  N3    . G   B 2 10 ? 1.378   4.876   -5.386  1.00 70.86  ? 11  G   B N3    1 
ATOM   501  C  C4    . G   B 2 10 ? 2.277   5.100   -6.357  1.00 70.63  ? 11  G   B C4    1 
ATOM   502  P  P     . G   B 2 11 ? -1.159  8.775   -9.622  1.00 73.67  ? 12  G   B P     1 
ATOM   503  O  OP1   . G   B 2 11 ? -2.280  9.459   -10.330 1.00 68.82  ? 12  G   B OP1   1 
ATOM   504  O  OP2   . G   B 2 11 ? 0.209   9.338   -9.662  1.00 71.39  ? 12  G   B OP2   1 
ATOM   505  O  "O5'" . G   B 2 11 ? -1.619  8.641   -8.106  1.00 71.07  ? 12  G   B "O5'" 1 
ATOM   506  C  "C5'" . G   B 2 11 ? -2.944  8.256   -7.813  1.00 67.15  ? 12  G   B "C5'" 1 
ATOM   507  C  "C4'" . G   B 2 11 ? -3.144  8.122   -6.341  1.00 68.61  ? 12  G   B "C4'" 1 
ATOM   508  O  "O4'" . G   B 2 11 ? -2.156  7.215   -5.826  1.00 68.69  ? 12  G   B "O4'" 1 
ATOM   509  C  "C3'" . G   B 2 11 ? -2.880  9.374   -5.556  1.00 69.97  ? 12  G   B "C3'" 1 
ATOM   510  O  "O3'" . G   B 2 11 ? -3.974  10.241  -5.575  1.00 73.69  ? 12  G   B "O3'" 1 
ATOM   511  C  "C2'" . G   B 2 11 ? -2.627  8.813   -4.181  1.00 69.44  ? 12  G   B "C2'" 1 
ATOM   512  O  "O2'" . G   B 2 11 ? -3.836  8.340   -3.616  1.00 69.13  ? 12  G   B "O2'" 1 
ATOM   513  C  "C1'" . G   B 2 11 ? -1.771  7.616   -4.535  1.00 65.50  ? 12  G   B "C1'" 1 
ATOM   514  N  N9    . G   B 2 11 ? -0.357  7.980   -4.548  1.00 66.63  ? 12  G   B N9    1 
ATOM   515  C  C8    . G   B 2 11 ? 0.460   8.222   -5.628  1.00 66.02  ? 12  G   B C8    1 
ATOM   516  N  N7    . G   B 2 11 ? 1.698   8.460   -5.285  1.00 65.74  ? 12  G   B N7    1 
ATOM   517  C  C5    . G   B 2 11 ? 1.689   8.372   -3.897  1.00 63.72  ? 12  G   B C5    1 
ATOM   518  C  C6    . G   B 2 11 ? 2.735   8.491   -2.950  1.00 64.91  ? 12  G   B C6    1 
ATOM   519  O  O6    . G   B 2 11 ? 3.928   8.670   -3.147  1.00 66.80  ? 12  G   B O6    1 
ATOM   520  N  N1    . G   B 2 11 ? 2.266   8.365   -1.650  1.00 65.38  ? 12  G   B N1    1 
ATOM   521  C  C2    . G   B 2 11 ? 0.970   8.142   -1.305  1.00 66.75  ? 12  G   B C2    1 
ATOM   522  N  N2    . G   B 2 11 ? 0.712   8.073   0.000   1.00 67.11  ? 12  G   B N2    1 
ATOM   523  N  N3    . G   B 2 11 ? -0.006  8.000   -2.169  1.00 68.17  ? 12  G   B N3    1 
ATOM   524  C  C4    . G   B 2 11 ? 0.418   8.118   -3.437  1.00 66.62  ? 12  G   B C4    1 
ATOM   525  P  P     . G   B 2 12 ? -3.716  11.802  -5.452  1.00 77.84  ? 13  G   B P     1 
ATOM   526  O  OP1   . G   B 2 12 ? -5.032  12.473  -5.432  1.00 73.70  ? 13  G   B OP1   1 
ATOM   527  O  OP2   . G   B 2 12 ? -2.723  12.126  -6.520  1.00 72.00  ? 13  G   B OP2   1 
ATOM   528  O  "O5'" . G   B 2 12 ? -3.117  11.926  -3.982  1.00 74.59  ? 13  G   B "O5'" 1 
ATOM   529  C  "C5'" . G   B 2 12 ? -3.944  11.651  -2.852  1.00 71.64  ? 13  G   B "C5'" 1 
ATOM   530  C  "C4'" . G   B 2 12 ? -3.167  11.783  -1.562  1.00 74.34  ? 13  G   B "C4'" 1 
ATOM   531  O  "O4'" . G   B 2 12 ? -2.035  10.892  -1.604  1.00 73.56  ? 13  G   B "O4'" 1 
ATOM   532  C  "C3'" . G   B 2 12 ? -2.542  13.146  -1.315  1.00 74.17  ? 13  G   B "C3'" 1 
ATOM   533  O  "O3'" . G   B 2 12 ? -3.490  14.011  -0.693  1.00 81.23  ? 13  G   B "O3'" 1 
ATOM   534  C  "C2'" . G   B 2 12 ? -1.401  12.805  -0.364  1.00 73.70  ? 13  G   B "C2'" 1 
ATOM   535  O  "O2'" . G   B 2 12 ? -1.810  12.620  0.970   1.00 80.26  ? 13  G   B "O2'" 1 
ATOM   536  C  "C1'" . G   B 2 12 ? -0.959  11.460  -0.901  1.00 69.62  ? 13  G   B "C1'" 1 
ATOM   537  N  N9    . G   B 2 12 ? 0.177   11.597  -1.789  1.00 66.34  ? 13  G   B N9    1 
ATOM   538  C  C8    . G   B 2 12 ? 0.209   11.558  -3.157  1.00 66.27  ? 13  G   B C8    1 
ATOM   539  N  N7    . G   B 2 12 ? 1.412   11.696  -3.634  1.00 63.18  ? 13  G   B N7    1 
ATOM   540  C  C5    . G   B 2 12 ? 2.204   11.837  -2.504  1.00 65.22  ? 13  G   B C5    1 
ATOM   541  C  C6    . G   B 2 12 ? 3.584   12.007  -2.375  1.00 68.17  ? 13  G   B C6    1 
ATOM   542  O  O6    . G   B 2 12 ? 4.438   12.095  -3.266  1.00 73.81  ? 13  G   B O6    1 
ATOM   543  N  N1    . G   B 2 12 ? 3.967   12.081  -1.045  1.00 67.51  ? 13  G   B N1    1 
ATOM   544  C  C2    . G   B 2 12 ? 3.124   11.999  0.019   1.00 67.11  ? 13  G   B C2    1 
ATOM   545  N  N2    . G   B 2 12 ? 3.709   12.034  1.217   1.00 65.24  ? 13  G   B N2    1 
ATOM   546  N  N3    . G   B 2 12 ? 1.821   11.873  -0.090  1.00 66.15  ? 13  G   B N3    1 
ATOM   547  C  C4    . G   B 2 12 ? 1.434   11.786  -1.369  1.00 65.45  ? 13  G   B C4    1 
HETATM 548  P  P     . S9L B 2 13 ? -3.441  15.585  -0.978  1.00 85.54  ? 14  S9L B P     1 
HETATM 549  O  O1P   . S9L B 2 13 ? -3.230  15.800  -2.447  1.00 79.16  ? 14  S9L B O1P   1 
HETATM 550  O  O2P   . S9L B 2 13 ? -4.629  16.187  -0.313  1.00 86.16  ? 14  S9L B O2P   1 
HETATM 551  O  "O5'" . S9L B 2 13 ? -2.128  16.089  -0.187  1.00 93.67  ? 14  S9L B "O5'" 1 
HETATM 552  C  C12   . S9L B 2 13 ? -1.762  15.633  1.133   1.00 101.76 ? 14  S9L B C12   1 
HETATM 553  C  C22   . S9L B 2 13 ? -2.844  16.004  2.182   1.00 108.29 ? 14  S9L B C22   1 
HETATM 554  O  OH3   . S9L B 2 13 ? -2.316  16.986  3.075   1.00 117.53 ? 14  S9L B OH3   1 
HETATM 555  C  C13   . S9L B 2 13 ? -1.058  19.011  2.532   1.00 122.50 ? 14  S9L B C13   1 
HETATM 556  C  C23   . S9L B 2 13 ? -2.447  18.328  2.556   1.00 120.68 ? 14  S9L B C23   1 
HETATM 557  O  OH4   . S9L B 2 13 ? -1.052  20.106  3.470   1.00 125.09 ? 14  S9L B OH4   1 
HETATM 558  C  C14   . S9L B 2 13 ? -1.349  20.520  5.879   1.00 114.34 ? 14  S9L B C14   1 
HETATM 559  C  C24   . S9L B 2 13 ? -0.570  19.735  4.786   1.00 119.27 ? 14  S9L B C24   1 
HETATM 560  O  "O3'" . S9L B 2 13 ? -2.051  19.623  6.761   1.00 97.54  ? 14  S9L B "O3'" 1 
ATOM   561  P  P     . G   B 2 14 ? -2.208  18.169  7.435   1.00 93.00  ? 15  G   B P     1 
ATOM   562  O  OP1   . G   B 2 14 ? -1.570  17.141  6.571   1.00 96.09  ? 15  G   B OP1   1 
ATOM   563  O  OP2   . G   B 2 14 ? -3.626  18.021  7.814   1.00 92.15  ? 15  G   B OP2   1 
ATOM   564  O  "O5'" . G   B 2 14 ? -1.400  18.275  8.800   1.00 92.46  ? 15  G   B "O5'" 1 
ATOM   565  C  "C5'" . G   B 2 14 ? -0.073  18.794  8.851   1.00 86.12  ? 15  G   B "C5'" 1 
ATOM   566  C  "C4'" . G   B 2 14 ? 0.464   18.675  10.260  1.00 83.16  ? 15  G   B "C4'" 1 
ATOM   567  O  "O4'" . G   B 2 14 ? -0.205  19.625  11.123  1.00 85.39  ? 15  G   B "O4'" 1 
ATOM   568  C  "C3'" . G   B 2 14 ? 0.204   17.337  10.931  1.00 78.92  ? 15  G   B "C3'" 1 
ATOM   569  O  "O3'" . G   B 2 14 ? 1.247   16.429  10.627  1.00 75.93  ? 15  G   B "O3'" 1 
ATOM   570  C  "C2'" . G   B 2 14 ? 0.266   17.694  12.402  1.00 79.46  ? 15  G   B "C2'" 1 
ATOM   571  O  "O2'" . G   B 2 14 ? 1.587   17.855  12.848  1.00 80.66  ? 15  G   B "O2'" 1 
ATOM   572  C  "C1'" . G   B 2 14 ? -0.389  19.063  12.408  1.00 80.98  ? 15  G   B "C1'" 1 
ATOM   573  N  N9    . G   B 2 14 ? -1.813  19.004  12.704  1.00 80.99  ? 15  G   B N9    1 
ATOM   574  C  C8    . G   B 2 14 ? -2.857  19.172  11.835  1.00 80.70  ? 15  G   B C8    1 
ATOM   575  N  N7    . G   B 2 14 ? -4.025  19.059  12.402  1.00 79.67  ? 15  G   B N7    1 
ATOM   576  C  C5    . G   B 2 14 ? -3.728  18.802  13.730  1.00 80.06  ? 15  G   B C5    1 
ATOM   577  C  C6    . G   B 2 14 ? -4.585  18.586  14.839  1.00 79.11  ? 15  G   B C6    1 
ATOM   578  O  O6    . G   B 2 14 ? -5.810  18.595  14.867  1.00 79.06  ? 15  G   B O6    1 
ATOM   579  N  N1    . G   B 2 14 ? -3.864  18.357  16.007  1.00 77.94  ? 15  G   B N1    1 
ATOM   580  C  C2    . G   B 2 14 ? -2.496  18.367  16.098  1.00 80.56  ? 15  G   B C2    1 
ATOM   581  N  N2    . G   B 2 14 ? -1.979  18.186  17.307  1.00 83.64  ? 15  G   B N2    1 
ATOM   582  N  N3    . G   B 2 14 ? -1.689  18.555  15.075  1.00 83.19  ? 15  G   B N3    1 
ATOM   583  C  C4    . G   B 2 14 ? -2.369  18.767  13.930  1.00 81.05  ? 15  G   B C4    1 
ATOM   584  P  P     . G   B 2 15 ? 1.022   14.844  10.802  1.00 74.47  ? 16  G   B P     1 
ATOM   585  O  OP1   . G   B 2 15 ? 2.165   14.181  10.129  1.00 81.24  ? 16  G   B OP1   1 
ATOM   586  O  OP2   . G   B 2 15 ? -0.364  14.500  10.448  1.00 68.15  ? 16  G   B OP2   1 
ATOM   587  O  "O5'" . G   B 2 15 ? 1.160   14.582  12.348  1.00 78.65  ? 16  G   B "O5'" 1 
ATOM   588  C  "C5'" . G   B 2 15 ? 2.427   14.551  12.966  1.00 79.39  ? 16  G   B "C5'" 1 
ATOM   589  C  "C4'" . G   B 2 15 ? 2.235   14.198  14.397  1.00 84.66  ? 16  G   B "C4'" 1 
ATOM   590  O  "O4'" . G   B 2 15 ? 1.443   15.236  15.004  1.00 87.83  ? 16  G   B "O4'" 1 
ATOM   591  C  "C3'" . G   B 2 15 ? 1.400   12.959  14.595  1.00 84.01  ? 16  G   B "C3'" 1 
ATOM   592  O  "O3'" . G   B 2 15 ? 2.189   11.804  14.554  1.00 84.69  ? 16  G   B "O3'" 1 
ATOM   593  C  "C2'" . G   B 2 15 ? 0.854   13.178  15.984  1.00 83.85  ? 16  G   B "C2'" 1 
ATOM   594  O  "O2'" . G   B 2 15 ? 1.886   12.973  16.925  1.00 86.76  ? 16  G   B "O2'" 1 
ATOM   595  C  "C1'" . G   B 2 15 ? 0.543   14.667  15.928  1.00 88.07  ? 16  G   B "C1'" 1 
ATOM   596  N  N9    . G   B 2 15 ? -0.800  14.922  15.423  1.00 90.90  ? 16  G   B N9    1 
ATOM   597  C  C8    . G   B 2 15 ? -1.131  15.257  14.139  1.00 91.81  ? 16  G   B C8    1 
ATOM   598  N  N7    . G   B 2 15 ? -2.409  15.453  13.977  1.00 93.43  ? 16  G   B N7    1 
ATOM   599  C  C5    . G   B 2 15 ? -2.952  15.231  15.232  1.00 92.30  ? 16  G   B C5    1 
ATOM   600  C  C6    . G   B 2 15 ? -4.288  15.311  15.675  1.00 93.49  ? 16  G   B C6    1 
ATOM   601  O  O6    . G   B 2 15 ? -5.288  15.617  15.032  1.00 93.23  ? 16  G   B O6    1 
ATOM   602  N  N1    . G   B 2 15 ? -4.400  15.000  17.020  1.00 94.74  ? 16  G   B N1    1 
ATOM   603  C  C2    . G   B 2 15 ? -3.358  14.663  17.839  1.00 94.43  ? 16  G   B C2    1 
ATOM   604  N  N2    . G   B 2 15 ? -3.670  14.387  19.103  1.00 96.42  ? 16  G   B N2    1 
ATOM   605  N  N3    . G   B 2 15 ? -2.101  14.600  17.443  1.00 93.49  ? 16  G   B N3    1 
ATOM   606  C  C4    . G   B 2 15 ? -1.973  14.892  16.133  1.00 92.35  ? 16  G   B C4    1 
ATOM   607  P  P     . C   B 2 16 ? 1.510   10.426  14.110  1.00 78.39  ? 17  C   B P     1 
ATOM   608  O  OP1   . C   B 2 16 ? 2.602   9.423   14.060  1.00 81.20  ? 17  C   B OP1   1 
ATOM   609  O  OP2   . C   B 2 16 ? 0.692   10.722  12.907  1.00 81.40  ? 17  C   B OP2   1 
ATOM   610  O  "O5'" . C   B 2 16 ? 0.540   10.015  15.300  1.00 81.18  ? 17  C   B "O5'" 1 
ATOM   611  C  "C5'" . C   B 2 16 ? 1.080   9.573   16.531  1.00 85.02  ? 17  C   B "C5'" 1 
ATOM   612  C  "C4'" . C   B 2 16 ? -0.012  9.424   17.537  1.00 84.09  ? 17  C   B "C4'" 1 
ATOM   613  O  "O4'" . C   B 2 16 ? -0.701  10.693  17.638  1.00 83.55  ? 17  C   B "O4'" 1 
ATOM   614  C  "C3'" . C   B 2 16 ? -1.113  8.495   17.089  1.00 82.76  ? 17  C   B "C3'" 1 
ATOM   615  O  "O3'" . C   B 2 16 ? -0.818  7.148   17.342  1.00 85.32  ? 17  C   B "O3'" 1 
ATOM   616  C  "C2'" . C   B 2 16 ? -2.275  8.960   17.928  1.00 81.77  ? 17  C   B "C2'" 1 
ATOM   617  O  "O2'" . C   B 2 16 ? -2.114  8.541   19.263  1.00 80.78  ? 17  C   B "O2'" 1 
ATOM   618  C  "C1'" . C   B 2 16 ? -2.074  10.464  17.878  1.00 82.28  ? 17  C   B "C1'" 1 
ATOM   619  N  N1    . C   B 2 16 ? -2.854  11.060  16.794  1.00 83.03  ? 17  C   B N1    1 
ATOM   620  C  C2    . C   B 2 16 ? -4.215  11.270  16.998  1.00 83.18  ? 17  C   B C2    1 
ATOM   621  O  O2    . C   B 2 16 ? -4.714  10.961  18.092  1.00 85.08  ? 17  C   B O2    1 
ATOM   622  N  N3    . C   B 2 16 ? -4.954  11.805  16.011  1.00 81.79  ? 17  C   B N3    1 
ATOM   623  C  C4    . C   B 2 16 ? -4.383  12.133  14.863  1.00 80.30  ? 17  C   B C4    1 
ATOM   624  N  N4    . C   B 2 16 ? -5.155  12.648  13.926  1.00 80.08  ? 17  C   B N4    1 
ATOM   625  C  C5    . C   B 2 16 ? -2.997  11.942  14.630  1.00 80.41  ? 17  C   B C5    1 
ATOM   626  C  C6    . C   B 2 16 ? -2.275  11.404  15.612  1.00 80.59  ? 17  C   B C6    1 
ATOM   627  P  P     . A   B 2 17 ? -1.547  6.023   16.467  1.00 88.92  ? 18  A   B P     1 
ATOM   628  O  OP1   . A   B 2 17 ? -1.010  4.696   16.881  1.00 85.63  ? 18  A   B OP1   1 
ATOM   629  O  OP2   . A   B 2 17 ? -1.464  6.468   15.051  1.00 86.89  ? 18  A   B OP2   1 
ATOM   630  O  "O5'" . A   B 2 17 ? -3.076  6.122   16.891  1.00 85.80  ? 18  A   B "O5'" 1 
ATOM   631  C  "C5'" . A   B 2 17 ? -3.493  5.639   18.155  1.00 85.40  ? 18  A   B "C5'" 1 
ATOM   632  C  "C4'" . A   B 2 17 ? -4.982  5.775   18.314  1.00 86.38  ? 18  A   B "C4'" 1 
ATOM   633  O  "O4'" . A   B 2 17 ? -5.357  7.174   18.236  1.00 86.63  ? 18  A   B "O4'" 1 
ATOM   634  C  "C3'" . A   B 2 17 ? -5.765  5.169   17.179  1.00 89.03  ? 18  A   B "C3'" 1 
ATOM   635  O  "O3'" . A   B 2 17 ? -5.905  3.787   17.317  1.00 92.92  ? 18  A   B "O3'" 1 
ATOM   636  C  "C2'" . A   B 2 17 ? -7.090  5.888   17.284  1.00 87.54  ? 18  A   B "C2'" 1 
ATOM   637  O  "O2'" . A   B 2 17 ? -7.857  5.360   18.345  1.00 91.01  ? 18  A   B "O2'" 1 
ATOM   638  C  "C1'" . A   B 2 17 ? -6.628  7.295   17.631  1.00 84.88  ? 18  A   B "C1'" 1 
ATOM   639  N  N9    . A   B 2 17 ? -6.508  8.090   16.423  1.00 84.78  ? 18  A   B N9    1 
ATOM   640  C  C8    . A   B 2 17 ? -5.402  8.430   15.697  1.00 83.46  ? 18  A   B C8    1 
ATOM   641  N  N7    . A   B 2 17 ? -5.670  9.138   14.629  1.00 81.82  ? 18  A   B N7    1 
ATOM   642  C  C5    . A   B 2 17 ? -7.050  9.278   14.664  1.00 81.94  ? 18  A   B C5    1 
ATOM   643  C  C6    . A   B 2 17 ? -7.963  9.924   13.812  1.00 81.45  ? 18  A   B C6    1 
ATOM   644  N  N6    . A   B 2 17 ? -7.617  10.599  12.723  1.00 79.32  ? 18  A   B N6    1 
ATOM   645  N  N1    . A   B 2 17 ? -9.270  9.855   14.129  1.00 82.61  ? 18  A   B N1    1 
ATOM   646  C  C2    . A   B 2 17 ? -9.626  9.199   15.240  1.00 85.12  ? 18  A   B C2    1 
ATOM   647  N  N3    . A   B 2 17 ? -8.863  8.566   16.125  1.00 84.06  ? 18  A   B N3    1 
ATOM   648  C  C4    . A   B 2 17 ? -7.573  8.642   15.767  1.00 83.85  ? 18  A   B C4    1 
ATOM   649  P  P     . G   B 2 18 ? -6.290  2.916   16.027  1.00 97.37  ? 19  G   B P     1 
ATOM   650  O  OP1   . G   B 2 18 ? -6.223  1.499   16.487  1.00 95.56  ? 19  G   B OP1   1 
ATOM   651  O  OP2   . G   B 2 18 ? -5.471  3.358   14.855  1.00 95.74  ? 19  G   B OP2   1 
ATOM   652  O  "O5'" . G   B 2 18 ? -7.798  3.330   15.713  1.00 94.97  ? 19  G   B "O5'" 1 
ATOM   653  C  "C5'" . G   B 2 18 ? -8.836  2.918   16.577  1.00 86.86  ? 19  G   B "C5'" 1 
ATOM   654  C  "C4'" . G   B 2 18 ? -10.170 3.425   16.097  1.00 85.22  ? 19  G   B "C4'" 1 
ATOM   655  O  "O4'" . G   B 2 18 ? -10.114 4.869   15.983  1.00 87.53  ? 19  G   B "O4'" 1 
ATOM   656  C  "C3'" . G   B 2 18 ? -10.573 2.988   14.698  1.00 87.35  ? 19  G   B "C3'" 1 
ATOM   657  O  "O3'" . G   B 2 18 ? -11.129 1.678   14.672  1.00 91.65  ? 19  G   B "O3'" 1 
ATOM   658  C  "C2'" . G   B 2 18 ? -11.585 4.058   14.314  1.00 87.94  ? 19  G   B "C2'" 1 
ATOM   659  O  "O2'" . G   B 2 18 ? -12.857 3.885   14.899  1.00 85.96  ? 19  G   B "O2'" 1 
ATOM   660  C  "C1'" . G   B 2 18 ? -10.950 5.293   14.930  1.00 86.14  ? 19  G   B "C1'" 1 
ATOM   661  N  N9    . G   B 2 18 ? -10.147 5.971   13.938  1.00 83.51  ? 19  G   B N9    1 
ATOM   662  C  C8    . G   B 2 18 ? -8.787  5.959   13.796  1.00 83.84  ? 19  G   B C8    1 
ATOM   663  N  N7    . G   B 2 18 ? -8.380  6.676   12.790  1.00 84.69  ? 19  G   B N7    1 
ATOM   664  C  C5    . G   B 2 18 ? -9.550  7.190   12.247  1.00 83.54  ? 19  G   B C5    1 
ATOM   665  C  C6    . G   B 2 18 ? -9.755  8.042   11.139  1.00 84.27  ? 19  G   B C6    1 
ATOM   666  O  O6    . G   B 2 18 ? -8.923  8.548   10.393  1.00 86.99  ? 19  G   B O6    1 
ATOM   667  N  N1    . G   B 2 18 ? -11.098 8.292   10.927  1.00 83.96  ? 19  G   B N1    1 
ATOM   668  C  C2    . G   B 2 18 ? -12.111 7.795   11.679  1.00 83.20  ? 19  G   B C2    1 
ATOM   669  N  N2    . G   B 2 18 ? -13.333 8.148   11.289  1.00 83.51  ? 19  G   B N2    1 
ATOM   670  N  N3    . G   B 2 18 ? -11.941 7.011   12.725  1.00 82.56  ? 19  G   B N3    1 
ATOM   671  C  C4    . G   B 2 18 ? -10.642 6.752   12.946  1.00 83.17  ? 19  G   B C4    1 
ATOM   672  P  P     . A   B 2 19 ? -10.896 0.742   13.385  1.00 95.79  ? 20  A   B P     1 
ATOM   673  O  OP1   . A   B 2 19 ? -11.615 -0.533  13.633  1.00 94.19  ? 20  A   B OP1   1 
ATOM   674  O  OP2   . A   B 2 19 ? -9.437  0.726   13.105  1.00 96.32  ? 20  A   B OP2   1 
ATOM   675  O  "O5'" . A   B 2 19 ? -11.648 1.522   12.217  1.00 95.89  ? 20  A   B "O5'" 1 
ATOM   676  C  "C5'" . A   B 2 19 ? -13.053 1.707   12.300  1.00 93.40  ? 20  A   B "C5'" 1 
ATOM   677  C  "C4'" . A   B 2 19 ? -13.551 2.633   11.219  1.00 91.15  ? 20  A   B "C4'" 1 
ATOM   678  O  "O4'" . A   B 2 19 ? -12.998 3.956   11.410  1.00 91.68  ? 20  A   B "O4'" 1 
ATOM   679  C  "C3'" . A   B 2 19 ? -13.137 2.268   9.816   1.00 88.43  ? 20  A   B "C3'" 1 
ATOM   680  O  "O3'" . A   B 2 19 ? -13.969 1.265   9.272   1.00 88.85  ? 20  A   B "O3'" 1 
ATOM   681  C  "C2'" . A   B 2 19 ? -13.257 3.598   9.088   1.00 87.87  ? 20  A   B "C2'" 1 
ATOM   682  O  "O2'" . A   B 2 19 ? -14.564 3.945   8.709   1.00 88.78  ? 20  A   B "O2'" 1 
ATOM   683  C  "C1'" . A   B 2 19 ? -12.766 4.562   10.158  1.00 87.80  ? 20  A   B "C1'" 1 
ATOM   684  N  N9    . A   B 2 19 ? -11.338 4.752   10.013  1.00 84.36  ? 20  A   B N9    1 
ATOM   685  C  C8    . A   B 2 19 ? -10.301 4.212   10.728  1.00 84.10  ? 20  A   B C8    1 
ATOM   686  N  N7    . A   B 2 19 ? -9.124  4.545   10.271  1.00 84.86  ? 20  A   B N7    1 
ATOM   687  C  C5    . A   B 2 19 ? -9.416  5.374   9.195   1.00 80.66  ? 20  A   B C5    1 
ATOM   688  C  C6    . A   B 2 19 ? -8.608  6.049   8.286   1.00 79.80  ? 20  A   B C6    1 
ATOM   689  N  N6    . A   B 2 19 ? -7.277  5.989   8.305   1.00 79.55  ? 20  A   B N6    1 
ATOM   690  N  N1    . A   B 2 19 ? -9.214  6.796   7.337   1.00 81.04  ? 20  A   B N1    1 
ATOM   691  C  C2    . A   B 2 19 ? -10.545 6.845   7.315   1.00 80.85  ? 20  A   B C2    1 
ATOM   692  N  N3    . A   B 2 19 ? -11.415 6.248   8.115   1.00 80.97  ? 20  A   B N3    1 
ATOM   693  C  C4    . A   B 2 19 ? -10.773 5.520   9.042   1.00 81.48  ? 20  A   B C4    1 
ATOM   694  P  P     . G   B 2 20 ? -13.351 0.225   8.228   1.00 97.21  ? 21  G   B P     1 
ATOM   695  O  OP1   . G   B 2 20 ? -14.416 -0.639  7.675   1.00 97.46  ? 21  G   B OP1   1 
ATOM   696  O  OP2   . G   B 2 20 ? -12.149 -0.381  8.865   1.00 91.93  ? 21  G   B OP2   1 
ATOM   697  O  "O5'" . G   B 2 20 ? -12.922 1.156   7.016   1.00 95.10  ? 21  G   B "O5'" 1 
ATOM   698  C  "C5'" . G   B 2 20 ? -13.909 1.905   6.299   1.00 88.35  ? 21  G   B "C5'" 1 
ATOM   699  C  "C4'" . G   B 2 20 ? -13.261 2.709   5.196   1.00 87.86  ? 21  G   B "C4'" 1 
ATOM   700  O  "O4'" . G   B 2 20 ? -12.416 3.734   5.774   1.00 87.26  ? 21  G   B "O4'" 1 
ATOM   701  C  "C3'" . G   B 2 20 ? -12.333 1.936   4.280   1.00 83.78  ? 21  G   B "C3'" 1 
ATOM   702  O  "O3'" . G   B 2 20 ? -13.059 1.329   3.238   1.00 84.86  ? 21  G   B "O3'" 1 
ATOM   703  C  "C2'" . G   B 2 20 ? -11.445 3.040   3.734   1.00 82.61  ? 21  G   B "C2'" 1 
ATOM   704  O  "O2'" . G   B 2 20 ? -12.131 3.814   2.767   1.00 82.82  ? 21  G   B "O2'" 1 
ATOM   705  C  "C1'" . G   B 2 20 ? -11.261 3.904   4.974   1.00 81.21  ? 21  G   B "C1'" 1 
ATOM   706  N  N9    . G   B 2 20 ? -10.099 3.495   5.752   1.00 76.90  ? 21  G   B N9    1 
ATOM   707  C  C8    . G   B 2 20 ? -10.057 2.551   6.755   1.00 76.76  ? 21  G   B C8    1 
ATOM   708  N  N7    . G   B 2 20 ? -8.876  2.417   7.285   1.00 76.32  ? 21  G   B N7    1 
ATOM   709  C  C5    . G   B 2 20 ? -8.087  3.320   6.584   1.00 74.36  ? 21  G   B C5    1 
ATOM   710  C  C6    . G   B 2 20 ? -6.716  3.622   6.714   1.00 72.58  ? 21  G   B C6    1 
ATOM   711  O  O6    . G   B 2 20 ? -5.906  3.161   7.514   1.00 76.00  ? 21  G   B O6    1 
ATOM   712  N  N1    . G   B 2 20 ? -6.311  4.583   5.795   1.00 69.58  ? 21  G   B N1    1 
ATOM   713  C  C2    . G   B 2 20 ? -7.127  5.196   4.878   1.00 69.61  ? 21  G   B C2    1 
ATOM   714  N  N2    . G   B 2 20 ? -6.545  6.102   4.099   1.00 68.52  ? 21  G   B N2    1 
ATOM   715  N  N3    . G   B 2 20 ? -8.416  4.934   4.749   1.00 70.91  ? 21  G   B N3    1 
ATOM   716  C  C4    . G   B 2 20 ? -8.825  3.989   5.629   1.00 74.79  ? 21  G   B C4    1 
ATOM   717  P  P     . A   B 2 21 ? -12.709 -0.167  2.793   1.00 89.95  ? 22  A   B P     1 
ATOM   718  O  OP1   . A   B 2 21 ? -13.644 -1.053  3.521   1.00 89.32  ? 22  A   B OP1   1 
ATOM   719  O  OP2   . A   B 2 21 ? -11.249 -0.417  2.882   1.00 93.11  ? 22  A   B OP2   1 
ATOM   720  O  "O5'" . A   B 2 21 ? -13.113 -0.159  1.260   1.00 86.01  ? 22  A   B "O5'" 1 
ATOM   721  C  "C5'" . A   B 2 21 ? -12.160 0.146   0.258   1.00 86.26  ? 22  A   B "C5'" 1 
ATOM   722  C  "C4'" . A   B 2 21 ? -12.605 1.351   -0.529  1.00 86.03  ? 22  A   B "C4'" 1 
ATOM   723  O  "O4'" . A   B 2 21 ? -12.329 2.564   0.222   1.00 85.29  ? 22  A   B "O4'" 1 
ATOM   724  C  "C3'" . A   B 2 21 ? -11.881 1.541   -1.838  1.00 85.17  ? 22  A   B "C3'" 1 
ATOM   725  O  "O3'" . A   B 2 21 ? -12.515 0.736   -2.823  1.00 82.72  ? 22  A   B "O3'" 1 
ATOM   726  C  "C2'" . A   B 2 21 ? -12.044 3.039   -2.078  1.00 85.62  ? 22  A   B "C2'" 1 
ATOM   727  O  "O2'" . A   B 2 21 ? -13.287 3.400   -2.634  1.00 88.43  ? 22  A   B "O2'" 1 
ATOM   728  C  "C1'" . A   B 2 21 ? -11.914 3.592   -0.657  1.00 85.10  ? 22  A   B "C1'" 1 
ATOM   729  N  N9    . A   B 2 21 ? -10.516 3.900   -0.349  1.00 83.36  ? 22  A   B N9    1 
ATOM   730  C  C8    . A   B 2 21 ? -9.675  3.237   0.504   1.00 82.96  ? 22  A   B C8    1 
ATOM   731  N  N7    . A   B 2 21 ? -8.454  3.705   0.510   1.00 82.26  ? 22  A   B N7    1 
ATOM   732  C  C5    . A   B 2 21 ? -8.495  4.760   -0.390  1.00 82.13  ? 22  A   B C5    1 
ATOM   733  C  C6    . A   B 2 21 ? -7.510  5.662   -0.849  1.00 80.96  ? 22  A   B C6    1 
ATOM   734  N  N6    . A   B 2 21 ? -6.248  5.629   -0.465  1.00 79.49  ? 22  A   B N6    1 
ATOM   735  N  N1    . A   B 2 21 ? -7.877  6.606   -1.738  1.00 79.30  ? 22  A   B N1    1 
ATOM   736  C  C2    . A   B 2 21 ? -9.151  6.634   -2.141  1.00 80.43  ? 22  A   B C2    1 
ATOM   737  N  N3    . A   B 2 21 ? -10.171 5.833   -1.794  1.00 83.39  ? 22  A   B N3    1 
ATOM   738  C  C4    . A   B 2 21 ? -9.766  4.907   -0.907  1.00 82.61  ? 22  A   B C4    1 
ATOM   739  P  P     . A   B 2 22 ? -11.626 -0.066  -3.884  1.00 85.75  ? 23  A   B P     1 
ATOM   740  O  OP1   . A   B 2 22 ? -12.491 -0.846  -4.796  1.00 81.83  ? 23  A   B OP1   1 
ATOM   741  O  OP2   . A   B 2 22 ? -10.552 -0.746  -3.130  1.00 77.33  ? 23  A   B OP2   1 
ATOM   742  O  "O5'" . A   B 2 22 ? -11.041 1.103   -4.767  1.00 82.01  ? 23  A   B "O5'" 1 
ATOM   743  C  "C5'" . A   B 2 22 ? -11.920 2.069   -5.321  1.00 78.10  ? 23  A   B "C5'" 1 
ATOM   744  C  "C4'" . A   B 2 22 ? -11.123 3.210   -5.879  1.00 81.47  ? 23  A   B "C4'" 1 
ATOM   745  O  "O4'" . A   B 2 22 ? -10.583 3.974   -4.772  1.00 82.14  ? 23  A   B "O4'" 1 
ATOM   746  C  "C3'" . A   B 2 22 ? -9.901  2.786   -6.683  1.00 81.92  ? 23  A   B "C3'" 1 
ATOM   747  O  "O3'" . A   B 2 22 ? -10.208 2.502   -8.047  1.00 82.52  ? 23  A   B "O3'" 1 
ATOM   748  C  "C2'" . A   B 2 22 ? -9.026  4.018   -6.563  1.00 80.76  ? 23  A   B "C2'" 1 
ATOM   749  O  "O2'" . A   B 2 22 ? -9.465  5.018   -7.450  1.00 77.13  ? 23  A   B "O2'" 1 
ATOM   750  C  "C1'" . A   B 2 22 ? -9.290  4.441   -5.114  1.00 82.46  ? 23  A   B "C1'" 1 
ATOM   751  N  N9    . A   B 2 22 ? -8.309  3.833   -4.208  1.00 79.39  ? 23  A   B N9    1 
ATOM   752  C  C8    . A   B 2 22 ? -8.470  2.789   -3.341  1.00 78.52  ? 23  A   B C8    1 
ATOM   753  N  N7    . A   B 2 22 ? -7.366  2.433   -2.737  1.00 77.33  ? 23  A   B N7    1 
ATOM   754  C  C5    . A   B 2 22 ? -6.423  3.316   -3.230  1.00 74.27  ? 23  A   B C5    1 
ATOM   755  C  C6    . A   B 2 22 ? -5.063  3.446   -3.008  1.00 73.10  ? 23  A   B C6    1 
ATOM   756  N  N6    . A   B 2 22 ? -4.366  2.636   -2.227  1.00 71.49  ? 23  A   B N6    1 
ATOM   757  N  N1    . A   B 2 22 ? -4.417  4.441   -3.636  1.00 72.75  ? 23  A   B N1    1 
ATOM   758  C  C2    . A   B 2 22 ? -5.100  5.235   -4.448  1.00 72.58  ? 23  A   B C2    1 
ATOM   759  N  N3    . A   B 2 22 ? -6.379  5.201   -4.759  1.00 75.69  ? 23  A   B N3    1 
ATOM   760  C  C4    . A   B 2 22 ? -6.992  4.202   -4.109  1.00 75.45  ? 23  A   B C4    1 
ATOM   761  P  P     . A   B 2 23 ? -9.191  1.627   -8.937  1.00 86.77  ? 24  A   B P     1 
ATOM   762  O  OP1   . A   B 2 23 ? -9.646  1.607   -10.335 1.00 90.20  ? 24  A   B OP1   1 
ATOM   763  O  OP2   . A   B 2 23 ? -8.893  0.353   -8.237  1.00 83.39  ? 24  A   B OP2   1 
ATOM   764  O  "O5'" . A   B 2 23 ? -7.890  2.514   -8.978  1.00 82.57  ? 24  A   B "O5'" 1 
ATOM   765  C  "C5'" . A   B 2 23 ? -7.867  3.730   -9.701  1.00 74.45  ? 24  A   B "C5'" 1 
ATOM   766  C  "C4'" . A   B 2 23 ? -6.468  4.279   -9.684  1.00 76.24  ? 24  A   B "C4'" 1 
ATOM   767  O  "O4'" . A   B 2 23 ? -6.073  4.506   -8.309  1.00 75.22  ? 24  A   B "O4'" 1 
ATOM   768  C  "C3'" . A   B 2 23 ? -5.433  3.314   -10.217 1.00 75.16  ? 24  A   B "C3'" 1 
ATOM   769  O  "O3'" . A   B 2 23 ? -5.343  3.449   -11.626 1.00 74.84  ? 24  A   B "O3'" 1 
ATOM   770  C  "C2'" . A   B 2 23 ? -4.165  3.780   -9.514  1.00 75.46  ? 24  A   B "C2'" 1 
ATOM   771  O  "O2'" . A   B 2 23 ? -3.538  4.887   -10.124 1.00 78.88  ? 24  A   B "O2'" 1 
ATOM   772  C  "C1'" . A   B 2 23 ? -4.711  4.171   -8.145  1.00 75.11  ? 24  A   B "C1'" 1 
ATOM   773  N  N9    . A   B 2 23 ? -4.661  3.073   -7.193  1.00 73.52  ? 24  A   B N9    1 
ATOM   774  C  C8    . A   B 2 23 ? -5.697  2.274   -6.791  1.00 70.85  ? 24  A   B C8    1 
ATOM   775  N  N7    . A   B 2 23 ? -5.360  1.375   -5.899  1.00 69.18  ? 24  A   B N7    1 
ATOM   776  C  C5    . A   B 2 23 ? -4.006  1.596   -5.714  1.00 69.67  ? 24  A   B C5    1 
ATOM   777  C  C6    . A   B 2 23 ? -3.056  0.973   -4.892  1.00 70.11  ? 24  A   B C6    1 
ATOM   778  N  N6    . A   B 2 23 ? -3.339  -0.075  -4.100  1.00 68.49  ? 24  A   B N6    1 
ATOM   779  N  N1    . A   B 2 23 ? -1.794  1.457   -4.919  1.00 71.28  ? 24  A   B N1    1 
ATOM   780  C  C2    . A   B 2 23 ? -1.514  2.479   -5.743  1.00 69.46  ? 24  A   B C2    1 
ATOM   781  N  N3    . A   B 2 23 ? -2.316  3.135   -6.576  1.00 69.56  ? 24  A   B N3    1 
ATOM   782  C  C4    . A   B 2 23 ? -3.560  2.642   -6.510  1.00 71.09  ? 24  A   B C4    1 
ATOM   783  P  P     . C   B 2 24 ? -4.902  2.197   -12.518 1.00 80.25  ? 25  C   B P     1 
ATOM   784  O  OP1   . C   B 2 24 ? -4.710  2.683   -13.916 1.00 74.82  ? 25  C   B OP1   1 
ATOM   785  O  OP2   . C   B 2 24 ? -5.900  1.124   -12.225 1.00 74.83  ? 25  C   B OP2   1 
ATOM   786  O  "O5'" . C   B 2 24 ? -3.461  1.799   -11.960 1.00 69.79  ? 25  C   B "O5'" 1 
ATOM   787  C  "C5'" . C   B 2 24 ? -2.304  2.531   -12.351 1.00 70.66  ? 25  C   B "C5'" 1 
ATOM   788  C  "C4'" . C   B 2 24 ? -1.110  2.063   -11.567 1.00 70.14  ? 25  C   B "C4'" 1 
ATOM   789  O  "O4'" . C   B 2 24 ? -1.421  2.147   -10.164 1.00 72.95  ? 25  C   B "O4'" 1 
ATOM   790  C  "C3'" . C   B 2 24 ? -0.718  0.617   -11.773 1.00 71.46  ? 25  C   B "C3'" 1 
ATOM   791  O  "O3'" . C   B 2 24 ? 0.173   0.535   -12.862 1.00 74.05  ? 25  C   B "O3'" 1 
ATOM   792  C  "C2'" . C   B 2 24 ? 0.012   0.293   -10.483 1.00 65.82  ? 25  C   B "C2'" 1 
ATOM   793  O  "O2'" . C   B 2 24 ? 1.320   0.808   -10.449 1.00 68.44  ? 25  C   B "O2'" 1 
ATOM   794  C  "C1'" . C   B 2 24 ? -0.813  1.078   -9.482  1.00 67.04  ? 25  C   B "C1'" 1 
ATOM   795  N  N1    . C   B 2 24 ? -1.870  0.289   -8.883  1.00 65.12  ? 25  C   B N1    1 
ATOM   796  C  C2    . C   B 2 24 ? -1.524  -0.636  -7.925  1.00 63.65  ? 25  C   B C2    1 
ATOM   797  O  O2    . C   B 2 24 ? -0.334  -0.786  -7.663  1.00 65.89  ? 25  C   B O2    1 
ATOM   798  N  N3    . C   B 2 24 ? -2.485  -1.344  -7.303  1.00 61.85  ? 25  C   B N3    1 
ATOM   799  C  C4    . C   B 2 24 ? -3.757  -1.149  -7.624  1.00 62.93  ? 25  C   B C4    1 
ATOM   800  N  N4    . C   B 2 24 ? -4.671  -1.857  -6.964  1.00 65.26  ? 25  C   B N4    1 
ATOM   801  C  C5    . C   B 2 24 ? -4.144  -0.216  -8.633  1.00 61.94  ? 25  C   B C5    1 
ATOM   802  C  C6    . C   B 2 24 ? -3.172  0.473   -9.234  1.00 60.88  ? 25  C   B C6    1 
ATOM   803  P  P     . A   B 2 25 ? 0.371   -0.853  -13.621 1.00 75.35  ? 26  A   B P     1 
ATOM   804  O  OP1   . A   B 2 25 ? 1.325   -0.643  -14.731 1.00 72.64  ? 26  A   B OP1   1 
ATOM   805  O  OP2   . A   B 2 25 ? -0.994  -1.349  -13.885 1.00 69.51  ? 26  A   B OP2   1 
ATOM   806  O  "O5'" . A   B 2 25 ? 1.063   -1.818  -12.571 1.00 67.60  ? 26  A   B "O5'" 1 
ATOM   807  C  "C5'" . A   B 2 25 ? 2.447   -1.745  -12.356 1.00 66.71  ? 26  A   B "C5'" 1 
ATOM   808  C  "C4'" . A   B 2 25 ? 2.806   -2.636  -11.228 1.00 71.39  ? 26  A   B "C4'" 1 
ATOM   809  O  "O4'" . A   B 2 25 ? 1.883   -2.358  -10.165 1.00 68.65  ? 26  A   B "O4'" 1 
ATOM   810  C  "C3'" . A   B 2 25 ? 2.507   -4.080  -11.522 1.00 72.51  ? 26  A   B "C3'" 1 
ATOM   811  O  "O3'" . A   B 2 25 ? 3.521   -4.687  -12.274 1.00 77.72  ? 26  A   B "O3'" 1 
ATOM   812  C  "C2'" . A   B 2 25 ? 2.347   -4.670  -10.137 1.00 69.53  ? 26  A   B "C2'" 1 
ATOM   813  O  "O2'" . A   B 2 25 ? 3.560   -4.923  -9.469  1.00 70.55  ? 26  A   B "O2'" 1 
ATOM   814  C  "C1'" . A   B 2 25 ? 1.607   -3.540  -9.455  1.00 64.02  ? 26  A   B "C1'" 1 
ATOM   815  N  N9    . A   B 2 25 ? 0.176   -3.738  -9.502  1.00 59.64  ? 26  A   B N9    1 
ATOM   816  C  C8    . A   B 2 25 ? -0.762  -3.089  -10.258 1.00 59.98  ? 26  A   B C8    1 
ATOM   817  N  N7    . A   B 2 25 ? -1.993  -3.451  -9.997  1.00 59.21  ? 26  A   B N7    1 
ATOM   818  C  C5    . A   B 2 25 ? -1.845  -4.420  -9.015  1.00 57.79  ? 26  A   B C5    1 
ATOM   819  C  C6    . A   B 2 25 ? -2.771  -5.182  -8.299  1.00 58.39  ? 26  A   B C6    1 
ATOM   820  N  N6    . A   B 2 25 ? -4.087  -5.116  -8.503  1.00 58.01  ? 26  A   B N6    1 
ATOM   821  N  N1    . A   B 2 25 ? -2.294  -6.035  -7.362  1.00 59.59  ? 26  A   B N1    1 
ATOM   822  C  C2    . A   B 2 25 ? -0.963  -6.128  -7.197  1.00 60.57  ? 26  A   B C2    1 
ATOM   823  N  N3    . A   B 2 25 ? 0.014   -5.473  -7.829  1.00 61.10  ? 26  A   B N3    1 
ATOM   824  C  C4    . A   B 2 25 ? -0.510  -4.619  -8.724  1.00 58.92  ? 26  A   B C4    1 
ATOM   825  P  P     . C   B 2 26 ? 3.135   -5.855  -13.285 1.00 80.45  ? 27  C   B P     1 
ATOM   826  O  OP1   . C   B 2 26 ? 4.443   -6.277  -13.845 1.00 74.76  ? 27  C   B OP1   1 
ATOM   827  O  OP2   . C   B 2 26 ? 2.037   -5.397  -14.178 1.00 73.56  ? 27  C   B OP2   1 
ATOM   828  O  "O5'" . C   B 2 26 ? 2.584   -7.019  -12.339 1.00 74.80  ? 27  C   B "O5'" 1 
ATOM   829  C  "C5'" . C   B 2 26 ? 3.480   -7.699  -11.468 1.00 70.96  ? 27  C   B "C5'" 1 
ATOM   830  C  "C4'" . C   B 2 26 ? 2.749   -8.629  -10.535 1.00 69.59  ? 27  C   B "C4'" 1 
ATOM   831  O  "O4'" . C   B 2 26 ? 1.767   -7.878  -9.796  1.00 67.54  ? 27  C   B "O4'" 1 
ATOM   832  C  "C3'" . C   B 2 26 ? 1.917   -9.703  -11.197 1.00 71.21  ? 27  C   B "C3'" 1 
ATOM   833  O  "O3'" . C   B 2 26 ? 2.705   -10.814 -11.582 1.00 78.29  ? 27  C   B "O3'" 1 
ATOM   834  C  "C2'" . C   B 2 26 ? 0.948   -10.062 -10.090 1.00 67.65  ? 27  C   B "C2'" 1 
ATOM   835  O  "O2'" . C   B 2 26 ? 1.588   -10.802 -9.072  1.00 73.68  ? 27  C   B "O2'" 1 
ATOM   836  C  "C1'" . C   B 2 26 ? 0.659   -8.696  -9.509  1.00 64.54  ? 27  C   B "C1'" 1 
ATOM   837  N  N1    . C   B 2 26 ? -0.526  -8.104  -10.092 1.00 61.60  ? 27  C   B N1    1 
ATOM   838  C  C2    . C   B 2 26 ? -1.776  -8.409  -9.528  1.00 61.27  ? 27  C   B C2    1 
ATOM   839  O  O2    . C   B 2 26 ? -1.820  -9.179  -8.539  1.00 59.73  ? 27  C   B O2    1 
ATOM   840  N  N3    . C   B 2 26 ? -2.900  -7.864  -10.070 1.00 58.27  ? 27  C   B N3    1 
ATOM   841  C  C4    . C   B 2 26 ? -2.798  -7.042  -11.122 1.00 58.29  ? 27  C   B C4    1 
ATOM   842  N  N4    . C   B 2 26 ? -3.933  -6.522  -11.626 1.00 61.56  ? 27  C   B N4    1 
ATOM   843  C  C5    . C   B 2 26 ? -1.529  -6.717  -11.709 1.00 57.89  ? 27  C   B C5    1 
ATOM   844  C  C6    . C   B 2 26 ? -0.435  -7.264  -11.163 1.00 58.91  ? 27  C   B C6    1 
ATOM   845  P  P     . A   B 2 27 ? 2.286   -11.668 -12.872 1.00 81.55  ? 28  A   B P     1 
ATOM   846  O  OP1   . A   B 2 27 ? 3.443   -12.550 -13.164 1.00 77.90  ? 28  A   B OP1   1 
ATOM   847  O  OP2   . A   B 2 27 ? 1.817   -10.699 -13.890 1.00 75.10  ? 28  A   B OP2   1 
ATOM   848  O  "O5'" . A   B 2 27 ? 1.081   -12.558 -12.338 1.00 75.69  ? 28  A   B "O5'" 1 
ATOM   849  C  "C5'" . A   B 2 27 ? 1.335   -13.504 -11.314 1.00 73.72  ? 28  A   B "C5'" 1 
ATOM   850  C  "C4'" . A   B 2 27 ? 0.057   -14.090 -10.786 1.00 76.50  ? 28  A   B "C4'" 1 
ATOM   851  O  "O4'" . A   B 2 27 ? -0.700  -13.058 -10.127 1.00 79.42  ? 28  A   B "O4'" 1 
ATOM   852  C  "C3'" . A   B 2 27 ? -0.903  -14.637 -11.813 1.00 74.69  ? 28  A   B "C3'" 1 
ATOM   853  O  "O3'" . A   B 2 27 ? -0.551  -15.946 -12.179 1.00 77.32  ? 28  A   B "O3'" 1 
ATOM   854  C  "C2'" . A   B 2 27 ? -2.218  -14.597 -11.056 1.00 75.64  ? 28  A   B "C2'" 1 
ATOM   855  O  "O2'" . A   B 2 27 ? -2.314  -15.624 -10.088 1.00 76.11  ? 28  A   B "O2'" 1 
ATOM   856  C  "C1'" . A   B 2 27 ? -2.082  -13.272 -10.327 1.00 73.50  ? 28  A   B "C1'" 1 
ATOM   857  N  N9    . A   B 2 27 ? -2.607  -12.175 -11.133 1.00 69.43  ? 28  A   B N9    1 
ATOM   858  C  C8    . A   B 2 27 ? -1.937  -11.343 -12.001 1.00 68.74  ? 28  A   B C8    1 
ATOM   859  N  N7    . A   B 2 27 ? -2.713  -10.459 -12.585 1.00 66.76  ? 28  A   B N7    1 
ATOM   860  C  C5    . A   B 2 27 ? -3.975  -10.723 -12.065 1.00 64.82  ? 28  A   B C5    1 
ATOM   861  C  C6    . A   B 2 27 ? -5.225  -10.131 -12.280 1.00 66.07  ? 28  A   B C6    1 
ATOM   862  N  N6    . A   B 2 27 ? -5.424  -9.117  -13.117 1.00 63.42  ? 28  A   B N6    1 
ATOM   863  N  N1    . A   B 2 27 ? -6.280  -10.624 -11.597 1.00 67.73  ? 28  A   B N1    1 
ATOM   864  C  C2    . A   B 2 27 ? -6.081  -11.653 -10.756 1.00 67.00  ? 28  A   B C2    1 
ATOM   865  N  N3    . A   B 2 27 ? -4.956  -12.296 -10.469 1.00 68.14  ? 28  A   B N3    1 
ATOM   866  C  C4    . A   B 2 27 ? -3.924  -11.775 -11.167 1.00 66.74  ? 28  A   B C4    1 
ATOM   867  P  P     . C   B 2 28 ? -0.816  -16.434 -13.675 1.00 78.92  ? 29  C   B P     1 
ATOM   868  O  OP1   . C   B 2 28 ? -0.180  -17.765 -13.760 1.00 80.45  ? 29  C   B OP1   1 
ATOM   869  O  OP2   . C   B 2 28 ? -0.413  -15.361 -14.628 1.00 76.42  ? 29  C   B OP2   1 
ATOM   870  O  "O5'" . C   B 2 28 ? -2.397  -16.651 -13.714 1.00 75.55  ? 29  C   B "O5'" 1 
ATOM   871  C  "C5'" . C   B 2 28 ? -2.993  -17.654 -12.890 1.00 68.79  ? 29  C   B "C5'" 1 
ATOM   872  C  "C4'" . C   B 2 28 ? -4.502  -17.512 -12.843 1.00 68.73  ? 29  C   B "C4'" 1 
ATOM   873  O  "O4'" . C   B 2 28 ? -4.839  -16.253 -12.206 1.00 70.40  ? 29  C   B "O4'" 1 
ATOM   874  C  "C3'" . C   B 2 28 ? -5.242  -17.466 -14.171 1.00 70.66  ? 29  C   B "C3'" 1 
ATOM   875  O  "O3'" . C   B 2 28 ? -5.496  -18.757 -14.694 1.00 69.41  ? 29  C   B "O3'" 1 
ATOM   876  C  "C2'" . C   B 2 28 ? -6.529  -16.761 -13.778 1.00 72.31  ? 29  C   B "C2'" 1 
ATOM   877  O  "O2'" . C   B 2 28 ? -7.470  -17.584 -13.121 1.00 71.52  ? 29  C   B "O2'" 1 
ATOM   878  C  "C1'" . C   B 2 28 ? -6.008  -15.723 -12.793 1.00 68.54  ? 29  C   B "C1'" 1 
ATOM   879  N  N1    . C   B 2 28 ? -5.659  -14.505 -13.512 1.00 65.63  ? 29  C   B N1    1 
ATOM   880  C  C2    . C   B 2 28 ? -6.656  -13.565 -13.765 1.00 65.29  ? 29  C   B C2    1 
ATOM   881  O  O2    . C   B 2 28 ? -7.796  -13.751 -13.294 1.00 66.61  ? 29  C   B O2    1 
ATOM   882  N  N3    . C   B 2 28 ? -6.361  -12.480 -14.496 1.00 60.72  ? 29  C   B N3    1 
ATOM   883  C  C4    . C   B 2 28 ? -5.120  -12.307 -14.950 1.00 60.25  ? 29  C   B C4    1 
ATOM   884  N  N4    . C   B 2 28 ? -4.861  -11.230 -15.687 1.00 58.82  ? 29  C   B N4    1 
ATOM   885  C  C5    . C   B 2 28 ? -4.083  -13.230 -14.675 1.00 61.62  ? 29  C   B C5    1 
ATOM   886  C  C6    . C   B 2 28 ? -4.391  -14.301 -13.958 1.00 64.89  ? 29  C   B C6    1 
ATOM   887  P  P     . G   B 2 29 ? -5.745  -18.953 -16.267 1.00 73.39  ? 30  G   B P     1 
ATOM   888  O  OP1   . G   B 2 29 ? -5.877  -20.412 -16.438 1.00 76.53  ? 30  G   B OP1   1 
ATOM   889  O  OP2   . G   B 2 29 ? -4.757  -18.210 -17.084 1.00 70.06  ? 30  G   B OP2   1 
ATOM   890  O  "O5'" . G   B 2 29 ? -7.165  -18.284 -16.513 1.00 66.27  ? 30  G   B "O5'" 1 
ATOM   891  C  "C5'" . G   B 2 29 ? -8.318  -18.809 -15.886 1.00 65.49  ? 30  G   B "C5'" 1 
ATOM   892  C  "C4'" . G   B 2 29 ? -9.531  -18.011 -16.273 1.00 69.73  ? 30  G   B "C4'" 1 
ATOM   893  O  "O4'" . G   B 2 29 ? -9.453  -16.723 -15.632 1.00 70.74  ? 30  G   B "O4'" 1 
ATOM   894  C  "C3'" . G   B 2 29 ? -9.690  -17.678 -17.750 1.00 71.07  ? 30  G   B "C3'" 1 
ATOM   895  O  "O3'" . G   B 2 29 ? -10.306 -18.715 -18.501 1.00 68.80  ? 30  G   B "O3'" 1 
ATOM   896  C  "C2'" . G   B 2 29 ? -10.593 -16.469 -17.668 1.00 71.26  ? 30  G   B "C2'" 1 
ATOM   897  O  "O2'" . G   B 2 29 ? -11.885 -16.877 -17.294 1.00 70.49  ? 30  G   B "O2'" 1 
ATOM   898  C  "C1'" . G   B 2 29 ? -9.984  -15.739 -16.482 1.00 71.39  ? 30  G   B "C1'" 1 
ATOM   899  N  N9    . G   B 2 29 ? -8.902  -14.872 -16.926 1.00 71.74  ? 30  G   B N9    1 
ATOM   900  C  C8    . G   B 2 29 ? -7.553  -15.108 -16.884 1.00 74.24  ? 30  G   B C8    1 
ATOM   901  N  N7    . G   B 2 29 ? -6.851  -14.143 -17.410 1.00 71.61  ? 30  G   B N7    1 
ATOM   902  C  C5    . G   B 2 29 ? -7.800  -13.210 -17.805 1.00 72.29  ? 30  G   B C5    1 
ATOM   903  C  C6    . G   B 2 29 ? -7.661  -11.944 -18.461 1.00 70.30  ? 30  G   B C6    1 
ATOM   904  O  O6    . G   B 2 29 ? -6.640  -11.359 -18.809 1.00 69.76  ? 30  G   B O6    1 
ATOM   905  N  N1    . G   B 2 29 ? -8.890  -11.360 -18.707 1.00 68.70  ? 30  G   B N1    1 
ATOM   906  C  C2    . G   B 2 29 ? -10.086 -11.896 -18.369 1.00 70.52  ? 30  G   B C2    1 
ATOM   907  N  N2    . G   B 2 29 ? -11.151 -11.199 -18.734 1.00 72.01  ? 30  G   B N2    1 
ATOM   908  N  N3    . G   B 2 29 ? -10.234 -13.038 -17.737 1.00 71.56  ? 30  G   B N3    1 
ATOM   909  C  C4    . G   B 2 29 ? -9.061  -13.643 -17.502 1.00 72.40  ? 30  G   B C4    1 
ATOM   910  P  P     . A   B 2 30 ? -9.860  -18.979 -20.021 1.00 73.54  ? 31  A   B P     1 
ATOM   911  O  OP1   . A   B 2 30 ? -10.598 -20.200 -20.402 1.00 73.31  ? 31  A   B OP1   1 
ATOM   912  O  OP2   . A   B 2 30 ? -8.381  -18.934 -20.138 1.00 72.26  ? 31  A   B OP2   1 
ATOM   913  O  "O5'" . A   B 2 30 ? -10.442 -17.741 -20.820 1.00 69.29  ? 31  A   B "O5'" 1 
ATOM   914  C  "C5'" . A   B 2 30 ? -11.816 -17.429 -20.739 1.00 70.10  ? 31  A   B "C5'" 1 
ATOM   915  C  "C4'" . A   B 2 30 ? -12.106 -16.114 -21.415 1.00 77.65  ? 31  A   B "C4'" 1 
ATOM   916  O  "O4'" . A   B 2 30 ? -11.514 -15.039 -20.643 1.00 82.77  ? 31  A   B "O4'" 1 
ATOM   917  C  "C3'" . A   B 2 30 ? -11.473 -15.937 -22.785 1.00 79.66  ? 31  A   B "C3'" 1 
ATOM   918  O  "O3'" . A   B 2 30 ? -12.059 -16.611 -23.880 1.00 87.61  ? 31  A   B "O3'" 1 
ATOM   919  C  "C2'" . A   B 2 30 ? -11.466 -14.428 -22.937 1.00 80.78  ? 31  A   B "C2'" 1 
ATOM   920  O  "O2'" . A   B 2 30 ? -12.733 -13.907 -23.301 1.00 81.46  ? 31  A   B "O2'" 1 
ATOM   921  C  "C1'" . A   B 2 30 ? -11.128 -13.991 -21.513 1.00 80.66  ? 31  A   B "C1'" 1 
ATOM   922  N  N9    . A   B 2 30 ? -9.703  -13.748 -21.381 1.00 78.66  ? 31  A   B N9    1 
ATOM   923  C  C8    . A   B 2 30 ? -8.716  -14.606 -20.992 1.00 79.72  ? 31  A   B C8    1 
ATOM   924  N  N7    . A   B 2 30 ? -7.512  -14.093 -21.070 1.00 77.70  ? 31  A   B N7    1 
ATOM   925  C  C5    . A   B 2 30 ? -7.732  -12.796 -21.527 1.00 77.29  ? 31  A   B C5    1 
ATOM   926  C  C6    . A   B 2 30 ? -6.865  -11.735 -21.838 1.00 74.75  ? 31  A   B C6    1 
ATOM   927  N  N6    . A   B 2 30 ? -5.539  -11.790 -21.725 1.00 72.16  ? 31  A   B N6    1 
ATOM   928  N  N1    . A   B 2 30 ? -7.415  -10.594 -22.277 1.00 74.36  ? 31  A   B N1    1 
ATOM   929  C  C2    . A   B 2 30 ? -8.734  -10.526 -22.380 1.00 74.75  ? 31  A   B C2    1 
ATOM   930  N  N3    . A   B 2 30 ? -9.649  -11.443 -22.116 1.00 77.48  ? 31  A   B N3    1 
ATOM   931  C  C4    . A   B 2 30 ? -9.074  -12.574 -21.693 1.00 78.20  ? 31  A   B C4    1 
ATOM   932  O  "O5'" . U   C 3 1  ? -4.210  -2.510  -22.578 1.00 75.48  ? 31  U   C "O5'" 1 
ATOM   933  C  "C5'" . U   C 3 1  ? -4.909  -1.744  -23.570 1.00 77.47  ? 31  U   C "C5'" 1 
ATOM   934  C  "C4'" . U   C 3 1  ? -6.277  -2.365  -23.842 1.00 77.83  ? 31  U   C "C4'" 1 
ATOM   935  O  "O4'" . U   C 3 1  ? -6.060  -3.608  -24.584 1.00 78.77  ? 31  U   C "O4'" 1 
ATOM   936  C  "C3'" . U   C 3 1  ? -7.003  -2.821  -22.621 1.00 73.24  ? 31  U   C "C3'" 1 
ATOM   937  O  "O3'" . U   C 3 1  ? -7.691  -1.788  -21.948 1.00 72.59  ? 31  U   C "O3'" 1 
ATOM   938  C  "C2'" . U   C 3 1  ? -7.892  -3.891  -23.127 1.00 76.30  ? 31  U   C "C2'" 1 
ATOM   939  O  "O2'" . U   C 3 1  ? -9.074  -3.396  -23.748 1.00 78.77  ? 31  U   C "O2'" 1 
ATOM   940  C  "C1'" . U   C 3 1  ? -7.011  -4.547  -24.196 1.00 78.87  ? 31  U   C "C1'" 1 
ATOM   941  N  N1    . U   C 3 1  ? -6.277  -5.760  -23.712 1.00 77.10  ? 31  U   C N1    1 
ATOM   942  C  C2    . U   C 3 1  ? -7.009  -6.878  -23.363 1.00 76.75  ? 31  U   C C2    1 
ATOM   943  O  O2    . U   C 3 1  ? -8.222  -6.964  -23.531 1.00 76.97  ? 31  U   C O2    1 
ATOM   944  N  N3    . U   C 3 1  ? -6.269  -7.892  -22.820 1.00 74.26  ? 31  U   C N3    1 
ATOM   945  C  C4    . U   C 3 1  ? -4.926  -7.914  -22.616 1.00 74.28  ? 31  U   C C4    1 
ATOM   946  O  O4    . U   C 3 1  ? -4.418  -8.894  -22.083 1.00 69.53  ? 31  U   C O4    1 
ATOM   947  C  C5    . U   C 3 1  ? -4.230  -6.743  -23.053 1.00 74.42  ? 31  U   C C5    1 
ATOM   948  C  C6    . U   C 3 1  ? -4.913  -5.743  -23.571 1.00 74.59  ? 31  U   C C6    1 
ATOM   949  P  P     . C   C 3 2  ? -8.080  -1.811  -20.412 1.00 77.08  ? 32  C   C P     1 
ATOM   950  O  OP1   . C   C 3 2  ? -8.646  -0.470  -20.101 1.00 82.70  ? 32  C   C OP1   1 
ATOM   951  O  OP2   . C   C 3 2  ? -6.932  -2.349  -19.623 1.00 72.71  ? 32  C   C OP2   1 
ATOM   952  O  "O5'" . C   C 3 2  ? -9.310  -2.808  -20.264 1.00 78.06  ? 32  C   C "O5'" 1 
ATOM   953  C  "C5'" . C   C 3 2  ? -10.540 -2.509  -20.904 1.00 76.74  ? 32  C   C "C5'" 1 
ATOM   954  C  "C4'" . C   C 3 2  ? -11.442 -3.706  -20.873 1.00 78.01  ? 32  C   C "C4'" 1 
ATOM   955  O  "O4'" . C   C 3 2  ? -10.836 -4.791  -21.618 1.00 77.53  ? 32  C   C "O4'" 1 
ATOM   956  C  "C3'" . C   C 3 2  ? -11.655 -4.282  -19.494 1.00 73.64  ? 32  C   C "C3'" 1 
ATOM   957  O  "O3'" . C   C 3 2  ? -12.710 -3.626  -18.836 1.00 68.18  ? 32  C   C "O3'" 1 
ATOM   958  C  "C2'" . C   C 3 2  ? -12.061 -5.702  -19.818 1.00 74.71  ? 32  C   C "C2'" 1 
ATOM   959  O  "O2'" . C   C 3 2  ? -13.390 -5.731  -20.290 1.00 78.06  ? 32  C   C "O2'" 1 
ATOM   960  C  "C1'" . C   C 3 2  ? -11.130 -6.020  -20.981 1.00 75.67  ? 32  C   C "C1'" 1 
ATOM   961  N  N1    . C   C 3 2  ? -9.868  -6.625  -20.529 1.00 77.56  ? 32  C   C N1    1 
ATOM   962  C  C2    . C   C 3 2  ? -9.893  -7.890  -19.921 1.00 77.45  ? 32  C   C C2    1 
ATOM   963  O  O2    . C   C 3 2  ? -10.968 -8.456  -19.751 1.00 79.86  ? 32  C   C O2    1 
ATOM   964  N  N3    . C   C 3 2  ? -8.748  -8.466  -19.542 1.00 77.45  ? 32  C   C N3    1 
ATOM   965  C  C4    . C   C 3 2  ? -7.599  -7.840  -19.747 1.00 78.14  ? 32  C   C C4    1 
ATOM   966  N  N4    . C   C 3 2  ? -6.496  -8.473  -19.396 1.00 76.90  ? 32  C   C N4    1 
ATOM   967  C  C5    . C   C 3 2  ? -7.535  -6.543  -20.333 1.00 77.96  ? 32  C   C C5    1 
ATOM   968  C  C6    . C   C 3 2  ? -8.685  -5.976  -20.701 1.00 76.64  ? 32  C   C C6    1 
ATOM   969  P  P     . G   C 3 3  ? -12.718 -3.556  -17.240 1.00 70.94  ? 33  G   C P     1 
ATOM   970  O  OP1   . G   C 3 3  ? -13.781 -2.597  -16.854 1.00 66.42  ? 33  G   C OP1   1 
ATOM   971  O  OP2   . G   C 3 3  ? -11.300 -3.333  -16.835 1.00 64.99  ? 33  G   C OP2   1 
ATOM   972  O  "O5'" . G   C 3 3  ? -13.169 -4.990  -16.711 1.00 75.78  ? 33  G   C "O5'" 1 
ATOM   973  C  "C5'" . G   C 3 3  ? -14.439 -5.541  -17.035 1.00 75.28  ? 33  G   C "C5'" 1 
ATOM   974  C  "C4'" . G   C 3 3  ? -14.505 -6.963  -16.549 1.00 76.20  ? 33  G   C "C4'" 1 
ATOM   975  O  "O4'" . G   C 3 3  ? -13.478 -7.733  -17.207 1.00 76.34  ? 33  G   C "O4'" 1 
ATOM   976  C  "C3'" . G   C 3 3  ? -14.166 -7.106  -15.086 1.00 76.44  ? 33  G   C "C3'" 1 
ATOM   977  O  "O3'" . G   C 3 3  ? -15.343 -6.938  -14.325 1.00 77.65  ? 33  G   C "O3'" 1 
ATOM   978  C  "C2'" . G   C 3 3  ? -13.681 -8.542  -14.995 1.00 75.02  ? 33  G   C "C2'" 1 
ATOM   979  O  "O2'" . G   C 3 3  ? -14.756 -9.450  -14.977 1.00 74.60  ? 33  G   C "O2'" 1 
ATOM   980  C  "C1'" . G   C 3 3  ? -12.953 -8.693  -16.317 1.00 76.32  ? 33  G   C "C1'" 1 
ATOM   981  N  N9    . G   C 3 3  ? -11.507 -8.531  -16.265 1.00 75.89  ? 33  G   C N9    1 
ATOM   982  C  C8    . G   C 3 3  ? -10.783 -7.476  -16.750 1.00 74.43  ? 33  G   C C8    1 
ATOM   983  N  N7    . G   C 3 3  ? -9.494  -7.660  -16.668 1.00 73.86  ? 33  G   C N7    1 
ATOM   984  C  C5    . G   C 3 3  ? -9.366  -8.897  -16.066 1.00 72.98  ? 33  G   C C5    1 
ATOM   985  C  C6    . G   C 3 3  ? -8.221  -9.618  -15.744 1.00 73.36  ? 33  G   C C6    1 
ATOM   986  O  O6    . G   C 3 3  ? -7.053  -9.292  -15.920 1.00 73.13  ? 33  G   C O6    1 
ATOM   987  N  N1    . G   C 3 3  ? -8.528  -10.845 -15.164 1.00 72.14  ? 33  G   C N1    1 
ATOM   988  C  C2    . G   C 3 3  ? -9.793  -11.306 -14.927 1.00 72.30  ? 33  G   C C2    1 
ATOM   989  N  N2    . G   C 3 3  ? -9.897  -12.518 -14.389 1.00 73.70  ? 33  G   C N2    1 
ATOM   990  N  N3    . G   C 3 3  ? -10.883 -10.629 -15.209 1.00 73.43  ? 33  G   C N3    1 
ATOM   991  C  C4    . G   C 3 3  ? -10.596 -9.441  -15.782 1.00 74.78  ? 33  G   C C4    1 
ATOM   992  P  P     . U   C 3 4  ? -15.234 -6.614  -12.761 1.00 80.45  ? 34  U   C P     1 
ATOM   993  O  OP1   . U   C 3 4  ? -16.628 -6.533  -12.244 1.00 79.44  ? 34  U   C OP1   1 
ATOM   994  O  OP2   . U   C 3 4  ? -14.312 -5.455  -12.636 1.00 82.69  ? 34  U   C OP2   1 
ATOM   995  O  "O5'" . U   C 3 4  ? -14.522 -7.886  -12.116 1.00 78.44  ? 34  U   C "O5'" 1 
ATOM   996  C  "C5'" . U   C 3 4  ? -15.293 -9.025  -11.786 1.00 76.76  ? 34  U   C "C5'" 1 
ATOM   997  C  "C4'" . U   C 3 4  ? -14.426 -10.176 -11.379 1.00 75.87  ? 34  U   C "C4'" 1 
ATOM   998  O  "O4'" . U   C 3 4  ? -13.365 -10.340 -12.347 1.00 73.81  ? 34  U   C "O4'" 1 
ATOM   999  C  "C3'" . U   C 3 4  ? -13.663 -9.933  -10.108 1.00 75.53  ? 34  U   C "C3'" 1 
ATOM   1000 O  "O3'" . U   C 3 4  ? -14.435 -10.191 -8.982  1.00 76.93  ? 34  U   C "O3'" 1 
ATOM   1001 C  "C2'" . U   C 3 4  ? -12.514 -10.904 -10.224 1.00 74.87  ? 34  U   C "C2'" 1 
ATOM   1002 O  "O2'" . U   C 3 4  ? -12.901 -12.228 -9.953  1.00 79.57  ? 34  U   C "O2'" 1 
ATOM   1003 C  "C1'" . U   C 3 4  ? -12.208 -10.810 -11.706 1.00 73.59  ? 34  U   C "C1'" 1 
ATOM   1004 N  N1    . U   C 3 4  ? -11.104 -9.904  -11.987 1.00 73.89  ? 34  U   C N1    1 
ATOM   1005 C  C2    . U   C 3 4  ? -9.863  -10.366 -11.680 1.00 75.35  ? 34  U   C C2    1 
ATOM   1006 O  O2    . U   C 3 4  ? -9.682  -11.454 -11.141 1.00 78.70  ? 34  U   C O2    1 
ATOM   1007 N  N3    . U   C 3 4  ? -8.839  -9.531  -12.012 1.00 74.40  ? 34  U   C N3    1 
ATOM   1008 C  C4    . U   C 3 4  ? -8.940  -8.310  -12.595 1.00 72.93  ? 34  U   C C4    1 
ATOM   1009 O  O4    . U   C 3 4  ? -7.906  -7.672  -12.842 1.00 74.62  ? 34  U   C O4    1 
ATOM   1010 C  C5    . U   C 3 4  ? -10.277 -7.879  -12.850 1.00 71.76  ? 34  U   C C5    1 
ATOM   1011 C  C6    . U   C 3 4  ? -11.288 -8.677  -12.543 1.00 73.86  ? 34  U   C C6    1 
ATOM   1012 P  P     . G   C 3 5  ? -14.135 -9.381  -7.641  1.00 80.98  ? 35  G   C P     1 
ATOM   1013 O  OP1   . G   C 3 5  ? -15.276 -9.523  -6.702  1.00 78.59  ? 35  G   C OP1   1 
ATOM   1014 O  OP2   . G   C 3 5  ? -13.731 -8.044  -8.129  1.00 81.21  ? 35  G   C OP2   1 
ATOM   1015 O  "O5'" . G   C 3 5  ? -12.834 -10.090 -7.062  1.00 79.53  ? 35  G   C "O5'" 1 
ATOM   1016 C  "C5'" . G   C 3 5  ? -12.832 -11.489 -6.822  1.00 78.08  ? 35  G   C "C5'" 1 
ATOM   1017 C  "C4'" . G   C 3 5  ? -11.439 -11.996 -6.564  1.00 78.23  ? 35  G   C "C4'" 1 
ATOM   1018 O  "O4'" . G   C 3 5  ? -10.615 -11.777 -7.735  1.00 78.00  ? 35  G   C "O4'" 1 
ATOM   1019 C  "C3'" . G   C 3 5  ? -10.694 -11.283 -5.452  1.00 77.92  ? 35  G   C "C3'" 1 
ATOM   1020 O  "O3'" . G   C 3 5  ? -11.043 -11.860 -4.198  1.00 83.91  ? 35  G   C "O3'" 1 
ATOM   1021 C  "C2'" . G   C 3 5  ? -9.243  -11.584 -5.809  1.00 79.03  ? 35  G   C "C2'" 1 
ATOM   1022 O  "O2'" . G   C 3 5  ? -8.874  -12.901 -5.445  1.00 78.51  ? 35  G   C "O2'" 1 
ATOM   1023 C  "C1'" . G   C 3 5  ? -9.284  -11.512 -7.332  1.00 76.05  ? 35  G   C "C1'" 1 
ATOM   1024 N  N9    . G   C 3 5  ? -8.901  -10.234 -7.915  1.00 73.99  ? 35  G   C N9    1 
ATOM   1025 C  C8    . G   C 3 5  ? -9.710  -9.199  -8.297  1.00 71.74  ? 35  G   C C8    1 
ATOM   1026 N  N7    . G   C 3 5  ? -9.054  -8.212  -8.858  1.00 72.39  ? 35  G   C N7    1 
ATOM   1027 C  C5    . G   C 3 5  ? -7.733  -8.630  -8.826  1.00 71.14  ? 35  G   C C5    1 
ATOM   1028 C  C6    . G   C 3 5  ? -6.594  -7.976  -9.293  1.00 69.50  ? 35  G   C C6    1 
ATOM   1029 O  O6    . G   C 3 5  ? -6.502  -6.896  -9.851  1.00 68.97  ? 35  G   C O6    1 
ATOM   1030 N  N1    . G   C 3 5  ? -5.448  -8.726  -9.039  1.00 68.60  ? 35  G   C N1    1 
ATOM   1031 C  C2    . G   C 3 5  ? -5.411  -9.947  -8.423  1.00 69.08  ? 35  G   C C2    1 
ATOM   1032 N  N2    . G   C 3 5  ? -4.178  -10.456 -8.285  1.00 68.32  ? 35  G   C N2    1 
ATOM   1033 N  N3    . G   C 3 5  ? -6.492  -10.569 -7.993  1.00 69.92  ? 35  G   C N3    1 
ATOM   1034 C  C4    . G   C 3 5  ? -7.613  -9.854  -8.230  1.00 72.04  ? 35  G   C C4    1 
ATOM   1035 P  P     . G   C 3 6  ? -10.900 -11.008 -2.843  1.00 86.26  ? 36  G   C P     1 
ATOM   1036 O  OP1   . G   C 3 6  ? -11.863 -11.564 -1.869  1.00 82.31  ? 36  G   C OP1   1 
ATOM   1037 O  OP2   . G   C 3 6  ? -10.986 -9.587  -3.212  1.00 85.68  ? 36  G   C OP2   1 
ATOM   1038 O  "O5'" . G   C 3 6  ? -9.414  -11.310 -2.348  1.00 82.73  ? 36  G   C "O5'" 1 
ATOM   1039 C  "C5'" . G   C 3 6  ? -8.928  -12.650 -2.262  1.00 81.11  ? 36  G   C "C5'" 1 
ATOM   1040 C  "C4'" . G   C 3 6  ? -7.424  -12.655 -2.133  1.00 82.83  ? 36  G   C "C4'" 1 
ATOM   1041 O  "O4'" . G   C 3 6  ? -6.845  -11.882 -3.203  1.00 84.59  ? 36  G   C "O4'" 1 
ATOM   1042 C  "C3'" . G   C 3 6  ? -6.932  -12.030 -0.835  1.00 81.35  ? 36  G   C "C3'" 1 
ATOM   1043 O  "O3'" . G   C 3 6  ? -5.736  -12.765 -0.586  1.00 84.58  ? 36  G   C "O3'" 1 
ATOM   1044 C  "C2'" . G   C 3 6  ? -6.639  -10.578 -1.200  1.00 82.70  ? 36  G   C "C2'" 1 
ATOM   1045 O  "O2'" . G   C 3 6  ? -5.519  -10.039 -0.547  1.00 88.40  ? 36  G   C "O2'" 1 
ATOM   1046 C  "C1'" . G   C 3 6  ? -6.263  -10.727 -2.675  1.00 80.55  ? 36  G   C "C1'" 1 
ATOM   1047 N  N9    . G   C 3 6  ? -6.446  -9.636  -3.617  1.00 77.55  ? 36  G   C N9    1 
ATOM   1048 C  C8    . G   C 3 6  ? -7.585  -8.914  -3.867  1.00 76.80  ? 36  G   C C8    1 
ATOM   1049 N  N7    . G   C 3 6  ? -7.418  -8.006  -4.789  1.00 76.57  ? 36  G   C N7    1 
ATOM   1050 C  C5    . G   C 3 6  ? -6.082  -8.131  -5.162  1.00 73.99  ? 36  G   C C5    1 
ATOM   1051 C  C6    . G   C 3 6  ? -5.313  -7.404  -6.113  1.00 72.34  ? 36  G   C C6    1 
ATOM   1052 O  O6    . G   C 3 6  ? -5.664  -6.446  -6.807  1.00 69.98  ? 36  G   C O6    1 
ATOM   1053 N  N1    . G   C 3 6  ? -4.005  -7.885  -6.199  1.00 71.07  ? 36  G   C N1    1 
ATOM   1054 C  C2    . G   C 3 6  ? -3.497  -8.913  -5.454  1.00 73.38  ? 36  G   C C2    1 
ATOM   1055 N  N2    . G   C 3 6  ? -2.221  -9.247  -5.689  1.00 73.68  ? 36  G   C N2    1 
ATOM   1056 N  N3    . G   C 3 6  ? -4.192  -9.575  -4.545  1.00 75.16  ? 36  G   C N3    1 
ATOM   1057 C  C4    . G   C 3 6  ? -5.472  -9.136  -4.454  1.00 74.87  ? 36  G   C C4    1 
ATOM   1058 P  P     . U   C 3 7  ? -5.345  -13.227 0.878   1.00 86.36  ? 37  U   C P     1 
ATOM   1059 O  OP1   . U   C 3 7  ? -4.390  -14.360 0.692   1.00 77.67  ? 37  U   C OP1   1 
ATOM   1060 O  OP2   . U   C 3 7  ? -6.613  -13.428 1.631   1.00 81.11  ? 37  U   C OP2   1 
ATOM   1061 O  "O5'" . U   C 3 7  ? -4.501  -12.019 1.482   1.00 84.00  ? 37  U   C "O5'" 1 
ATOM   1062 C  "C5'" . U   C 3 7  ? -3.747  -12.201 2.660   1.00 80.36  ? 37  U   C "C5'" 1 
ATOM   1063 C  "C4'" . U   C 3 7  ? -2.452  -11.438 2.584   1.00 81.36  ? 37  U   C "C4'" 1 
ATOM   1064 O  "O4'" . U   C 3 7  ? -1.703  -11.868 1.423   1.00 83.19  ? 37  U   C "O4'" 1 
ATOM   1065 C  "C3'" . U   C 3 7  ? -2.717  -9.944  2.374   1.00 81.10  ? 37  U   C "C3'" 1 
ATOM   1066 O  "O3'" . U   C 3 7  ? -1.891  -9.183  3.237   1.00 79.15  ? 37  U   C "O3'" 1 
ATOM   1067 C  "C2'" . U   C 3 7  ? -2.535  -9.678  0.881   1.00 79.99  ? 37  U   C "C2'" 1 
ATOM   1068 O  "O2'" . U   C 3 7  ? -1.832  -8.500  0.521   1.00 84.94  ? 37  U   C "O2'" 1 
ATOM   1069 C  "C1'" . U   C 3 7  ? -1.586  -10.800 0.521   1.00 79.48  ? 37  U   C "C1'" 1 
ATOM   1070 N  N1    . U   C 3 7  ? -1.612  -11.262 -0.852  1.00 80.55  ? 37  U   C N1    1 
ATOM   1071 C  C2    . U   C 3 7  ? -0.545  -10.881 -1.598  1.00 81.27  ? 37  U   C C2    1 
ATOM   1072 O  O2    . U   C 3 7  ? 0.369   -10.248 -1.125  1.00 83.88  ? 37  U   C O2    1 
ATOM   1073 N  N3    . U   C 3 7  ? -0.576  -11.261 -2.905  1.00 82.52  ? 37  U   C N3    1 
ATOM   1074 C  C4    . U   C 3 7  ? -1.568  -11.977 -3.520  1.00 83.30  ? 37  U   C C4    1 
ATOM   1075 O  O4    . U   C 3 7  ? -1.495  -12.186 -4.742  1.00 86.00  ? 37  U   C O4    1 
ATOM   1076 C  C5    . U   C 3 7  ? -2.649  -12.363 -2.648  1.00 82.32  ? 37  U   C C5    1 
ATOM   1077 C  C6    . U   C 3 7  ? -2.623  -11.997 -1.368  1.00 80.40  ? 37  U   C C6    1 
ATOM   1078 P  P     . C   C 3 8  ? -2.441  -7.874  3.975   1.00 80.45  ? 38  C   C P     1 
ATOM   1079 O  OP1   . C   C 3 8  ? -1.188  -7.098  4.216   1.00 83.21  ? 38  C   C OP1   1 
ATOM   1080 O  OP2   . C   C 3 8  ? -3.336  -8.236  5.072   1.00 76.97  ? 38  C   C OP2   1 
ATOM   1081 O  "O5'" . C   C 3 8  ? -3.301  -7.092  2.903   1.00 80.98  ? 38  C   C "O5'" 1 
ATOM   1082 C  "C5'" . C   C 3 8  ? -2.852  -5.849  2.399   1.00 72.60  ? 38  C   C "C5'" 1 
ATOM   1083 C  "C4'" . C   C 3 8  ? -3.956  -5.142  1.678   1.00 75.62  ? 38  C   C "C4'" 1 
ATOM   1084 O  "O4'" . C   C 3 8  ? -3.410  -3.995  1.036   1.00 72.93  ? 38  C   C "O4'" 1 
ATOM   1085 C  "C3'" . C   C 3 8  ? -4.549  -5.999  0.577   1.00 76.65  ? 38  C   C "C3'" 1 
ATOM   1086 O  "O3'" . C   C 3 8  ? -5.920  -5.634  0.437   1.00 81.18  ? 38  C   C "O3'" 1 
ATOM   1087 C  "C2'" . C   C 3 8  ? -3.800  -5.599  -0.681  1.00 73.42  ? 38  C   C "C2'" 1 
ATOM   1088 O  "O2'" . C   C 3 8  ? -4.627  -5.551  -1.814  1.00 77.10  ? 38  C   C "O2'" 1 
ATOM   1089 C  "C1'" . C   C 3 8  ? -3.454  -4.162  -0.340  1.00 70.85  ? 38  C   C "C1'" 1 
ATOM   1090 N  N1    . C   C 3 8  ? -2.256  -3.608  -0.896  1.00 64.76  ? 38  C   C N1    1 
ATOM   1091 C  C2    . C   C 3 8  ? -2.384  -2.475  -1.699  1.00 64.67  ? 38  C   C C2    1 
ATOM   1092 O  O2    . C   C 3 8  ? -3.525  -1.991  -1.883  1.00 66.33  ? 38  C   C O2    1 
ATOM   1093 N  N3    . C   C 3 8  ? -1.281  -1.936  -2.256  1.00 62.80  ? 38  C   C N3    1 
ATOM   1094 C  C4    . C   C 3 8  ? -0.090  -2.496  -2.037  1.00 67.85  ? 38  C   C C4    1 
ATOM   1095 N  N4    . C   C 3 8  ? 0.975   -1.947  -2.629  1.00 67.13  ? 38  C   C N4    1 
ATOM   1096 C  C5    . C   C 3 8  ? 0.067   -3.651  -1.206  1.00 67.07  ? 38  C   C C5    1 
ATOM   1097 C  C6    . C   C 3 8  ? -1.038  -4.168  -0.658  1.00 66.06  ? 38  C   C C6    1 
ATOM   1098 P  P     . C   C 3 9  ? -7.101  -6.497  1.089   1.00 79.97  ? 39  C   C P     1 
ATOM   1099 O  OP1   . C   C 3 9  ? -6.794  -7.888  0.693   1.00 81.29  ? 39  C   C OP1   1 
ATOM   1100 O  OP2   . C   C 3 9  ? -8.351  -5.840  0.605   1.00 76.76  ? 39  C   C OP2   1 
ATOM   1101 O  "O5'" . C   C 3 9  ? -6.943  -6.272  2.667   1.00 80.89  ? 39  C   C "O5'" 1 
ATOM   1102 C  "C5'" . C   C 3 9  ? -7.781  -5.346  3.385   1.00 80.93  ? 39  C   C "C5'" 1 
ATOM   1103 C  "C4'" . C   C 3 9  ? -7.867  -5.705  4.851   1.00 84.50  ? 39  C   C "C4'" 1 
ATOM   1104 O  "O4'" . C   C 3 9  ? -8.242  -7.096  4.967   1.00 85.36  ? 39  C   C "O4'" 1 
ATOM   1105 C  "C3'" . C   C 3 9  ? -6.493  -5.582  5.506   1.00 86.94  ? 39  C   C "C3'" 1 
ATOM   1106 O  "O3'" . C   C 3 9  ? -6.595  -5.113  6.850   1.00 87.34  ? 39  C   C "O3'" 1 
ATOM   1107 C  "C2'" . C   C 3 9  ? -5.914  -6.987  5.508   1.00 86.80  ? 39  C   C "C2'" 1 
ATOM   1108 O  "O2'" . C   C 3 9  ? -5.246  -7.230  6.715   1.00 88.97  ? 39  C   C "O2'" 1 
ATOM   1109 C  "C1'" . C   C 3 9  ? -7.188  -7.809  5.549   1.00 89.27  ? 39  C   C "C1'" 1 
ATOM   1110 N  N1    . C   C 3 9  ? -7.168  -9.192  5.106   1.00 92.81  ? 39  C   C N1    1 
ATOM   1111 C  C2    . C   C 3 9  ? -7.242  -10.180 6.095   1.00 94.52  ? 39  C   C C2    1 
ATOM   1112 O  O2    . C   C 3 9  ? -7.430  -9.832  7.277   1.00 93.64  ? 39  C   C O2    1 
ATOM   1113 N  N3    . C   C 3 9  ? -7.120  -11.477 5.747   1.00 95.44  ? 39  C   C N3    1 
ATOM   1114 C  C4    . C   C 3 9  ? -6.960  -11.805 4.462   1.00 95.91  ? 39  C   C C4    1 
ATOM   1115 N  N4    . C   C 3 9  ? -6.802  -13.103 4.170   1.00 97.45  ? 39  C   C N4    1 
ATOM   1116 C  C5    . C   C 3 9  ? -6.942  -10.816 3.420   1.00 95.88  ? 39  C   C C5    1 
ATOM   1117 C  C6    . C   C 3 9  ? -7.049  -9.532  3.790   1.00 94.06  ? 39  C   C C6    1 
ATOM   1118 P  P     . A   C 3 10 ? -6.280  -3.600  7.239   1.00 86.59  ? 40  A   C P     1 
ATOM   1119 O  OP1   . A   C 3 10 ? -5.661  -3.678  8.583   1.00 85.57  ? 40  A   C OP1   1 
ATOM   1120 O  OP2   . A   C 3 10 ? -7.514  -2.815  7.041   1.00 81.37  ? 40  A   C OP2   1 
ATOM   1121 O  "O5'" . A   C 3 10 ? -5.123  -3.191  6.243   1.00 84.37  ? 40  A   C "O5'" 1 
ATOM   1122 C  "C5'" . A   C 3 10 ? -3.790  -3.603  6.511   1.00 77.50  ? 40  A   C "C5'" 1 
ATOM   1123 C  "C4'" . A   C 3 10 ? -2.847  -2.967  5.543   1.00 79.56  ? 40  A   C "C4'" 1 
ATOM   1124 O  "O4'" . A   C 3 10 ? -3.278  -3.301  4.210   1.00 80.25  ? 40  A   C "O4'" 1 
ATOM   1125 C  "C3'" . A   C 3 10 ? -2.796  -1.453  5.541   1.00 79.06  ? 40  A   C "C3'" 1 
ATOM   1126 O  "O3'" . A   C 3 10 ? -1.888  -0.955  6.503   1.00 79.25  ? 40  A   C "O3'" 1 
ATOM   1127 C  "C2'" . A   C 3 10 ? -2.266  -1.166  4.152   1.00 77.00  ? 40  A   C "C2'" 1 
ATOM   1128 O  "O2'" . A   C 3 10 ? -0.870  -1.399  4.096   1.00 79.86  ? 40  A   C "O2'" 1 
ATOM   1129 C  "C1'" . A   C 3 10 ? -3.002  -2.224  3.342   1.00 77.28  ? 40  A   C "C1'" 1 
ATOM   1130 N  N9    . A   C 3 10 ? -4.269  -1.735  2.816   1.00 73.45  ? 40  A   C N9    1 
ATOM   1131 C  C8    . A   C 3 10 ? -5.533  -1.924  3.300   1.00 72.09  ? 40  A   C C8    1 
ATOM   1132 N  N7    . A   C 3 10 ? -6.464  -1.350  2.582   1.00 69.89  ? 40  A   C N7    1 
ATOM   1133 C  C5    . A   C 3 10 ? -5.759  -0.739  1.559   1.00 69.39  ? 40  A   C C5    1 
ATOM   1134 C  C6    . A   C 3 10 ? -6.167  0.038   0.460   1.00 68.58  ? 40  A   C C6    1 
ATOM   1135 N  N6    . A   C 3 10 ? -7.441  0.350   0.202   1.00 70.69  ? 40  A   C N6    1 
ATOM   1136 N  N1    . A   C 3 10 ? -5.211  0.490   -0.375  1.00 67.62  ? 40  A   C N1    1 
ATOM   1137 C  C2    . A   C 3 10 ? -3.939  0.179   -0.114  1.00 65.95  ? 40  A   C C2    1 
ATOM   1138 N  N3    . A   C 3 10 ? -3.432  -0.536  0.884   1.00 67.49  ? 40  A   C N3    1 
ATOM   1139 C  C4    . A   C 3 10 ? -4.407  -0.970  1.694   1.00 70.30  ? 40  A   C C4    1 
ATOM   1140 P  P     . U   C 3 11 ? -2.279  0.345   7.344   1.00 78.79  ? 41  U   C P     1 
ATOM   1141 O  OP1   . U   C 3 11 ? -1.256  0.428   8.421   1.00 71.27  ? 41  U   C OP1   1 
ATOM   1142 O  OP2   . U   C 3 11 ? -3.724  0.247   7.677   1.00 75.47  ? 41  U   C OP2   1 
ATOM   1143 O  "O5'" . U   C 3 11 ? -2.112  1.562   6.334   1.00 73.90  ? 41  U   C "O5'" 1 
ATOM   1144 C  "C5'" . U   C 3 11 ? -0.868  1.803   5.729   1.00 73.71  ? 41  U   C "C5'" 1 
ATOM   1145 C  "C4'" . U   C 3 11 ? -1.020  2.778   4.613   1.00 72.65  ? 41  U   C "C4'" 1 
ATOM   1146 O  "O4'" . U   C 3 11 ? -2.157  2.393   3.815   1.00 73.25  ? 41  U   C "O4'" 1 
ATOM   1147 C  "C3'" . U   C 3 11 ? -1.353  4.150   5.167   1.00 72.52  ? 41  U   C "C3'" 1 
ATOM   1148 O  "O3'" . U   C 3 11 ? -0.503  5.107   4.557   1.00 74.41  ? 41  U   C "O3'" 1 
ATOM   1149 C  "C2'" . U   C 3 11 ? -2.865  4.297   5.052   1.00 69.21  ? 41  U   C "C2'" 1 
ATOM   1150 O  "O2'" . U   C 3 11 ? -3.300  5.555   4.596   1.00 74.07  ? 41  U   C "O2'" 1 
ATOM   1151 C  "C1'" . U   C 3 11 ? -3.152  3.366   3.891   1.00 74.23  ? 41  U   C "C1'" 1 
ATOM   1152 N  N1    . U   C 3 11 ? -4.485  2.783   3.723   1.00 73.92  ? 41  U   C N1    1 
ATOM   1153 C  C2    . U   C 3 11 ? -5.265  3.320   2.713   1.00 72.14  ? 41  U   C C2    1 
ATOM   1154 O  O2    . U   C 3 11 ? -4.849  4.161   1.944   1.00 67.89  ? 41  U   C O2    1 
ATOM   1155 N  N3    . U   C 3 11 ? -6.542  2.825   2.631   1.00 72.52  ? 41  U   C N3    1 
ATOM   1156 C  C4    . U   C 3 11 ? -7.094  1.847   3.430   1.00 74.54  ? 41  U   C C4    1 
ATOM   1157 O  O4    . U   C 3 11 ? -8.285  1.554   3.293   1.00 78.08  ? 41  U   C O4    1 
ATOM   1158 C  C5    . U   C 3 11 ? -6.197  1.303   4.421   1.00 74.25  ? 41  U   C C5    1 
ATOM   1159 C  C6    . U   C 3 11 ? -4.953  1.784   4.528   1.00 74.17  ? 41  U   C C6    1 
ATOM   1160 P  P     . U   C 3 12 ? -0.562  6.641   4.978   1.00 73.28  ? 42  U   C P     1 
ATOM   1161 O  OP1   . U   C 3 12 ? 0.780   6.932   5.524   1.00 72.43  ? 42  U   C OP1   1 
ATOM   1162 O  OP2   . U   C 3 12 ? -1.765  6.895   5.800   1.00 65.36  ? 42  U   C OP2   1 
ATOM   1163 O  "O5'" . U   C 3 12 ? -0.720  7.423   3.595   1.00 68.07  ? 42  U   C "O5'" 1 
ATOM   1164 C  "C5'" . U   C 3 12 ? -0.708  8.835   3.542   1.00 70.89  ? 42  U   C "C5'" 1 
ATOM   1165 C  "C4'" . U   C 3 12 ? -1.825  9.288   2.679   1.00 75.36  ? 42  U   C "C4'" 1 
ATOM   1166 O  "O4'" . U   C 3 12 ? -1.686  8.653   1.401   1.00 77.95  ? 42  U   C "O4'" 1 
ATOM   1167 C  "C3'" . U   C 3 12 ? -3.128  8.758   3.267   1.00 73.25  ? 42  U   C "C3'" 1 
ATOM   1168 O  "O3'" . U   C 3 12 ? -4.161  9.642   2.880   1.00 75.94  ? 42  U   C "O3'" 1 
ATOM   1169 C  "C2'" . U   C 3 12 ? -3.405  7.456   2.538   1.00 74.34  ? 42  U   C "C2'" 1 
ATOM   1170 O  "O2'" . U   C 3 12 ? -4.765  7.299   2.249   1.00 80.49  ? 42  U   C "O2'" 1 
ATOM   1171 C  "C1'" . U   C 3 12 ? -2.739  7.743   1.209   1.00 75.97  ? 42  U   C "C1'" 1 
ATOM   1172 N  N1    . U   C 3 12 ? -2.295  6.610   0.407   1.00 74.92  ? 42  U   C N1    1 
ATOM   1173 C  C2    . U   C 3 12 ? -2.928  6.427   -0.809  1.00 74.17  ? 42  U   C C2    1 
ATOM   1174 O  O2    . U   C 3 12 ? -3.814  7.156   -1.214  1.00 74.19  ? 42  U   C O2    1 
ATOM   1175 N  N3    . U   C 3 12 ? -2.481  5.373   -1.535  1.00 72.81  ? 42  U   C N3    1 
ATOM   1176 C  C4    . U   C 3 12 ? -1.490  4.502   -1.181  1.00 74.23  ? 42  U   C C4    1 
ATOM   1177 O  O4    . U   C 3 12 ? -1.202  3.589   -1.953  1.00 76.96  ? 42  U   C O4    1 
ATOM   1178 C  C5    . U   C 3 12 ? -0.879  4.757   0.102   1.00 75.37  ? 42  U   C C5    1 
ATOM   1179 C  C6    . U   C 3 12 ? -1.302  5.777   0.830   1.00 75.21  ? 42  U   C C6    1 
ATOM   1180 P  P     . A   C 3 13 ? -4.873  10.586  3.929   1.00 76.04  ? 43  A   C P     1 
ATOM   1181 O  OP1   . A   C 3 13 ? -3.780  11.401  4.504   1.00 75.10  ? 43  A   C OP1   1 
ATOM   1182 O  OP2   . A   C 3 13 ? -5.731  9.754   4.818   1.00 75.70  ? 43  A   C OP2   1 
ATOM   1183 O  "O5'" . A   C 3 13 ? -5.790  11.478  2.972   1.00 68.49  ? 43  A   C "O5'" 1 
ATOM   1184 C  "C5'" . A   C 3 13 ? -5.213  12.289  1.951   1.00 69.96  ? 43  A   C "C5'" 1 
ATOM   1185 C  "C4'" . A   C 3 13 ? -6.038  12.206  0.701   1.00 74.52  ? 43  A   C "C4'" 1 
ATOM   1186 O  "O4'" . A   C 3 13 ? -6.056  10.842  0.243   1.00 79.33  ? 43  A   C "O4'" 1 
ATOM   1187 C  "C3'" . A   C 3 13 ? -7.496  12.551  0.887   1.00 74.41  ? 43  A   C "C3'" 1 
ATOM   1188 O  "O3'" . A   C 3 13 ? -7.661  13.946  0.767   1.00 79.06  ? 43  A   C "O3'" 1 
ATOM   1189 C  "C2'" . A   C 3 13 ? -8.154  11.809  -0.265  1.00 76.26  ? 43  A   C "C2'" 1 
ATOM   1190 O  "O2'" . A   C 3 13 ? -8.030  12.473  -1.503  1.00 77.19  ? 43  A   C "O2'" 1 
ATOM   1191 C  "C1'" . A   C 3 13 ? -7.323  10.533  -0.300  1.00 73.59  ? 43  A   C "C1'" 1 
ATOM   1192 N  N9    . A   C 3 13 ? -7.891  9.463   0.509   1.00 73.78  ? 43  A   C N9    1 
ATOM   1193 C  C8    . A   C 3 13 ? -7.269  8.774   1.512   1.00 72.35  ? 43  A   C C8    1 
ATOM   1194 N  N7    . A   C 3 13 ? -8.014  7.844   2.063   1.00 73.05  ? 43  A   C N7    1 
ATOM   1195 C  C5    . A   C 3 13 ? -9.212  7.926   1.372   1.00 73.59  ? 43  A   C C5    1 
ATOM   1196 C  C6    . A   C 3 13 ? -10.420 7.197   1.473   1.00 72.45  ? 43  A   C C6    1 
ATOM   1197 N  N6    . A   C 3 13 ? -10.605 6.181   2.314   1.00 72.11  ? 43  A   C N6    1 
ATOM   1198 N  N1    . A   C 3 13 ? -11.439 7.547   0.658   1.00 72.39  ? 43  A   C N1    1 
ATOM   1199 C  C2    . A   C 3 13 ? -11.239 8.548   -0.216  1.00 74.47  ? 43  A   C C2    1 
ATOM   1200 N  N3    . A   C 3 13 ? -10.141 9.295   -0.423  1.00 75.53  ? 43  A   C N3    1 
ATOM   1201 C  C4    . A   C 3 13 ? -9.155  8.929   0.417   1.00 75.12  ? 43  A   C C4    1 
ATOM   1202 P  P     . C   C 3 14 ? -8.475  14.737  1.889   1.00 85.52  ? 44  C   C P     1 
ATOM   1203 O  OP1   . C   C 3 14 ? -8.678  16.106  1.350   1.00 81.02  ? 44  C   C OP1   1 
ATOM   1204 O  OP2   . C   C 3 14 ? -7.794  14.549  3.197   1.00 71.63  ? 44  C   C OP2   1 
ATOM   1205 O  "O5'" . C   C 3 14 ? -9.861  13.950  1.974   1.00 82.53  ? 44  C   C "O5'" 1 
ATOM   1206 C  "C5'" . C   C 3 14 ? -10.909 14.162  1.020   1.00 83.44  ? 44  C   C "C5'" 1 
ATOM   1207 C  "C4'" . C   C 3 14 ? -12.115 13.325  1.389   1.00 86.44  ? 44  C   C "C4'" 1 
ATOM   1208 O  "O4'" . C   C 3 14 ? -11.806 11.928  1.199   1.00 87.77  ? 44  C   C "O4'" 1 
ATOM   1209 C  "C3'" . C   C 3 14 ? -12.523 13.420  2.844   1.00 89.51  ? 44  C   C "C3'" 1 
ATOM   1210 O  "O3'" . C   C 3 14 ? -13.364 14.535  3.037   1.00 92.81  ? 44  C   C "O3'" 1 
ATOM   1211 C  "C2'" . C   C 3 14 ? -13.244 12.105  3.078   1.00 88.35  ? 44  C   C "C2'" 1 
ATOM   1212 O  "O2'" . C   C 3 14 ? -14.580 12.087  2.652   1.00 92.60  ? 44  C   C "O2'" 1 
ATOM   1213 C  "C1'" . C   C 3 14 ? -12.414 11.162  2.218   1.00 85.80  ? 44  C   C "C1'" 1 
ATOM   1214 N  N1    . C   C 3 14 ? -11.346 10.547  2.996   1.00 84.01  ? 44  C   C N1    1 
ATOM   1215 C  C2    . C   C 3 14 ? -11.671 9.499   3.839   1.00 84.24  ? 44  C   C C2    1 
ATOM   1216 O  O2    . C   C 3 14 ? -12.856 9.128   3.900   1.00 86.50  ? 44  C   C O2    1 
ATOM   1217 N  N3    . C   C 3 14 ? -10.692 8.910   4.563   1.00 82.38  ? 44  C   C N3    1 
ATOM   1218 C  C4    . C   C 3 14 ? -9.430  9.332   4.450   1.00 81.86  ? 44  C   C C4    1 
ATOM   1219 N  N4    . C   C 3 14 ? -8.498  8.698   5.162   1.00 81.30  ? 44  C   C N4    1 
ATOM   1220 C  C5    . C   C 3 14 ? -9.074  10.413  3.598   1.00 81.28  ? 44  C   C C5    1 
ATOM   1221 C  C6    . C   C 3 14 ? -10.054 10.985  2.894   1.00 81.28  ? 44  C   C C6    1 
ATOM   1222 P  P     . C   C 3 15 ? -13.333 15.313  4.434   1.00 97.73  ? 45  C   C P     1 
ATOM   1223 O  OP1   . C   C 3 15 ? -14.193 16.505  4.260   1.00 96.26  ? 45  C   C OP1   1 
ATOM   1224 O  OP2   . C   C 3 15 ? -11.934 15.476  4.889   1.00 100.09 ? 45  C   C OP2   1 
ATOM   1225 O  "O5'" . C   C 3 15 ? -14.039 14.315  5.433   1.00 94.57  ? 45  C   C "O5'" 1 
ATOM   1226 C  "C5'" . C   C 3 15 ? -15.391 14.003  5.246   1.00 92.76  ? 45  C   C "C5'" 1 
ATOM   1227 C  "C4'" . C   C 3 15 ? -15.823 13.014  6.272   1.00 94.52  ? 45  C   C "C4'" 1 
ATOM   1228 O  "O4'" . C   C 3 15 ? -15.138 11.760  6.038   1.00 95.56  ? 45  C   C "O4'" 1 
ATOM   1229 C  "C3'" . C   C 3 15 ? -15.396 13.388  7.677   1.00 96.15  ? 45  C   C "C3'" 1 
ATOM   1230 O  "O3'" . C   C 3 15 ? -16.298 14.299  8.265   1.00 101.38 ? 45  C   C "O3'" 1 
ATOM   1231 C  "C2'" . C   C 3 15 ? -15.400 12.043  8.390   1.00 94.33  ? 45  C   C "C2'" 1 
ATOM   1232 O  "O2'" . C   C 3 15 ? -16.655 11.612  8.868   1.00 91.46  ? 45  C   C "O2'" 1 
ATOM   1233 C  "C1'" . C   C 3 15 ? -14.899 11.118  7.284   1.00 94.01  ? 45  C   C "C1'" 1 
ATOM   1234 N  N1    . C   C 3 15 ? -13.468 10.872  7.430   1.00 91.84  ? 45  C   C N1    1 
ATOM   1235 C  C2    . C   C 3 15 ? -13.062 9.830   8.284   1.00 91.77  ? 45  C   C C2    1 
ATOM   1236 O  O2    . C   C 3 15 ? -13.930 9.122   8.833   1.00 91.63  ? 45  C   C O2    1 
ATOM   1237 N  N3    . C   C 3 15 ? -11.747 9.619   8.474   1.00 90.85  ? 45  C   C N3    1 
ATOM   1238 C  C4    . C   C 3 15 ? -10.850 10.383  7.842   1.00 90.34  ? 45  C   C C4    1 
ATOM   1239 N  N4    . C   C 3 15 ? -9.561  10.130  8.061   1.00 89.92  ? 45  C   C N4    1 
ATOM   1240 C  C5    . C   C 3 15 ? -11.237 11.436  6.951   1.00 90.60  ? 45  C   C C5    1 
ATOM   1241 C  C6    . C   C 3 15 ? -12.544 11.645  6.777   1.00 90.46  ? 45  C   C C6    1 
ATOM   1242 P  P     . U   C 3 16 ? -15.878 15.066  9.597   1.00 103.87 ? 46  U   C P     1 
ATOM   1243 O  OP1   . U   C 3 16 ? -17.020 15.917  9.978   1.00 107.66 ? 46  U   C OP1   1 
ATOM   1244 O  OP2   . U   C 3 16 ? -14.551 15.680  9.342   1.00 103.78 ? 46  U   C OP2   1 
ATOM   1245 O  "O5'" . U   C 3 16 ? -15.775 13.909  10.687  1.00 99.62  ? 46  U   C "O5'" 1 
ATOM   1246 C  "C5'" . U   C 3 16 ? -16.955 13.313  11.212  1.00 96.32  ? 46  U   C "C5'" 1 
ATOM   1247 C  "C4'" . U   C 3 16 ? -16.634 12.434  12.402  1.00 98.91  ? 46  U   C "C4'" 1 
ATOM   1248 O  "O4'" . U   C 3 16 ? -15.819 11.315  11.970  1.00 101.10 ? 46  U   C "O4'" 1 
ATOM   1249 C  "C3'" . U   C 3 16 ? -15.843 13.065  13.538  1.00 99.27  ? 46  U   C "C3'" 1 
ATOM   1250 O  "O3'" . U   C 3 16 ? -16.673 13.779  14.441  1.00 101.74 ? 46  U   C "O3'" 1 
ATOM   1251 C  "C2'" . U   C 3 16 ? -15.208 11.848  14.199  1.00 99.09  ? 46  U   C "C2'" 1 
ATOM   1252 O  "O2'" . U   C 3 16 ? -16.074 11.137  15.059  1.00 96.76  ? 46  U   C "O2'" 1 
ATOM   1253 C  "C1'" . U   C 3 16 ? -14.872 10.992  12.980  1.00 99.02  ? 46  U   C "C1'" 1 
ATOM   1254 N  N1    . U   C 3 16 ? -13.529 11.314  12.468  1.00 96.79  ? 46  U   C N1    1 
ATOM   1255 C  C2    . U   C 3 16 ? -12.441 10.693  13.055  1.00 95.30  ? 46  U   C C2    1 
ATOM   1256 O  O2    . U   C 3 16 ? -12.545 9.882   13.962  1.00 95.05  ? 46  U   C O2    1 
ATOM   1257 N  N3    . U   C 3 16 ? -11.226 11.060  12.544  1.00 94.37  ? 46  U   C N3    1 
ATOM   1258 C  C4    . U   C 3 16 ? -10.987 11.971  11.538  1.00 94.87  ? 46  U   C C4    1 
ATOM   1259 O  O4    . U   C 3 16 ? -9.819  12.250  11.233  1.00 94.85  ? 46  U   C O4    1 
ATOM   1260 C  C5    . U   C 3 16 ? -12.163 12.558  10.980  1.00 94.72  ? 46  U   C C5    1 
ATOM   1261 C  C6    . U   C 3 16 ? -13.361 12.216  11.450  1.00 95.15  ? 46  U   C C6    1 
ATOM   1262 P  P     . G   C 3 17 ? -16.050 14.959  15.340  1.00 106.62 ? 47  G   C P     1 
ATOM   1263 O  OP1   . G   C 3 17 ? -17.181 15.603  16.049  1.00 106.01 ? 47  G   C OP1   1 
ATOM   1264 O  OP2   . G   C 3 17 ? -15.166 15.782  14.474  1.00 101.99 ? 47  G   C OP2   1 
ATOM   1265 O  "O5'" . G   C 3 17 ? -15.194 14.180  16.438  1.00 103.24 ? 47  G   C "O5'" 1 
ATOM   1266 C  "C5'" . G   C 3 17 ? -15.843 13.322  17.371  1.00 99.95  ? 47  G   C "C5'" 1 
ATOM   1267 C  "C4'" . G   C 3 17 ? -14.839 12.695  18.310  1.00 99.57  ? 47  G   C "C4'" 1 
ATOM   1268 O  "O4'" . G   C 3 17 ? -14.004 11.758  17.577  1.00 100.32 ? 47  G   C "O4'" 1 
ATOM   1269 C  "C3'" . G   C 3 17 ? -13.853 13.639  18.974  1.00 98.73  ? 47  G   C "C3'" 1 
ATOM   1270 O  "O3'" . G   C 3 17 ? -14.407 14.275  20.112  1.00 98.22  ? 47  G   C "O3'" 1 
ATOM   1271 C  "C2'" . G   C 3 17 ? -12.703 12.698  19.317  1.00 99.26  ? 47  G   C "C2'" 1 
ATOM   1272 O  "O2'" . G   C 3 17 ? -12.950 11.894  20.459  1.00 92.78  ? 47  G   C "O2'" 1 
ATOM   1273 C  "C1'" . G   C 3 17 ? -12.671 11.804  18.075  1.00 98.90  ? 47  G   C "C1'" 1 
ATOM   1274 N  N9    . G   C 3 17 ? -11.802 12.345  17.024  1.00 96.07  ? 47  G   C N9    1 
ATOM   1275 C  C8    . G   C 3 17 ? -12.190 13.103  15.945  1.00 94.39  ? 47  G   C C8    1 
ATOM   1276 N  N7    . G   C 3 17 ? -11.196 13.454  15.176  1.00 93.02  ? 47  G   C N7    1 
ATOM   1277 C  C5    . G   C 3 17 ? -10.082 12.891  15.781  1.00 92.45  ? 47  G   C C5    1 
ATOM   1278 C  C6    . G   C 3 17 ? -8.710  12.930  15.398  1.00 91.66  ? 47  G   C C6    1 
ATOM   1279 O  O6    . G   C 3 17 ? -8.198  13.476  14.412  1.00 91.37  ? 47  G   C O6    1 
ATOM   1280 N  N1    . G   C 3 17 ? -7.907  12.238  16.298  1.00 90.03  ? 47  G   C N1    1 
ATOM   1281 C  C2    . G   C 3 17 ? -8.358  11.587  17.411  1.00 91.35  ? 47  G   C C2    1 
ATOM   1282 N  N2    . G   C 3 17 ? -7.426  10.980  18.142  1.00 92.22  ? 47  G   C N2    1 
ATOM   1283 N  N3    . G   C 3 17 ? -9.632  11.534  17.781  1.00 92.99  ? 47  G   C N3    1 
ATOM   1284 C  C4    . G   C 3 17 ? -10.434 12.204  16.923  1.00 93.71  ? 47  G   C C4    1 
ATOM   1285 P  P     . C   C 3 18 ? -13.717 15.603  20.691  1.00 99.62  ? 48  C   C P     1 
ATOM   1286 O  OP1   . C   C 3 18 ? -14.453 15.944  21.932  1.00 101.58 ? 48  C   C OP1   1 
ATOM   1287 O  OP2   . C   C 3 18 ? -13.573 16.617  19.614  1.00 96.16  ? 48  C   C OP2   1 
ATOM   1288 O  "O5'" . C   C 3 18 ? -12.278 15.106  21.119  1.00 94.92  ? 48  C   C "O5'" 1 
ATOM   1289 C  "C5'" . C   C 3 18 ? -12.145 14.118  22.123  1.00 90.75  ? 48  C   C "C5'" 1 
ATOM   1290 C  "C4'" . C   C 3 18 ? -10.702 13.988  22.529  1.00 93.55  ? 48  C   C "C4'" 1 
ATOM   1291 O  "O4'" . C   C 3 18 ? -9.971  13.236  21.526  1.00 96.05  ? 48  C   C "O4'" 1 
ATOM   1292 C  "C3'" . C   C 3 18 ? -9.953  15.298  22.628  1.00 93.62  ? 48  C   C "C3'" 1 
ATOM   1293 O  "O3'" . C   C 3 18 ? -10.154 15.928  23.871  1.00 92.27  ? 48  C   C "O3'" 1 
ATOM   1294 C  "C2'" . C   C 3 18 ? -8.515  14.846  22.470  1.00 94.55  ? 48  C   C "C2'" 1 
ATOM   1295 O  "O2'" . C   C 3 18 ? -8.035  14.282  23.665  1.00 90.90  ? 48  C   C "O2'" 1 
ATOM   1296 C  "C1'" . C   C 3 18 ? -8.657  13.760  21.406  1.00 94.96  ? 48  C   C "C1'" 1 
ATOM   1297 N  N1    . C   C 3 18 ? -8.488  14.327  20.052  1.00 96.45  ? 48  C   C N1    1 
ATOM   1298 C  C2    . C   C 3 18 ? -7.186  14.557  19.580  1.00 96.78  ? 48  C   C C2    1 
ATOM   1299 O  O2    . C   C 3 18 ? -6.230  14.250  20.304  1.00 97.17  ? 48  C   C O2    1 
ATOM   1300 N  N3    . C   C 3 18 ? -7.009  15.107  18.355  1.00 96.18  ? 48  C   C N3    1 
ATOM   1301 C  C4    . C   C 3 18 ? -8.065  15.423  17.609  1.00 94.48  ? 48  C   C C4    1 
ATOM   1302 N  N4    . C   C 3 18 ? -7.840  15.974  16.420  1.00 90.48  ? 48  C   C N4    1 
ATOM   1303 C  C5    . C   C 3 18 ? -9.402  15.189  18.054  1.00 94.83  ? 48  C   C C5    1 
ATOM   1304 C  C6    . C   C 3 18 ? -9.567  14.641  19.271  1.00 95.30  ? 48  C   C C6    1 
ATOM   1305 P  P     . C   C 3 19 ? -9.793  17.478  24.034  1.00 95.69  ? 49  C   C P     1 
ATOM   1306 O  OP1   . C   C 3 19 ? -9.950  17.809  25.461  1.00 98.24  ? 49  C   C OP1   1 
ATOM   1307 O  OP2   . C   C 3 19 ? -10.496 18.278  22.996  1.00 92.36  ? 49  C   C OP2   1 
ATOM   1308 O  "O5'" . C   C 3 19 ? -8.237  17.544  23.741  1.00 95.59  ? 49  C   C "O5'" 1 
ATOM   1309 C  "C5'" . C   C 3 19 ? -7.307  16.996  24.659  1.00 91.68  ? 49  C   C "C5'" 1 
ATOM   1310 C  "C4'" . C   C 3 19 ? -5.896  17.268  24.196  1.00 94.35  ? 49  C   C "C4'" 1 
ATOM   1311 O  "O4'" . C   C 3 19 ? -5.661  16.542  22.960  1.00 94.98  ? 49  C   C "O4'" 1 
ATOM   1312 C  "C3'" . C   C 3 19 ? -5.568  18.711  23.838  1.00 90.24  ? 49  C   C "C3'" 1 
ATOM   1313 O  "O3'" . C   C 3 19 ? -5.354  19.658  24.880  1.00 93.39  ? 49  C   C "O3'" 1 
ATOM   1314 C  "C2'" . C   C 3 19 ? -4.375  18.520  22.924  1.00 89.65  ? 49  C   C "C2'" 1 
ATOM   1315 O  "O2'" . C   C 3 19 ? -3.268  18.080  23.681  1.00 86.01  ? 49  C   C "O2'" 1 
ATOM   1316 C  "C1'" . C   C 3 19 ? -4.822  17.309  22.110  1.00 92.63  ? 49  C   C "C1'" 1 
ATOM   1317 N  N1    . C   C 3 19 ? -5.580  17.691  20.897  1.00 94.54  ? 49  C   C N1    1 
ATOM   1318 C  C2    . C   C 3 19 ? -4.885  17.948  19.711  1.00 94.39  ? 49  C   C C2    1 
ATOM   1319 O  O2    . C   C 3 19 ? -3.662  17.809  19.686  1.00 98.20  ? 49  C   C O2    1 
ATOM   1320 N  N3    . C   C 3 19 ? -5.560  18.333  18.621  1.00 92.84  ? 49  C   C N3    1 
ATOM   1321 C  C4    . C   C 3 19 ? -6.875  18.443  18.663  1.00 91.79  ? 49  C   C C4    1 
ATOM   1322 N  N4    . C   C 3 19 ? -7.490  18.820  17.563  1.00 89.97  ? 49  C   C N4    1 
ATOM   1323 C  C5    . C   C 3 19 ? -7.616  18.170  19.839  1.00 93.14  ? 49  C   C C5    1 
ATOM   1324 C  C6    . C   C 3 19 ? -6.937  17.801  20.926  1.00 93.89  ? 49  C   C C6    1 
HETATM 1325 S  S     . SO4 D 4 .  ? 10.225  10.902  -4.739  1.00 182.33 ? 104 SO4 A S     1 
HETATM 1326 O  O1    . SO4 D 4 .  ? 10.053  9.623   -5.466  1.00 182.11 ? 104 SO4 A O1    1 
HETATM 1327 O  O2    . SO4 D 4 .  ? 9.325   10.894  -3.576  1.00 181.58 ? 104 SO4 A O2    1 
HETATM 1328 O  O3    . SO4 D 4 .  ? 9.872   12.040  -5.620  1.00 182.02 ? 104 SO4 A O3    1 
HETATM 1329 O  O4    . SO4 D 4 .  ? 11.613  11.029  -4.256  1.00 181.99 ? 104 SO4 A O4    1 
HETATM 1330 CO CO    . NCO E 5 .  ? -6.817  0.033   10.039  1.00 99.83  ? 101 NCO B CO    1 
HETATM 1331 N  N1    . NCO E 5 .  ? -5.591  -1.557  10.338  1.00 92.21  ? 101 NCO B N1    1 
HETATM 1332 N  N2    . NCO E 5 .  ? -8.322  -1.280  9.929   1.00 93.41  ? 101 NCO B N2    1 
HETATM 1333 N  N3    . NCO E 5 .  ? -6.959  0.458   11.985  1.00 93.94  ? 101 NCO B N3    1 
HETATM 1334 N  N4    . NCO E 5 .  ? -6.705  -0.212  8.099   1.00 94.81  ? 101 NCO B N4    1 
HETATM 1335 N  N5    . NCO E 5 .  ? -8.018  1.524   9.686   1.00 92.44  ? 101 NCO B N5    1 
HETATM 1336 N  N6    . NCO E 5 .  ? -5.215  1.247   10.091  1.00 93.87  ? 101 NCO B N6    1 
HETATM 1337 CO CO    . NCO F 5 .  ? 5.433   10.150  -6.899  1.00 200.69 ? 102 NCO B CO    1 
HETATM 1338 N  N1    . NCO F 5 .  ? 6.511   11.319  -5.629  1.00 199.99 ? 102 NCO B N1    1 
HETATM 1339 N  N2    . NCO F 5 .  ? 5.827   11.569  -8.268  1.00 199.50 ? 102 NCO B N2    1 
HETATM 1340 N  N3    . NCO F 5 .  ? 6.989   8.975   -7.366  1.00 199.28 ? 102 NCO B N3    1 
HETATM 1341 N  N4    . NCO F 5 .  ? 3.805   11.179  -6.507  1.00 198.89 ? 102 NCO B N4    1 
HETATM 1342 N  N5    . NCO F 5 .  ? 4.355   9.083   -8.132  1.00 199.68 ? 102 NCO B N5    1 
HETATM 1343 N  N6    . NCO F 5 .  ? 5.065   8.795   -5.443  1.00 199.61 ? 102 NCO B N6    1 
HETATM 1344 CO CO    . NCO G 5 .  ? -7.823  -3.942  -4.012  1.00 189.84 ? 103 NCO C CO    1 
HETATM 1345 N  N1    . NCO G 5 .  ? -8.885  -5.145  -5.274  1.00 188.96 ? 103 NCO C N1    1 
HETATM 1346 N  N2    . NCO G 5 .  ? -8.588  -2.404  -5.072  1.00 188.74 ? 103 NCO C N2    1 
HETATM 1347 N  N3    . NCO G 5 .  ? -9.210  -3.941  -2.586  1.00 189.26 ? 103 NCO C N3    1 
HETATM 1348 N  N4    . NCO G 5 .  ? -6.354  -3.879  -5.293  1.00 189.38 ? 103 NCO C N4    1 
HETATM 1349 N  N5    . NCO G 5 .  ? -6.746  -2.764  -2.874  1.00 188.56 ? 103 NCO C N5    1 
HETATM 1350 N  N6    . NCO G 5 .  ? -7.064  -5.557  -3.052  1.00 189.05 ? 103 NCO C N6    1 
HETATM 1351 O  O     . HOH H 6 .  ? 22.533  -19.027 5.708   1.00 103.68 ? 105 HOH A O     1 
HETATM 1352 O  O     . HOH I 6 .  ? 6.751   -1.619  -12.272 1.00 67.02  ? 103 HOH B O     1 
HETATM 1353 O  O     . HOH J 6 .  ? -7.407  -14.893 6.981   1.00 76.17  ? 104 HOH C O     1 
HETATM 1354 O  O     . HOH J 6 .  ? -15.519 12.221  22.185  1.00 90.72  ? 105 HOH C O     1 
# 
loop_
_pdbx_poly_seq_scheme.asym_id 
_pdbx_poly_seq_scheme.entity_id 
_pdbx_poly_seq_scheme.seq_id 
_pdbx_poly_seq_scheme.mon_id 
_pdbx_poly_seq_scheme.ndb_seq_num 
_pdbx_poly_seq_scheme.pdb_seq_num 
_pdbx_poly_seq_scheme.auth_seq_num 
_pdbx_poly_seq_scheme.pdb_mon_id 
_pdbx_poly_seq_scheme.auth_mon_id 
_pdbx_poly_seq_scheme.pdb_strand_id 
_pdbx_poly_seq_scheme.pdb_ins_code 
_pdbx_poly_seq_scheme.hetero 
A 1 1  U   1  1  1  U   U   A . n 
A 1 2  C   2  2  2  C   C   A . n 
A 1 3  C   3  3  3  C   C   A . n 
A 1 4  C   4  4  4  C   C   A . n 
A 1 5  A   5  5  5  A   A   A . n 
A 1 6  G   6  6  6  G   G   A . n 
A 1 7  U   7  7  7  U   U   A . n 
A 1 8  C   8  8  8  C   C   A . n 
A 1 9  C   9  9  9  C   C   A . n 
A 1 10 A   10 10 10 A   A   A . n 
A 1 11 C   11 11 11 C   C   A . n 
A 1 12 C   12 12 12 C   C   A . n 
A 1 13 G   13 13 13 G   G   A . n 
B 2 1  C   1  2  2  C   C   B . n 
B 2 2  G   2  3  3  G   G   B . n 
B 2 3  G   3  4  4  G   G   B . n 
B 2 4  U   4  5  5  U   U   B . n 
B 2 5  G   5  6  6  G   G   B . n 
B 2 6  A   6  7  7  A   A   B . n 
B 2 7  G   7  8  8  G   G   B . n 
B 2 8  A   8  9  9  A   A   B . n 
B 2 9  A   9  10 10 A   A   B . n 
B 2 10 G   10 11 11 G   G   B . n 
B 2 11 G   11 12 12 G   G   B . n 
B 2 12 G   12 13 13 G   G   B . n 
B 2 13 S9L 13 14 14 S9L S9L B . n 
B 2 14 G   14 15 15 G   G   B . n 
B 2 15 G   15 16 16 G   G   B . n 
B 2 16 C   16 17 17 C   C   B . n 
B 2 17 A   17 18 18 A   A   B . n 
B 2 18 G   18 19 19 G   G   B . n 
B 2 19 A   19 20 20 A   A   B . n 
B 2 20 G   20 21 21 G   G   B . n 
B 2 21 A   21 22 22 A   A   B . n 
B 2 22 A   22 23 23 A   A   B . n 
B 2 23 A   23 24 24 A   A   B . n 
B 2 24 C   24 25 25 C   C   B . n 
B 2 25 A   25 26 26 A   A   B . n 
B 2 26 C   26 27 27 C   C   B . n 
B 2 27 A   27 28 28 A   A   B . n 
B 2 28 C   28 29 29 C   C   B . n 
B 2 29 G   29 30 30 G   G   B . n 
B 2 30 A   30 31 31 A   A   B . n 
C 3 1  U   1  31 31 U   U   C . n 
C 3 2  C   2  32 32 C   C   C . n 
C 3 3  G   3  33 33 G   G   C . n 
C 3 4  U   4  34 34 U   U   C . n 
C 3 5  G   5  35 35 G   G   C . n 
C 3 6  G   6  36 36 G   G   C . n 
C 3 7  U   7  37 37 U   U   C . n 
C 3 8  C   8  38 38 C   C   C . n 
C 3 9  C   9  39 39 C   C   C . n 
C 3 10 A   10 40 40 A   A   C . n 
C 3 11 U   11 41 41 U   U   C . n 
C 3 12 U   12 42 42 U   U   C . n 
C 3 13 A   13 43 43 A   A   C . n 
C 3 14 C   14 44 44 C   C   C . n 
C 3 15 C   15 45 45 C   C   C . n 
C 3 16 U   16 46 46 U   U   C . n 
C 3 17 G   17 47 47 G   G   C . n 
C 3 18 C   18 48 48 C   C   C . n 
C 3 19 C   19 49 49 C   C   C . n 
# 
loop_
_pdbx_nonpoly_scheme.asym_id 
_pdbx_nonpoly_scheme.entity_id 
_pdbx_nonpoly_scheme.mon_id 
_pdbx_nonpoly_scheme.ndb_seq_num 
_pdbx_nonpoly_scheme.pdb_seq_num 
_pdbx_nonpoly_scheme.auth_seq_num 
_pdbx_nonpoly_scheme.pdb_mon_id 
_pdbx_nonpoly_scheme.auth_mon_id 
_pdbx_nonpoly_scheme.pdb_strand_id 
_pdbx_nonpoly_scheme.pdb_ins_code 
D 4 SO4 1 104 104 SO4 SO4 A . 
E 5 NCO 1 101 101 NCO NCO B . 
F 5 NCO 1 102 102 NCO NCO B . 
G 5 NCO 1 103 103 NCO NCO C . 
H 6 HOH 1 105 4   HOH HOH A . 
I 6 HOH 1 103 1   HOH HOH B . 
J 6 HOH 1 104 2   HOH HOH C . 
J 6 HOH 2 105 3   HOH HOH C . 
# 
_pdbx_struct_assembly.id                   1 
_pdbx_struct_assembly.details              author_and_software_defined_assembly 
_pdbx_struct_assembly.method_details       PISA 
_pdbx_struct_assembly.oligomeric_details   trimeric 
_pdbx_struct_assembly.oligomeric_count     3 
# 
_pdbx_struct_assembly_gen.assembly_id       1 
_pdbx_struct_assembly_gen.oper_expression   1 
_pdbx_struct_assembly_gen.asym_id_list      A,B,C,D,E,F,G,H,I,J 
# 
loop_
_pdbx_struct_assembly_prop.biol_id 
_pdbx_struct_assembly_prop.type 
_pdbx_struct_assembly_prop.value 
_pdbx_struct_assembly_prop.details 
1 'ABSA (A^2)' 5990 ? 
1 MORE         -29  ? 
1 'SSA (A^2)'  9230 ? 
# 
_pdbx_struct_oper_list.id                   1 
_pdbx_struct_oper_list.type                 'identity operation' 
_pdbx_struct_oper_list.name                 1_555 
_pdbx_struct_oper_list.symmetry_operation   x,y,z 
_pdbx_struct_oper_list.matrix[1][1]         1.0000000000 
_pdbx_struct_oper_list.matrix[1][2]         0.0000000000 
_pdbx_struct_oper_list.matrix[1][3]         0.0000000000 
_pdbx_struct_oper_list.vector[1]            0.0000000000 
_pdbx_struct_oper_list.matrix[2][1]         0.0000000000 
_pdbx_struct_oper_list.matrix[2][2]         1.0000000000 
_pdbx_struct_oper_list.matrix[2][3]         0.0000000000 
_pdbx_struct_oper_list.vector[2]            0.0000000000 
_pdbx_struct_oper_list.matrix[3][1]         0.0000000000 
_pdbx_struct_oper_list.matrix[3][2]         0.0000000000 
_pdbx_struct_oper_list.matrix[3][3]         1.0000000000 
_pdbx_struct_oper_list.vector[3]            0.0000000000 
# 
loop_
_pdbx_audit_revision_history.ordinal 
_pdbx_audit_revision_history.data_content_type 
_pdbx_audit_revision_history.major_revision 
_pdbx_audit_revision_history.minor_revision 
_pdbx_audit_revision_history.revision_date 
1 'Structure model' 1 0 2008-08-12 
2 'Structure model' 1 1 2011-07-13 
3 'Structure model' 1 2 2017-10-25 
4 'Structure model' 1 3 2023-08-30 
# 
_pdbx_audit_revision_details.ordinal             1 
_pdbx_audit_revision_details.revision_ordinal    1 
_pdbx_audit_revision_details.data_content_type   'Structure model' 
_pdbx_audit_revision_details.provider            repository 
_pdbx_audit_revision_details.type                'Initial release' 
_pdbx_audit_revision_details.description         ? 
_pdbx_audit_revision_details.details             ? 
# 
loop_
_pdbx_audit_revision_group.ordinal 
_pdbx_audit_revision_group.revision_ordinal 
_pdbx_audit_revision_group.data_content_type 
_pdbx_audit_revision_group.group 
1 2 'Structure model' 'Version format compliance' 
2 3 'Structure model' 'Refinement description'    
3 4 'Structure model' 'Data collection'           
4 4 'Structure model' 'Database references'       
5 4 'Structure model' 'Derived calculations'      
6 4 'Structure model' 'Refinement description'    
# 
loop_
_pdbx_audit_revision_category.ordinal 
_pdbx_audit_revision_category.revision_ordinal 
_pdbx_audit_revision_category.data_content_type 
_pdbx_audit_revision_category.category 
1 3 'Structure model' software                      
2 4 'Structure model' chem_comp_atom                
3 4 'Structure model' chem_comp_bond                
4 4 'Structure model' database_2                    
5 4 'Structure model' pdbx_initial_refinement_model 
6 4 'Structure model' struct_conn                   
7 4 'Structure model' struct_ref_seq                
# 
loop_
_pdbx_audit_revision_item.ordinal 
_pdbx_audit_revision_item.revision_ordinal 
_pdbx_audit_revision_item.data_content_type 
_pdbx_audit_revision_item.item 
1 3 'Structure model' '_software.classification'            
2 3 'Structure model' '_software.name'                      
3 4 'Structure model' '_database_2.pdbx_DOI'                
4 4 'Structure model' '_database_2.pdbx_database_accession' 
5 4 'Structure model' '_struct_conn.pdbx_leaving_atom_flag' 
6 4 'Structure model' '_struct_ref_seq.db_align_beg'        
7 4 'Structure model' '_struct_ref_seq.db_align_end'        
# 
loop_
_software.name 
_software.classification 
_software.version 
_software.citation_id 
_software.pdbx_ordinal 
Adxv         'data processing' . ? 1 
CNS          refinement        . ? 2 
CrystalClear 'data reduction'  . ? 3 
CrystalClear 'data scaling'    . ? 4 
CNS          phasing           . ? 5 
# 
_pdbx_validate_rmsd_angle.id                         1 
_pdbx_validate_rmsd_angle.PDB_model_num              1 
_pdbx_validate_rmsd_angle.auth_atom_id_1             N9 
_pdbx_validate_rmsd_angle.auth_asym_id_1             A 
_pdbx_validate_rmsd_angle.auth_comp_id_1             G 
_pdbx_validate_rmsd_angle.auth_seq_id_1              6 
_pdbx_validate_rmsd_angle.PDB_ins_code_1             ? 
_pdbx_validate_rmsd_angle.label_alt_id_1             ? 
_pdbx_validate_rmsd_angle.auth_atom_id_2             "C1'" 
_pdbx_validate_rmsd_angle.auth_asym_id_2             A 
_pdbx_validate_rmsd_angle.auth_comp_id_2             G 
_pdbx_validate_rmsd_angle.auth_seq_id_2              6 
_pdbx_validate_rmsd_angle.PDB_ins_code_2             ? 
_pdbx_validate_rmsd_angle.label_alt_id_2             ? 
_pdbx_validate_rmsd_angle.auth_atom_id_3             "C2'" 
_pdbx_validate_rmsd_angle.auth_asym_id_3             A 
_pdbx_validate_rmsd_angle.auth_comp_id_3             G 
_pdbx_validate_rmsd_angle.auth_seq_id_3              6 
_pdbx_validate_rmsd_angle.PDB_ins_code_3             ? 
_pdbx_validate_rmsd_angle.label_alt_id_3             ? 
_pdbx_validate_rmsd_angle.angle_value                121.88 
_pdbx_validate_rmsd_angle.angle_target_value         114.00 
_pdbx_validate_rmsd_angle.angle_deviation            7.88 
_pdbx_validate_rmsd_angle.angle_standard_deviation   1.30 
_pdbx_validate_rmsd_angle.linker_flag                N 
# 
_pdbx_unobs_or_zero_occ_atoms.id               1 
_pdbx_unobs_or_zero_occ_atoms.PDB_model_num    1 
_pdbx_unobs_or_zero_occ_atoms.polymer_flag     Y 
_pdbx_unobs_or_zero_occ_atoms.occupancy_flag   1 
_pdbx_unobs_or_zero_occ_atoms.auth_asym_id     A 
_pdbx_unobs_or_zero_occ_atoms.auth_comp_id     A 
_pdbx_unobs_or_zero_occ_atoms.auth_seq_id      5 
_pdbx_unobs_or_zero_occ_atoms.PDB_ins_code     ? 
_pdbx_unobs_or_zero_occ_atoms.auth_atom_id     "O3'" 
_pdbx_unobs_or_zero_occ_atoms.label_alt_id     ? 
_pdbx_unobs_or_zero_occ_atoms.label_asym_id    A 
_pdbx_unobs_or_zero_occ_atoms.label_comp_id    A 
_pdbx_unobs_or_zero_occ_atoms.label_seq_id     5 
_pdbx_unobs_or_zero_occ_atoms.label_atom_id    "O3'" 
# 
loop_
_chem_comp_atom.comp_id 
_chem_comp_atom.atom_id 
_chem_comp_atom.type_symbol 
_chem_comp_atom.pdbx_aromatic_flag 
_chem_comp_atom.pdbx_stereo_config 
_chem_comp_atom.pdbx_ordinal 
A   OP3    O  N N 1   
A   P      P  N N 2   
A   OP1    O  N N 3   
A   OP2    O  N N 4   
A   "O5'"  O  N N 5   
A   "C5'"  C  N N 6   
A   "C4'"  C  N R 7   
A   "O4'"  O  N N 8   
A   "C3'"  C  N S 9   
A   "O3'"  O  N N 10  
A   "C2'"  C  N R 11  
A   "O2'"  O  N N 12  
A   "C1'"  C  N R 13  
A   N9     N  Y N 14  
A   C8     C  Y N 15  
A   N7     N  Y N 16  
A   C5     C  Y N 17  
A   C6     C  Y N 18  
A   N6     N  N N 19  
A   N1     N  Y N 20  
A   C2     C  Y N 21  
A   N3     N  Y N 22  
A   C4     C  Y N 23  
A   HOP3   H  N N 24  
A   HOP2   H  N N 25  
A   "H5'"  H  N N 26  
A   "H5''" H  N N 27  
A   "H4'"  H  N N 28  
A   "H3'"  H  N N 29  
A   "HO3'" H  N N 30  
A   "H2'"  H  N N 31  
A   "HO2'" H  N N 32  
A   "H1'"  H  N N 33  
A   H8     H  N N 34  
A   H61    H  N N 35  
A   H62    H  N N 36  
A   H2     H  N N 37  
C   OP3    O  N N 38  
C   P      P  N N 39  
C   OP1    O  N N 40  
C   OP2    O  N N 41  
C   "O5'"  O  N N 42  
C   "C5'"  C  N N 43  
C   "C4'"  C  N R 44  
C   "O4'"  O  N N 45  
C   "C3'"  C  N S 46  
C   "O3'"  O  N N 47  
C   "C2'"  C  N R 48  
C   "O2'"  O  N N 49  
C   "C1'"  C  N R 50  
C   N1     N  N N 51  
C   C2     C  N N 52  
C   O2     O  N N 53  
C   N3     N  N N 54  
C   C4     C  N N 55  
C   N4     N  N N 56  
C   C5     C  N N 57  
C   C6     C  N N 58  
C   HOP3   H  N N 59  
C   HOP2   H  N N 60  
C   "H5'"  H  N N 61  
C   "H5''" H  N N 62  
C   "H4'"  H  N N 63  
C   "H3'"  H  N N 64  
C   "HO3'" H  N N 65  
C   "H2'"  H  N N 66  
C   "HO2'" H  N N 67  
C   "H1'"  H  N N 68  
C   H41    H  N N 69  
C   H42    H  N N 70  
C   H5     H  N N 71  
C   H6     H  N N 72  
G   OP3    O  N N 73  
G   P      P  N N 74  
G   OP1    O  N N 75  
G   OP2    O  N N 76  
G   "O5'"  O  N N 77  
G   "C5'"  C  N N 78  
G   "C4'"  C  N R 79  
G   "O4'"  O  N N 80  
G   "C3'"  C  N S 81  
G   "O3'"  O  N N 82  
G   "C2'"  C  N R 83  
G   "O2'"  O  N N 84  
G   "C1'"  C  N R 85  
G   N9     N  Y N 86  
G   C8     C  Y N 87  
G   N7     N  Y N 88  
G   C5     C  Y N 89  
G   C6     C  N N 90  
G   O6     O  N N 91  
G   N1     N  N N 92  
G   C2     C  N N 93  
G   N2     N  N N 94  
G   N3     N  N N 95  
G   C4     C  Y N 96  
G   HOP3   H  N N 97  
G   HOP2   H  N N 98  
G   "H5'"  H  N N 99  
G   "H5''" H  N N 100 
G   "H4'"  H  N N 101 
G   "H3'"  H  N N 102 
G   "HO3'" H  N N 103 
G   "H2'"  H  N N 104 
G   "HO2'" H  N N 105 
G   "H1'"  H  N N 106 
G   H8     H  N N 107 
G   H1     H  N N 108 
G   H21    H  N N 109 
G   H22    H  N N 110 
HOH O      O  N N 111 
HOH H1     H  N N 112 
HOH H2     H  N N 113 
NCO CO     CO N N 114 
NCO N1     N  N N 115 
NCO N2     N  N N 116 
NCO N3     N  N N 117 
NCO N4     N  N N 118 
NCO N5     N  N N 119 
NCO N6     N  N N 120 
NCO HN11   H  N N 121 
NCO HN12   H  N N 122 
NCO HN13   H  N N 123 
NCO HN21   H  N N 124 
NCO HN22   H  N N 125 
NCO HN23   H  N N 126 
NCO HN31   H  N N 127 
NCO HN32   H  N N 128 
NCO HN33   H  N N 129 
NCO HN41   H  N N 130 
NCO HN42   H  N N 131 
NCO HN43   H  N N 132 
NCO HN51   H  N N 133 
NCO HN52   H  N N 134 
NCO HN53   H  N N 135 
NCO HN61   H  N N 136 
NCO HN62   H  N N 137 
NCO HN63   H  N N 138 
S9L O3P    O  N N 139 
S9L P      P  N N 140 
S9L O1P    O  N N 141 
S9L O2P    O  N N 142 
S9L "O5'"  O  N N 143 
S9L C12    C  N N 144 
S9L C22    C  N N 145 
S9L OH3    O  N N 146 
S9L C13    C  N N 147 
S9L C23    C  N N 148 
S9L OH4    O  N N 149 
S9L C14    C  N N 150 
S9L C24    C  N N 151 
S9L "O3'"  O  N N 152 
S9L HO3P   H  N N 153 
S9L HO1P   H  N N 154 
S9L H121   H  N N 155 
S9L H122   H  N N 156 
S9L H221   H  N N 157 
S9L H222   H  N N 158 
S9L H131   H  N N 159 
S9L H132   H  N N 160 
S9L H231   H  N N 161 
S9L H232   H  N N 162 
S9L H141   H  N N 163 
S9L H142   H  N N 164 
S9L H241   H  N N 165 
S9L H242   H  N N 166 
S9L "HO3'" H  N N 167 
SO4 S      S  N N 168 
SO4 O1     O  N N 169 
SO4 O2     O  N N 170 
SO4 O3     O  N N 171 
SO4 O4     O  N N 172 
U   OP3    O  N N 173 
U   P      P  N N 174 
U   OP1    O  N N 175 
U   OP2    O  N N 176 
U   "O5'"  O  N N 177 
U   "C5'"  C  N N 178 
U   "C4'"  C  N R 179 
U   "O4'"  O  N N 180 
U   "C3'"  C  N S 181 
U   "O3'"  O  N N 182 
U   "C2'"  C  N R 183 
U   "O2'"  O  N N 184 
U   "C1'"  C  N R 185 
U   N1     N  N N 186 
U   C2     C  N N 187 
U   O2     O  N N 188 
U   N3     N  N N 189 
U   C4     C  N N 190 
U   O4     O  N N 191 
U   C5     C  N N 192 
U   C6     C  N N 193 
U   HOP3   H  N N 194 
U   HOP2   H  N N 195 
U   "H5'"  H  N N 196 
U   "H5''" H  N N 197 
U   "H4'"  H  N N 198 
U   "H3'"  H  N N 199 
U   "HO3'" H  N N 200 
U   "H2'"  H  N N 201 
U   "HO2'" H  N N 202 
U   "H1'"  H  N N 203 
U   H3     H  N N 204 
U   H5     H  N N 205 
U   H6     H  N N 206 
# 
loop_
_chem_comp_bond.comp_id 
_chem_comp_bond.atom_id_1 
_chem_comp_bond.atom_id_2 
_chem_comp_bond.value_order 
_chem_comp_bond.pdbx_aromatic_flag 
_chem_comp_bond.pdbx_stereo_config 
_chem_comp_bond.pdbx_ordinal 
A   OP3   P      sing N N 1   
A   OP3   HOP3   sing N N 2   
A   P     OP1    doub N N 3   
A   P     OP2    sing N N 4   
A   P     "O5'"  sing N N 5   
A   OP2   HOP2   sing N N 6   
A   "O5'" "C5'"  sing N N 7   
A   "C5'" "C4'"  sing N N 8   
A   "C5'" "H5'"  sing N N 9   
A   "C5'" "H5''" sing N N 10  
A   "C4'" "O4'"  sing N N 11  
A   "C4'" "C3'"  sing N N 12  
A   "C4'" "H4'"  sing N N 13  
A   "O4'" "C1'"  sing N N 14  
A   "C3'" "O3'"  sing N N 15  
A   "C3'" "C2'"  sing N N 16  
A   "C3'" "H3'"  sing N N 17  
A   "O3'" "HO3'" sing N N 18  
A   "C2'" "O2'"  sing N N 19  
A   "C2'" "C1'"  sing N N 20  
A   "C2'" "H2'"  sing N N 21  
A   "O2'" "HO2'" sing N N 22  
A   "C1'" N9     sing N N 23  
A   "C1'" "H1'"  sing N N 24  
A   N9    C8     sing Y N 25  
A   N9    C4     sing Y N 26  
A   C8    N7     doub Y N 27  
A   C8    H8     sing N N 28  
A   N7    C5     sing Y N 29  
A   C5    C6     sing Y N 30  
A   C5    C4     doub Y N 31  
A   C6    N6     sing N N 32  
A   C6    N1     doub Y N 33  
A   N6    H61    sing N N 34  
A   N6    H62    sing N N 35  
A   N1    C2     sing Y N 36  
A   C2    N3     doub Y N 37  
A   C2    H2     sing N N 38  
A   N3    C4     sing Y N 39  
C   OP3   P      sing N N 40  
C   OP3   HOP3   sing N N 41  
C   P     OP1    doub N N 42  
C   P     OP2    sing N N 43  
C   P     "O5'"  sing N N 44  
C   OP2   HOP2   sing N N 45  
C   "O5'" "C5'"  sing N N 46  
C   "C5'" "C4'"  sing N N 47  
C   "C5'" "H5'"  sing N N 48  
C   "C5'" "H5''" sing N N 49  
C   "C4'" "O4'"  sing N N 50  
C   "C4'" "C3'"  sing N N 51  
C   "C4'" "H4'"  sing N N 52  
C   "O4'" "C1'"  sing N N 53  
C   "C3'" "O3'"  sing N N 54  
C   "C3'" "C2'"  sing N N 55  
C   "C3'" "H3'"  sing N N 56  
C   "O3'" "HO3'" sing N N 57  
C   "C2'" "O2'"  sing N N 58  
C   "C2'" "C1'"  sing N N 59  
C   "C2'" "H2'"  sing N N 60  
C   "O2'" "HO2'" sing N N 61  
C   "C1'" N1     sing N N 62  
C   "C1'" "H1'"  sing N N 63  
C   N1    C2     sing N N 64  
C   N1    C6     sing N N 65  
C   C2    O2     doub N N 66  
C   C2    N3     sing N N 67  
C   N3    C4     doub N N 68  
C   C4    N4     sing N N 69  
C   C4    C5     sing N N 70  
C   N4    H41    sing N N 71  
C   N4    H42    sing N N 72  
C   C5    C6     doub N N 73  
C   C5    H5     sing N N 74  
C   C6    H6     sing N N 75  
G   OP3   P      sing N N 76  
G   OP3   HOP3   sing N N 77  
G   P     OP1    doub N N 78  
G   P     OP2    sing N N 79  
G   P     "O5'"  sing N N 80  
G   OP2   HOP2   sing N N 81  
G   "O5'" "C5'"  sing N N 82  
G   "C5'" "C4'"  sing N N 83  
G   "C5'" "H5'"  sing N N 84  
G   "C5'" "H5''" sing N N 85  
G   "C4'" "O4'"  sing N N 86  
G   "C4'" "C3'"  sing N N 87  
G   "C4'" "H4'"  sing N N 88  
G   "O4'" "C1'"  sing N N 89  
G   "C3'" "O3'"  sing N N 90  
G   "C3'" "C2'"  sing N N 91  
G   "C3'" "H3'"  sing N N 92  
G   "O3'" "HO3'" sing N N 93  
G   "C2'" "O2'"  sing N N 94  
G   "C2'" "C1'"  sing N N 95  
G   "C2'" "H2'"  sing N N 96  
G   "O2'" "HO2'" sing N N 97  
G   "C1'" N9     sing N N 98  
G   "C1'" "H1'"  sing N N 99  
G   N9    C8     sing Y N 100 
G   N9    C4     sing Y N 101 
G   C8    N7     doub Y N 102 
G   C8    H8     sing N N 103 
G   N7    C5     sing Y N 104 
G   C5    C6     sing N N 105 
G   C5    C4     doub Y N 106 
G   C6    O6     doub N N 107 
G   C6    N1     sing N N 108 
G   N1    C2     sing N N 109 
G   N1    H1     sing N N 110 
G   C2    N2     sing N N 111 
G   C2    N3     doub N N 112 
G   N2    H21    sing N N 113 
G   N2    H22    sing N N 114 
G   N3    C4     sing N N 115 
HOH O     H1     sing N N 116 
HOH O     H2     sing N N 117 
NCO CO    N1     sing N N 118 
NCO CO    N2     sing N N 119 
NCO CO    N3     sing N N 120 
NCO CO    N4     sing N N 121 
NCO CO    N5     sing N N 122 
NCO CO    N6     sing N N 123 
NCO N1    HN11   sing N N 124 
NCO N1    HN12   sing N N 125 
NCO N1    HN13   sing N N 126 
NCO N2    HN21   sing N N 127 
NCO N2    HN22   sing N N 128 
NCO N2    HN23   sing N N 129 
NCO N3    HN31   sing N N 130 
NCO N3    HN32   sing N N 131 
NCO N3    HN33   sing N N 132 
NCO N4    HN41   sing N N 133 
NCO N4    HN42   sing N N 134 
NCO N4    HN43   sing N N 135 
NCO N5    HN51   sing N N 136 
NCO N5    HN52   sing N N 137 
NCO N5    HN53   sing N N 138 
NCO N6    HN61   sing N N 139 
NCO N6    HN62   sing N N 140 
NCO N6    HN63   sing N N 141 
S9L O3P   P      sing N N 142 
S9L O3P   HO3P   sing N N 143 
S9L P     O2P    doub N N 144 
S9L P     O1P    sing N N 145 
S9L P     "O5'"  sing N N 146 
S9L O1P   HO1P   sing N N 147 
S9L "O5'" C12    sing N N 148 
S9L C12   C22    sing N N 149 
S9L C12   H121   sing N N 150 
S9L C12   H122   sing N N 151 
S9L C22   OH3    sing N N 152 
S9L C22   H221   sing N N 153 
S9L C22   H222   sing N N 154 
S9L OH3   C23    sing N N 155 
S9L C13   C23    sing N N 156 
S9L C13   OH4    sing N N 157 
S9L C13   H131   sing N N 158 
S9L C13   H132   sing N N 159 
S9L C23   H231   sing N N 160 
S9L C23   H232   sing N N 161 
S9L OH4   C24    sing N N 162 
S9L C14   C24    sing N N 163 
S9L C14   "O3'"  sing N N 164 
S9L C14   H141   sing N N 165 
S9L C14   H142   sing N N 166 
S9L C24   H241   sing N N 167 
S9L C24   H242   sing N N 168 
S9L "O3'" "HO3'" sing N N 169 
SO4 S     O1     doub N N 170 
SO4 S     O2     doub N N 171 
SO4 S     O3     sing N N 172 
SO4 S     O4     sing N N 173 
U   OP3   P      sing N N 174 
U   OP3   HOP3   sing N N 175 
U   P     OP1    doub N N 176 
U   P     OP2    sing N N 177 
U   P     "O5'"  sing N N 178 
U   OP2   HOP2   sing N N 179 
U   "O5'" "C5'"  sing N N 180 
U   "C5'" "C4'"  sing N N 181 
U   "C5'" "H5'"  sing N N 182 
U   "C5'" "H5''" sing N N 183 
U   "C4'" "O4'"  sing N N 184 
U   "C4'" "C3'"  sing N N 185 
U   "C4'" "H4'"  sing N N 186 
U   "O4'" "C1'"  sing N N 187 
U   "C3'" "O3'"  sing N N 188 
U   "C3'" "C2'"  sing N N 189 
U   "C3'" "H3'"  sing N N 190 
U   "O3'" "HO3'" sing N N 191 
U   "C2'" "O2'"  sing N N 192 
U   "C2'" "C1'"  sing N N 193 
U   "C2'" "H2'"  sing N N 194 
U   "O2'" "HO2'" sing N N 195 
U   "C1'" N1     sing N N 196 
U   "C1'" "H1'"  sing N N 197 
U   N1    C2     sing N N 198 
U   N1    C6     sing N N 199 
U   C2    O2     doub N N 200 
U   C2    N3     sing N N 201 
U   N3    C4     sing N N 202 
U   N3    H3     sing N N 203 
U   C4    O4     doub N N 204 
U   C4    C5     sing N N 205 
U   C5    C6     doub N N 206 
U   C5    H5     sing N N 207 
U   C6    H6     sing N N 208 
# 
loop_
_ndb_struct_conf_na.entry_id 
_ndb_struct_conf_na.feature 
3BBK 'double helix'         
3BBK 'a-form double helix'  
3BBK 'bulge loop'           
3BBK 'mismatched base pair' 
# 
loop_
_ndb_struct_na_base_pair.model_number 
_ndb_struct_na_base_pair.i_label_asym_id 
_ndb_struct_na_base_pair.i_label_comp_id 
_ndb_struct_na_base_pair.i_label_seq_id 
_ndb_struct_na_base_pair.i_symmetry 
_ndb_struct_na_base_pair.j_label_asym_id 
_ndb_struct_na_base_pair.j_label_comp_id 
_ndb_struct_na_base_pair.j_label_seq_id 
_ndb_struct_na_base_pair.j_symmetry 
_ndb_struct_na_base_pair.shear 
_ndb_struct_na_base_pair.stretch 
_ndb_struct_na_base_pair.stagger 
_ndb_struct_na_base_pair.buckle 
_ndb_struct_na_base_pair.propeller 
_ndb_struct_na_base_pair.opening 
_ndb_struct_na_base_pair.pair_number 
_ndb_struct_na_base_pair.pair_name 
_ndb_struct_na_base_pair.i_auth_asym_id 
_ndb_struct_na_base_pair.i_auth_seq_id 
_ndb_struct_na_base_pair.i_PDB_ins_code 
_ndb_struct_na_base_pair.j_auth_asym_id 
_ndb_struct_na_base_pair.j_auth_seq_id 
_ndb_struct_na_base_pair.j_PDB_ins_code 
_ndb_struct_na_base_pair.hbond_type_28 
_ndb_struct_na_base_pair.hbond_type_12 
1 A C 2  1_555 B G 12 1_555 -0.142 -0.183 -0.265 4.493   -18.560 1.413   1  A_C2:G13_B  A 2  ? B 13 ? 19 1  
1 A C 3  1_555 B G 11 1_555 0.351  -0.222 -0.114 -4.408  -9.246  -1.588  2  A_C3:G12_B  A 3  ? B 12 ? 19 1  
1 A C 4  1_555 B G 10 1_555 0.520  0.009  0.100  1.042   4.842   4.973   3  A_C4:G11_B  A 4  ? B 11 ? 19 1  
1 A A 5  1_555 B A 8  1_555 6.761  -3.456 -0.431 7.379   -0.178  -28.499 4  A_A5:A9_B   A 5  ? B 9  ? ?  ?  
1 A U 7  1_555 B G 7  1_555 -7.947 -3.096 -0.095 4.839   16.783  -16.861 5  A_U7:G8_B   A 7  ? B 8  ? ?  ?  
1 A C 8  1_555 B A 6  1_555 -2.788 0.476  -1.167 24.892  -8.655  4.262   6  A_C8:A7_B   A 8  ? B 7  ? ?  ?  
1 A C 9  1_555 B G 5  1_555 0.158  0.196  -0.069 10.175  -9.513  6.288   7  A_C9:G6_B   A 9  ? B 6  ? 19 1  
1 A A 10 1_555 B U 4  1_555 0.301  -0.098 0.353  2.159   -17.716 1.157   8  A_A10:U5_B  A 10 ? B 5  ? 20 1  
1 A C 11 1_555 B G 3  1_555 -0.005 0.090  0.243  6.517   -13.614 4.077   9  A_C11:G4_B  A 11 ? B 4  ? 19 1  
1 A C 12 1_555 B G 2  1_555 0.452  -0.288 0.338  4.002   -16.619 -1.174  10 A_C12:G3_B  A 12 ? B 3  ? 19 1  
1 A G 13 1_555 B C 1  1_555 0.018  0.032  0.348  1.420   -10.886 11.471  11 A_G13:C2_B  A 13 ? B 2  ? 19 1  
1 B G 14 1_555 C C 19 1_555 -0.293 0.022  0.601  2.572   -6.953  0.350   12 B_G15:C49_C B 15 ? C 49 ? 19 1  
1 B G 15 1_555 C C 18 1_555 0.076  -0.094 0.626  12.559  -5.013  -1.488  13 B_G16:C48_C B 16 ? C 48 ? 19 1  
1 B C 16 1_555 C G 17 1_555 -0.089 0.049  0.108  3.456   -11.478 4.246   14 B_C17:G47_C B 17 ? C 47 ? 19 1  
1 B A 17 1_555 C U 16 1_555 -0.319 -0.137 -0.116 -3.588  -9.548  7.323   15 B_A18:U46_C B 18 ? C 46 ? 20 1  
1 B G 18 1_555 C C 15 1_555 -0.238 -0.236 -0.817 -10.716 -8.659  2.535   16 B_G19:C45_C B 19 ? C 45 ? 19 1  
1 B A 19 1_555 C C 14 1_555 2.346  0.277  -0.394 -13.503 -6.607  16.672  17 B_A20:C44_C B 20 ? C 44 ? ?  1  
1 B G 20 1_555 C A 13 1_555 7.003  -4.831 -0.013 -7.336  0.463   -7.190  18 B_G21:A43_C B 21 ? C 43 ? ?  10 
1 B A 21 1_555 C U 11 1_555 -4.205 -1.726 0.050  -4.364  -7.547  -99.876 19 B_A22:U41_C B 22 ? C 41 ? 24 4  
1 B A 22 1_555 C A 10 1_555 -4.513 0.742  -0.686 2.843   -23.501 -94.680 20 B_A23:A40_C B 23 ? C 40 ? ?  ?  
1 B A 23 1_555 C C 8  1_555 -1.440 0.312  -0.100 14.880  13.336  120.882 21 B_A24:C38_C B 24 ? C 38 ? ?  2  
1 B C 24 1_555 A G 6  1_555 0.424  -0.251 0.172  12.017  -10.609 1.294   22 B_C25:G6_A  B 25 ? A 6  ? 19 1  
1 B A 25 1_555 C G 6  1_555 0.011  1.327  -0.462 -9.756  -16.025 -18.681 23 B_A26:G36_C B 26 ? C 36 ? 8  ?  
1 B C 26 1_555 C G 5  1_555 0.166  -0.105 0.149  7.291   -24.146 3.133   24 B_C27:G35_C B 27 ? C 35 ? 19 1  
1 B A 27 1_555 C U 4  1_555 -0.021 -0.181 0.364  8.593   -18.854 -2.634  25 B_A28:U34_C B 28 ? C 34 ? 20 1  
1 B C 28 1_555 C G 3  1_555 0.255  -0.245 -0.010 4.631   -12.877 1.519   26 B_C29:G33_C B 29 ? C 33 ? 19 1  
1 B G 29 1_555 C C 2  1_555 -0.178 -0.085 0.559  -0.781  -8.154  -1.904  27 B_G30:C32_C B 30 ? C 32 ? 19 1  
1 B A 30 1_555 C U 1  1_555 0.458  0.032  0.427  2.741   -4.610  1.573   28 B_A31:U31_C B 31 ? C 31 ? 20 1  
# 
loop_
_ndb_struct_na_base_pair_step.model_number 
_ndb_struct_na_base_pair_step.i_label_asym_id_1 
_ndb_struct_na_base_pair_step.i_label_comp_id_1 
_ndb_struct_na_base_pair_step.i_label_seq_id_1 
_ndb_struct_na_base_pair_step.i_symmetry_1 
_ndb_struct_na_base_pair_step.j_label_asym_id_1 
_ndb_struct_na_base_pair_step.j_label_comp_id_1 
_ndb_struct_na_base_pair_step.j_label_seq_id_1 
_ndb_struct_na_base_pair_step.j_symmetry_1 
_ndb_struct_na_base_pair_step.i_label_asym_id_2 
_ndb_struct_na_base_pair_step.i_label_comp_id_2 
_ndb_struct_na_base_pair_step.i_label_seq_id_2 
_ndb_struct_na_base_pair_step.i_symmetry_2 
_ndb_struct_na_base_pair_step.j_label_asym_id_2 
_ndb_struct_na_base_pair_step.j_label_comp_id_2 
_ndb_struct_na_base_pair_step.j_label_seq_id_2 
_ndb_struct_na_base_pair_step.j_symmetry_2 
_ndb_struct_na_base_pair_step.shift 
_ndb_struct_na_base_pair_step.slide 
_ndb_struct_na_base_pair_step.rise 
_ndb_struct_na_base_pair_step.tilt 
_ndb_struct_na_base_pair_step.roll 
_ndb_struct_na_base_pair_step.twist 
_ndb_struct_na_base_pair_step.x_displacement 
_ndb_struct_na_base_pair_step.y_displacement 
_ndb_struct_na_base_pair_step.helical_rise 
_ndb_struct_na_base_pair_step.inclination 
_ndb_struct_na_base_pair_step.tip 
_ndb_struct_na_base_pair_step.helical_twist 
_ndb_struct_na_base_pair_step.step_number 
_ndb_struct_na_base_pair_step.step_name 
_ndb_struct_na_base_pair_step.i_auth_asym_id_1 
_ndb_struct_na_base_pair_step.i_auth_seq_id_1 
_ndb_struct_na_base_pair_step.i_PDB_ins_code_1 
_ndb_struct_na_base_pair_step.j_auth_asym_id_1 
_ndb_struct_na_base_pair_step.j_auth_seq_id_1 
_ndb_struct_na_base_pair_step.j_PDB_ins_code_1 
_ndb_struct_na_base_pair_step.i_auth_asym_id_2 
_ndb_struct_na_base_pair_step.i_auth_seq_id_2 
_ndb_struct_na_base_pair_step.i_PDB_ins_code_2 
_ndb_struct_na_base_pair_step.j_auth_asym_id_2 
_ndb_struct_na_base_pair_step.j_auth_seq_id_2 
_ndb_struct_na_base_pair_step.j_PDB_ins_code_2 
1 A C 2  1_555 B G 12 1_555 A C 3  1_555 B G 11 1_555 -0.603 -1.727 3.539 -0.231  9.859  35.080  -4.155 0.933  2.965 15.970  0.374 
36.398  1  AA_C2C3:G12G13_BB   A 2  ? B 13 ? A 3  ? B 12 ? 
1 A C 3  1_555 B G 11 1_555 A C 4  1_555 B G 10 1_555 0.929  -1.524 3.272 1.021   8.677  28.069  -4.754 -1.626 2.721 17.365  
-2.044  29.371  2  AA_C3C4:G11G12_BB   A 3  ? B 12 ? A 4  ? B 11 ? 
1 A C 4  1_555 B G 10 1_555 A A 5  1_555 B A 8  1_555 -0.184 -1.020 5.350 -3.159  22.236 74.329  -1.850 0.001  4.937 18.013  2.559 
77.177  3  AA_C4A5:A9G11_BB    A 4  ? B 11 ? A 5  ? B 9  ? 
1 A A 5  1_555 B A 8  1_555 A U 7  1_555 B G 7  1_555 -1.364 0.036  3.485 12.013  4.763  11.688  -2.520 11.165 1.417 17.707  
-44.660 17.407  4  AA_A5U7:G8A9_BB     A 5  ? B 9  ? A 7  ? B 8  ? 
1 A U 7  1_555 B G 7  1_555 A C 8  1_555 B A 6  1_555 0.674  -1.023 2.913 -1.670  9.480  47.945  -1.857 -0.925 2.654 11.531  2.031 
48.846  5  AA_U7C8:A7G8_BB     A 7  ? B 8  ? A 8  ? B 7  ? 
1 A C 8  1_555 B A 6  1_555 A C 9  1_555 B G 5  1_555 0.088  -1.540 3.891 -8.107  9.022  39.962  -3.248 -1.098 3.400 12.847  
11.544  41.691  6  AA_C8C9:G6A7_BB     A 8  ? B 7  ? A 9  ? B 6  ? 
1 A C 9  1_555 B G 5  1_555 A A 10 1_555 B U 4  1_555 -0.552 -1.691 3.170 -1.059  13.482 35.432  -4.137 0.731  2.406 21.222  1.667 
37.847  7  AA_C9A10:U5G6_BB    A 9  ? B 6  ? A 10 ? B 5  ? 
1 A A 10 1_555 B U 4  1_555 A C 11 1_555 B G 3  1_555 -0.422 -1.927 3.087 -1.407  3.027  24.785  -5.271 0.593  2.854 7.012   3.259 
25.005  8  AA_A10C11:G4U5_BB   A 10 ? B 5  ? A 11 ? B 4  ? 
1 A C 11 1_555 B G 3  1_555 A C 12 1_555 B G 2  1_555 -0.039 -1.810 3.135 0.059   7.592  33.845  -4.088 0.074  2.678 12.842  
-0.100  34.662  9  AA_C11C12:G3G4_BB   A 11 ? B 4  ? A 12 ? B 3  ? 
1 A C 12 1_555 B G 2  1_555 A G 13 1_555 B C 1  1_555 0.741  -1.581 3.109 1.531   8.481  30.616  -4.275 -1.102 2.621 15.675  
-2.829  31.778  10 AA_C12G13:C2G3_BB   A 12 ? B 3  ? A 13 ? B 2  ? 
1 B G 14 1_555 C C 19 1_555 B G 15 1_555 C C 18 1_555 -0.763 -1.195 2.889 -3.606  3.950  36.806  -2.335 0.776  2.810 6.215   5.674 
37.179  11 BB_G15G16:C48C49_CC B 15 ? C 49 ? B 16 ? C 48 ? 
1 B G 15 1_555 C C 18 1_555 B C 16 1_555 C G 17 1_555 0.377  -1.621 3.419 3.825   9.655  31.205  -4.491 -0.024 2.830 17.356  
-6.876  32.847  12 BB_G16C17:G47C48_CC B 16 ? C 48 ? B 17 ? C 47 ? 
1 B C 16 1_555 C G 17 1_555 B A 17 1_555 C U 16 1_555 0.361  -1.717 3.295 -1.406  11.064 30.912  -4.783 -0.861 2.529 19.961  2.536 
32.816  13 BB_C17A18:U46G47_CC B 17 ? C 47 ? B 18 ? C 46 ? 
1 B A 17 1_555 C U 16 1_555 B G 18 1_555 C C 15 1_555 -0.088 -1.788 3.645 3.080   5.973  32.228  -4.243 0.715  3.248 10.616  
-5.474  32.903  14 BB_A18G19:C45U46_CC B 18 ? C 46 ? B 19 ? C 45 ? 
1 B G 18 1_555 C C 15 1_555 B A 19 1_555 C C 14 1_555 1.126  -1.359 3.347 -0.630  5.848  38.366  -2.753 -1.771 3.097 8.835   0.952 
38.798  15 BB_G19A20:C44C45_CC B 19 ? C 45 ? B 20 ? C 44 ? 
1 B A 19 1_555 C C 14 1_555 B G 20 1_555 C A 13 1_555 -0.638 -1.050 3.136 8.972   7.678  59.613  -1.385 1.035  2.880 7.642   
-8.930  60.665  16 BB_A20G21:A43C44_CC B 20 ? C 44 ? B 21 ? C 43 ? 
1 B G 20 1_555 C A 13 1_555 B A 21 1_555 C U 11 1_555 -2.298 -0.453 3.333 0.633   -2.239 10.845  1.108  12.866 3.220 -11.673 
-3.299  11.091  17 BB_G21A22:U41A43_CC B 21 ? C 43 ? B 22 ? C 41 ? 
1 B A 21 1_555 C U 11 1_555 B A 22 1_555 C A 10 1_555 -0.045 -2.373 3.522 -10.982 8.017  42.759  -3.859 -0.960 2.977 10.678  
14.626  44.772  18 BB_A22A23:A40U41_CC B 22 ? C 41 ? B 23 ? C 40 ? 
1 B A 22 1_555 C A 10 1_555 B A 23 1_555 C C 8  1_555 -0.224 -3.427 3.122 -1.476  -9.041 -64.542 3.518  -0.262 2.668 8.422   
-1.375  -65.119 19 BB_A23A24:C38A40_CC B 23 ? C 40 ? B 24 ? C 38 ? 
1 B A 23 1_555 C C 8  1_555 B C 24 1_555 A G 6  1_555 1.816  0.374  3.287 -3.252  3.423  109.310 0.187  -1.153 3.257 2.097   1.993 
109.379 20 BB_A24C25:G6C38_AC  B 24 ? C 38 ? B 25 ? A 6  ? 
1 B C 24 1_555 A G 6  1_555 B A 25 1_555 C G 6  1_555 0.374  -2.056 3.713 4.929   3.500  46.596  -2.903 -0.014 3.578 4.403   
-6.201  46.964  21 BB_C25A26:G36G6_CA  B 25 ? A 6  ? B 26 ? C 36 ? 
1 B A 25 1_555 C G 6  1_555 B C 26 1_555 C G 5  1_555 1.314  -0.646 2.845 -3.652  3.600  31.594  -1.717 -2.936 2.593 6.557   6.653 
31.997  22 BB_A26C27:G35G36_CC B 26 ? C 36 ? B 27 ? C 35 ? 
1 B C 26 1_555 C G 5  1_555 B A 27 1_555 C U 4  1_555 -0.181 -1.164 3.152 -2.119  6.248  33.640  -2.893 -0.004 2.901 10.668  3.618 
34.262  23 BB_C27A28:U34G35_CC B 27 ? C 35 ? B 28 ? C 34 ? 
1 B A 27 1_555 C U 4  1_555 B C 28 1_555 C G 3  1_555 0.464  -1.117 3.356 5.246   2.151  34.487  -2.194 0.041  3.315 3.597   
-8.776  34.936  24 BB_A28C29:G33U34_CC B 28 ? C 34 ? B 29 ? C 33 ? 
1 B C 28 1_555 C G 3  1_555 B G 29 1_555 C C 2  1_555 0.260  -1.767 3.161 -1.224  7.945  32.754  -4.214 -0.628 2.660 13.830  2.130 
33.700  25 BB_C29G30:C32G33_CC B 29 ? C 33 ? B 30 ? C 32 ? 
1 B G 29 1_555 C C 2  1_555 B A 30 1_555 C U 1  1_555 0.950  -1.867 2.973 5.637   3.664  33.117  -3.749 -0.811 2.874 6.347   
-9.764  33.774  26 BB_G30A31:U31C32_CC B 30 ? C 32 ? B 31 ? C 31 ? 
# 
loop_
_pdbx_entity_nonpoly.entity_id 
_pdbx_entity_nonpoly.name 
_pdbx_entity_nonpoly.comp_id 
4 'SULFATE ION'           SO4 
5 'COBALT HEXAMMINE(III)' NCO 
6 water                   HOH 
# 
_pdbx_initial_refinement_model.id               1 
_pdbx_initial_refinement_model.entity_id_list   ? 
_pdbx_initial_refinement_model.type             'experimental model' 
_pdbx_initial_refinement_model.source_name      PDB 
_pdbx_initial_refinement_model.accession_code   2P7F 
_pdbx_initial_refinement_model.details          ? 
# 
